data_8Y3U
#
_entry.id   8Y3U
#
_cell.length_a   1.00
_cell.length_b   1.00
_cell.length_c   1.00
_cell.angle_alpha   90.00
_cell.angle_beta   90.00
_cell.angle_gamma   90.00
#
_symmetry.space_group_name_H-M   'P 1'
#
loop_
_entity.id
_entity.type
_entity.pdbx_description
1 polymer '2G1 VH'
2 polymer '2G1 VL'
3 polymer 'Virion spike glycoprotein'
4 polymer SGP
5 branched alpha-D-mannopyranose-(1-3)-[alpha-D-mannopyranose-(1-6)]beta-D-mannopyranose-(1-4)-2-acetamido-2-deoxy-beta-D-glucopyranose-(1-4)-2-acetamido-2-deoxy-beta-D-glucopyranose
#
loop_
_entity_poly.entity_id
_entity_poly.type
_entity_poly.pdbx_seq_one_letter_code
_entity_poly.pdbx_strand_id
1 'polypeptide(L)'
;EVQLVESGGGLVKRGGSLRLSCVVSGYTFGGYSMHWVRQAPGKGLEWVSGISSSSYYKYYADSVKGRFTISRDNAKNSLY
LQMNSLRAEDTAVYYCARDMGYCSGGSCPNFDFWGQGTTVTVSS
;
A,E,I
2 'polypeptide(L)'
;IQMTQSPSSLSASVGDRVTITCRTSQSISNYLNWYQQIPGKAPKLLISTASNLHSGVSSRFSGSGSGTHFTLTISSLQPE
DFATYYCQQSYSTPSFGQGTKVEIK
;
B,F,J
3 'polypeptide(L)'
;VIVNAQPKCNPNLHYWTTQDEGAAIGLAWIPYFGPAAEGIYTEGLMHNQDGLICGLRQLANETTQALQLFLRATTELRTF
SILNRKAIDFLLQRWAA
;
C,G,K
4 'polypeptide(L)'
;SIPLGVIHNSTLQVSDVDKLVCRDKLSSTNQLRSVGLNLEGNGVATDVPSVTKRWGFRSGVPPKVVNYEAGEWAENCYNL
EIKKPDGSECLPAAPDGIRGFPRCRYVHKVSGTGPCAGDFAFHKEGAFFLYDRLASTVIYRGTTFAEGVVAFLILAA
;
D,H,L
#
loop_
_chem_comp.id
_chem_comp.type
_chem_comp.name
_chem_comp.formula
BMA D-saccharide, beta linking beta-D-mannopyranose 'C6 H12 O6'
MAN D-saccharide, alpha linking alpha-D-mannopyranose 'C6 H12 O6'
NAG D-saccharide, beta linking 2-acetamido-2-deoxy-beta-D-glucopyranose 'C8 H15 N O6'
#
# COMPACT_ATOMS: atom_id res chain seq x y z
N GLU A 1 -40.59 -11.19 -34.77
CA GLU A 1 -40.58 -12.51 -34.13
C GLU A 1 -39.16 -13.04 -33.98
N VAL A 2 -38.91 -13.78 -32.92
CA VAL A 2 -37.58 -14.30 -32.61
C VAL A 2 -37.34 -15.55 -33.47
N GLN A 3 -36.29 -15.52 -34.27
CA GLN A 3 -35.98 -16.61 -35.19
C GLN A 3 -34.52 -17.02 -35.02
N LEU A 4 -34.30 -18.27 -34.62
CA LEU A 4 -32.97 -18.86 -34.50
C LEU A 4 -32.85 -20.01 -35.49
N VAL A 5 -31.77 -20.01 -36.27
CA VAL A 5 -31.54 -21.00 -37.32
C VAL A 5 -30.17 -21.63 -37.11
N GLU A 6 -30.11 -22.96 -37.12
CA GLU A 6 -28.88 -23.70 -36.90
C GLU A 6 -28.37 -24.29 -38.21
N SER A 7 -27.05 -24.47 -38.28
CA SER A 7 -26.45 -25.07 -39.47
C SER A 7 -25.09 -25.62 -39.13
N GLY A 8 -24.58 -26.49 -40.00
CA GLY A 8 -23.24 -27.03 -39.90
C GLY A 8 -23.17 -28.54 -39.71
N GLY A 9 -24.25 -29.19 -39.29
CA GLY A 9 -24.21 -30.61 -39.04
C GLY A 9 -24.05 -31.42 -40.31
N GLY A 10 -23.59 -32.66 -40.14
CA GLY A 10 -23.39 -33.56 -41.25
C GLY A 10 -22.80 -34.91 -40.88
N LEU A 11 -22.03 -35.50 -41.78
CA LEU A 11 -21.40 -36.79 -41.57
C LEU A 11 -19.89 -36.65 -41.64
N VAL A 12 -19.19 -37.17 -40.63
CA VAL A 12 -17.75 -37.04 -40.53
C VAL A 12 -17.16 -38.37 -40.08
N LYS A 13 -15.86 -38.53 -40.29
CA LYS A 13 -15.14 -39.73 -39.90
C LYS A 13 -14.64 -39.60 -38.46
N ARG A 14 -14.02 -40.67 -37.97
CA ARG A 14 -13.50 -40.66 -36.61
C ARG A 14 -12.24 -39.82 -36.52
N GLY A 15 -12.09 -39.10 -35.41
CA GLY A 15 -10.93 -38.26 -35.19
C GLY A 15 -10.96 -36.93 -35.91
N GLY A 16 -12.06 -36.60 -36.57
CA GLY A 16 -12.17 -35.36 -37.32
C GLY A 16 -12.61 -34.19 -36.47
N SER A 17 -13.15 -33.18 -37.15
CA SER A 17 -13.58 -31.95 -36.49
C SER A 17 -14.75 -31.35 -37.25
N LEU A 18 -15.44 -30.43 -36.59
CA LEU A 18 -16.65 -29.83 -37.16
C LEU A 18 -16.86 -28.44 -36.59
N ARG A 19 -17.73 -27.68 -37.26
CA ARG A 19 -18.06 -26.32 -36.86
C ARG A 19 -19.55 -26.08 -37.06
N LEU A 20 -20.24 -25.74 -35.98
CA LEU A 20 -21.67 -25.46 -36.01
C LEU A 20 -21.92 -23.97 -35.80
N SER A 21 -22.96 -23.45 -36.44
CA SER A 21 -23.30 -22.05 -36.37
C SER A 21 -24.78 -21.89 -36.04
N CYS A 22 -25.08 -20.81 -35.32
CA CYS A 22 -26.44 -20.46 -34.93
C CYS A 22 -26.64 -18.97 -35.19
N VAL A 23 -27.67 -18.62 -35.96
CA VAL A 23 -27.91 -17.26 -36.42
C VAL A 23 -29.29 -16.83 -35.94
N VAL A 24 -29.36 -15.65 -35.33
CA VAL A 24 -30.57 -15.17 -34.68
C VAL A 24 -30.97 -13.83 -35.27
N SER A 25 -32.28 -13.65 -35.47
CA SER A 25 -32.84 -12.38 -35.91
C SER A 25 -34.15 -12.12 -35.20
N GLY A 26 -34.38 -10.86 -34.83
CA GLY A 26 -35.64 -10.49 -34.20
C GLY A 26 -35.52 -9.51 -33.04
N TYR A 27 -34.33 -9.36 -32.48
CA TYR A 27 -34.13 -8.50 -31.32
C TYR A 27 -32.66 -8.08 -31.27
N THR A 28 -32.27 -7.48 -30.15
CA THR A 28 -30.90 -6.97 -29.97
C THR A 28 -30.03 -8.10 -29.42
N PHE A 29 -29.15 -8.63 -30.26
CA PHE A 29 -28.32 -9.77 -29.88
C PHE A 29 -27.27 -9.42 -28.83
N GLY A 30 -26.92 -8.15 -28.69
CA GLY A 30 -25.77 -7.78 -27.89
C GLY A 30 -25.98 -7.79 -26.39
N GLY A 31 -27.22 -7.93 -25.92
CA GLY A 31 -27.50 -7.88 -24.49
C GLY A 31 -27.78 -9.20 -23.82
N TYR A 32 -27.48 -10.34 -24.45
CA TYR A 32 -27.87 -11.63 -23.92
C TYR A 32 -26.76 -12.65 -24.15
N SER A 33 -26.84 -13.75 -23.41
CA SER A 33 -25.91 -14.86 -23.49
C SER A 33 -26.56 -16.06 -24.17
N MET A 34 -25.72 -16.88 -24.81
CA MET A 34 -26.15 -18.04 -25.56
C MET A 34 -25.77 -19.32 -24.83
N HIS A 35 -26.41 -20.43 -25.19
CA HIS A 35 -26.04 -21.74 -24.66
C HIS A 35 -26.27 -22.81 -25.70
N TRP A 36 -25.62 -23.96 -25.53
CA TRP A 36 -25.76 -25.11 -26.39
C TRP A 36 -26.31 -26.29 -25.60
N VAL A 37 -27.21 -27.07 -26.23
CA VAL A 37 -27.74 -28.30 -25.64
C VAL A 37 -27.72 -29.36 -26.73
N ARG A 38 -27.66 -30.63 -26.32
CA ARG A 38 -27.66 -31.73 -27.28
C ARG A 38 -28.53 -32.87 -26.75
N GLN A 39 -28.95 -33.73 -27.68
CA GLN A 39 -29.75 -34.90 -27.35
C GLN A 39 -29.42 -36.01 -28.33
N ALA A 40 -29.03 -37.17 -27.82
CA ALA A 40 -28.69 -38.30 -28.68
C ALA A 40 -29.94 -39.11 -29.03
N PRO A 41 -29.93 -39.82 -30.15
CA PRO A 41 -31.15 -40.51 -30.61
C PRO A 41 -31.67 -41.51 -29.58
N GLY A 42 -32.89 -41.26 -29.11
CA GLY A 42 -33.52 -42.10 -28.12
C GLY A 42 -33.12 -41.82 -26.68
N LYS A 43 -32.24 -40.85 -26.46
CA LYS A 43 -31.75 -40.51 -25.12
C LYS A 43 -32.30 -39.14 -24.70
N GLY A 44 -31.85 -38.66 -23.54
CA GLY A 44 -32.30 -37.41 -22.99
C GLY A 44 -31.44 -36.23 -23.41
N LEU A 45 -31.71 -35.09 -22.78
CA LEU A 45 -31.05 -33.83 -23.12
C LEU A 45 -29.84 -33.59 -22.24
N GLU A 46 -28.77 -33.06 -22.83
CA GLU A 46 -27.50 -32.87 -22.16
C GLU A 46 -26.98 -31.46 -22.41
N TRP A 47 -26.61 -30.75 -21.33
CA TRP A 47 -26.03 -29.42 -21.41
C TRP A 47 -24.55 -29.51 -21.75
N VAL A 48 -24.08 -28.59 -22.60
CA VAL A 48 -22.70 -28.62 -23.08
C VAL A 48 -21.91 -27.39 -22.62
N SER A 49 -22.31 -26.20 -23.08
CA SER A 49 -21.51 -25.01 -22.83
C SER A 49 -22.31 -23.75 -23.11
N GLY A 50 -21.67 -22.61 -22.87
CA GLY A 50 -22.28 -21.31 -23.08
C GLY A 50 -21.26 -20.21 -22.97
N ILE A 51 -21.67 -19.00 -23.37
CA ILE A 51 -20.82 -17.83 -23.38
C ILE A 51 -21.57 -16.69 -22.71
N SER A 52 -20.89 -15.55 -22.54
CA SER A 52 -21.45 -14.38 -21.90
C SER A 52 -21.68 -13.27 -22.93
N SER A 53 -22.21 -12.14 -22.45
CA SER A 53 -22.63 -11.06 -23.34
C SER A 53 -21.44 -10.37 -23.99
N SER A 54 -20.31 -10.29 -23.28
CA SER A 54 -19.14 -9.57 -23.76
C SER A 54 -17.95 -10.50 -24.00
N SER A 55 -18.18 -11.81 -24.08
CA SER A 55 -17.13 -12.80 -24.32
C SER A 55 -16.06 -12.78 -23.24
N TYR A 56 -16.45 -12.51 -22.00
CA TYR A 56 -15.50 -12.48 -20.90
C TYR A 56 -15.50 -13.74 -20.05
N TYR A 57 -16.64 -14.40 -19.89
CA TYR A 57 -16.74 -15.65 -19.15
C TYR A 57 -17.12 -16.76 -20.12
N LYS A 58 -16.45 -17.91 -20.00
CA LYS A 58 -16.75 -19.09 -20.80
C LYS A 58 -16.82 -20.31 -19.89
N TYR A 59 -17.71 -21.24 -20.24
CA TYR A 59 -17.94 -22.44 -19.43
C TYR A 59 -17.92 -23.67 -20.32
N TYR A 60 -17.43 -24.78 -19.76
CA TYR A 60 -17.32 -26.03 -20.49
C TYR A 60 -17.71 -27.20 -19.60
N ALA A 61 -18.05 -28.31 -20.23
CA ALA A 61 -18.48 -29.51 -19.54
C ALA A 61 -17.32 -30.48 -19.37
N ASP A 62 -17.37 -31.25 -18.28
CA ASP A 62 -16.28 -32.18 -17.97
C ASP A 62 -16.12 -33.24 -19.05
N SER A 63 -17.22 -33.69 -19.63
CA SER A 63 -17.17 -34.71 -20.67
C SER A 63 -16.61 -34.18 -21.98
N VAL A 64 -16.41 -32.86 -22.08
CA VAL A 64 -16.04 -32.23 -23.35
C VAL A 64 -14.81 -31.35 -23.14
N LYS A 65 -14.51 -31.04 -21.88
CA LYS A 65 -13.46 -30.09 -21.55
C LYS A 65 -12.14 -30.45 -22.22
N GLY A 66 -11.54 -29.47 -22.90
CA GLY A 66 -10.31 -29.67 -23.63
C GLY A 66 -10.48 -30.04 -25.08
N ARG A 67 -11.71 -30.09 -25.59
CA ARG A 67 -11.96 -30.50 -26.97
C ARG A 67 -12.77 -29.50 -27.79
N PHE A 68 -13.66 -28.73 -27.18
CA PHE A 68 -14.54 -27.83 -27.90
C PHE A 68 -14.17 -26.37 -27.64
N THR A 69 -14.65 -25.48 -28.50
CA THR A 69 -14.37 -24.05 -28.38
C THR A 69 -15.57 -23.24 -28.85
N ILE A 70 -16.05 -22.33 -28.01
CA ILE A 70 -17.25 -21.55 -28.28
C ILE A 70 -16.86 -20.09 -28.52
N SER A 71 -17.55 -19.44 -29.45
CA SER A 71 -17.28 -18.03 -29.74
C SER A 71 -18.54 -17.39 -30.31
N ARG A 72 -18.53 -16.05 -30.32
CA ARG A 72 -19.70 -15.30 -30.76
C ARG A 72 -19.24 -14.05 -31.52
N ASP A 73 -20.16 -13.50 -32.30
CA ASP A 73 -19.92 -12.27 -33.06
C ASP A 73 -21.17 -11.39 -32.95
N ASN A 74 -21.01 -10.22 -32.34
CA ASN A 74 -22.14 -9.32 -32.15
C ASN A 74 -22.53 -8.61 -33.44
N ALA A 75 -21.54 -8.21 -34.24
CA ALA A 75 -21.82 -7.44 -35.45
C ALA A 75 -22.65 -8.24 -36.44
N LYS A 76 -22.33 -9.52 -36.63
CA LYS A 76 -23.05 -10.37 -37.57
C LYS A 76 -24.18 -11.16 -36.91
N ASN A 77 -24.35 -11.01 -35.59
CA ASN A 77 -25.36 -11.76 -34.84
C ASN A 77 -25.20 -13.26 -35.04
N SER A 78 -23.98 -13.75 -34.77
CA SER A 78 -23.67 -15.15 -35.05
C SER A 78 -23.07 -15.81 -33.82
N LEU A 79 -23.29 -17.12 -33.71
CA LEU A 79 -22.70 -17.95 -32.66
C LEU A 79 -22.04 -19.16 -33.30
N TYR A 80 -20.84 -19.51 -32.83
CA TYR A 80 -20.08 -20.59 -33.43
C TYR A 80 -19.57 -21.53 -32.34
N LEU A 81 -19.56 -22.83 -32.69
CA LEU A 81 -18.99 -23.87 -31.83
C LEU A 81 -18.09 -24.75 -32.68
N GLN A 82 -16.88 -25.01 -32.19
CA GLN A 82 -15.89 -25.83 -32.88
C GLN A 82 -15.68 -27.10 -32.06
N MET A 83 -15.85 -28.26 -32.72
CA MET A 83 -15.73 -29.56 -32.08
C MET A 83 -14.51 -30.28 -32.65
N ASN A 84 -13.66 -30.79 -31.76
CA ASN A 84 -12.43 -31.47 -32.15
C ASN A 84 -12.32 -32.80 -31.41
N SER A 85 -11.65 -33.75 -32.05
CA SER A 85 -11.42 -35.09 -31.50
C SER A 85 -12.74 -35.78 -31.17
N LEU A 86 -13.54 -36.00 -32.21
CA LEU A 86 -14.87 -36.56 -32.04
C LEU A 86 -14.81 -38.07 -31.86
N ARG A 87 -15.26 -38.54 -30.70
CA ARG A 87 -15.40 -39.97 -30.45
C ARG A 87 -16.71 -40.46 -31.07
N ALA A 88 -17.10 -41.69 -30.75
CA ALA A 88 -18.32 -42.25 -31.33
C ALA A 88 -19.58 -41.81 -30.60
N GLU A 89 -19.45 -41.32 -29.36
CA GLU A 89 -20.59 -40.91 -28.56
C GLU A 89 -21.19 -39.59 -29.00
N ASP A 90 -20.48 -38.80 -29.82
CA ASP A 90 -20.87 -37.45 -30.14
C ASP A 90 -21.83 -37.36 -31.32
N THR A 91 -22.61 -38.40 -31.59
CA THR A 91 -23.66 -38.38 -32.60
C THR A 91 -24.98 -38.03 -31.92
N ALA A 92 -25.57 -36.91 -32.32
CA ALA A 92 -26.75 -36.39 -31.63
C ALA A 92 -27.39 -35.30 -32.48
N VAL A 93 -28.34 -34.59 -31.88
CA VAL A 93 -28.94 -33.38 -32.44
C VAL A 93 -28.69 -32.24 -31.46
N TYR A 94 -28.31 -31.08 -31.99
CA TYR A 94 -27.86 -29.95 -31.18
C TYR A 94 -28.81 -28.75 -31.36
N TYR A 95 -29.11 -28.08 -30.26
CA TYR A 95 -29.89 -26.86 -30.22
C TYR A 95 -29.09 -25.72 -29.62
N CYS A 96 -29.32 -24.51 -30.12
CA CYS A 96 -28.81 -23.29 -29.51
C CYS A 96 -29.98 -22.58 -28.82
N ALA A 97 -29.76 -22.11 -27.60
CA ALA A 97 -30.83 -21.56 -26.79
C ALA A 97 -30.43 -20.23 -26.17
N ARG A 98 -31.43 -19.37 -25.99
CA ARG A 98 -31.28 -18.08 -25.31
C ARG A 98 -31.83 -18.19 -23.89
N ASP A 99 -31.23 -17.41 -22.98
CA ASP A 99 -31.63 -17.44 -21.58
C ASP A 99 -31.91 -16.03 -21.09
N MET A 100 -32.73 -15.96 -20.03
CA MET A 100 -32.99 -14.71 -19.35
C MET A 100 -31.88 -14.42 -18.35
N GLY A 101 -31.34 -13.21 -18.39
CA GLY A 101 -30.16 -12.88 -17.59
C GLY A 101 -30.46 -12.51 -16.14
N TYR A 102 -30.79 -13.50 -15.32
CA TYR A 102 -31.02 -13.27 -13.90
C TYR A 102 -29.74 -13.17 -13.09
N CYS A 103 -28.59 -13.52 -13.67
CA CYS A 103 -27.31 -13.49 -12.98
C CYS A 103 -26.34 -12.60 -13.76
N SER A 104 -25.17 -12.37 -13.15
CA SER A 104 -24.26 -11.33 -13.66
C SER A 104 -23.58 -11.71 -14.96
N GLY A 105 -23.14 -12.95 -15.11
CA GLY A 105 -22.36 -13.31 -16.27
C GLY A 105 -22.98 -14.37 -17.16
N GLY A 106 -24.11 -14.92 -16.72
CA GLY A 106 -24.74 -16.02 -17.45
C GLY A 106 -24.44 -17.35 -16.80
N SER A 107 -24.53 -17.41 -15.47
CA SER A 107 -24.16 -18.58 -14.71
C SER A 107 -25.36 -19.31 -14.10
N CYS A 108 -26.57 -18.83 -14.32
CA CYS A 108 -27.79 -19.42 -13.79
C CYS A 108 -28.88 -19.41 -14.87
N PRO A 109 -28.70 -20.19 -15.93
CA PRO A 109 -29.53 -20.01 -17.13
C PRO A 109 -30.93 -20.57 -16.97
N ASN A 110 -31.90 -19.87 -17.56
CA ASN A 110 -33.31 -20.29 -17.64
C ASN A 110 -33.70 -20.14 -19.11
N PHE A 111 -33.49 -21.20 -19.90
CA PHE A 111 -33.76 -21.14 -21.33
C PHE A 111 -35.23 -20.83 -21.59
N ASP A 112 -35.49 -19.94 -22.55
CA ASP A 112 -36.86 -19.58 -22.88
C ASP A 112 -37.11 -19.63 -24.39
N PHE A 113 -36.06 -19.43 -25.19
CA PHE A 113 -36.15 -19.42 -26.64
C PHE A 113 -35.20 -20.46 -27.20
N TRP A 114 -35.74 -21.37 -28.02
CA TRP A 114 -34.97 -22.43 -28.65
C TRP A 114 -35.01 -22.27 -30.17
N GLY A 115 -34.20 -23.08 -30.83
CA GLY A 115 -34.13 -23.16 -32.28
C GLY A 115 -34.76 -24.42 -32.81
N GLN A 116 -34.17 -24.96 -33.87
CA GLN A 116 -34.64 -26.20 -34.49
C GLN A 116 -33.65 -27.35 -34.37
N GLY A 117 -32.36 -27.05 -34.24
CA GLY A 117 -31.37 -28.07 -34.04
C GLY A 117 -30.86 -28.65 -35.36
N THR A 118 -29.64 -29.21 -35.30
CA THR A 118 -29.04 -29.86 -36.45
C THR A 118 -28.44 -31.19 -35.99
N THR A 119 -28.37 -32.14 -36.92
CA THR A 119 -27.99 -33.51 -36.60
C THR A 119 -26.56 -33.77 -37.04
N VAL A 120 -25.78 -34.42 -36.16
CA VAL A 120 -24.40 -34.81 -36.45
C VAL A 120 -24.24 -36.29 -36.17
N THR A 121 -23.74 -37.02 -37.15
CA THR A 121 -23.50 -38.45 -37.04
C THR A 121 -22.04 -38.75 -37.34
N VAL A 122 -21.41 -39.55 -36.49
CA VAL A 122 -20.03 -39.97 -36.67
C VAL A 122 -19.98 -41.49 -36.67
N SER A 123 -19.47 -42.07 -37.75
CA SER A 123 -19.32 -43.52 -37.90
C SER A 123 -18.60 -43.84 -39.20
N SER A 124 -18.34 -45.11 -39.46
CA SER A 124 -17.73 -45.53 -40.71
C SER A 124 -18.79 -45.81 -41.77
N ILE B 1 -26.04 -33.55 -9.38
CA ILE B 1 -27.31 -33.75 -8.71
C ILE B 1 -28.20 -34.66 -9.57
N GLN B 2 -28.67 -35.75 -8.97
CA GLN B 2 -29.50 -36.71 -9.68
C GLN B 2 -30.96 -36.28 -9.69
N MET B 3 -31.64 -36.60 -10.79
CA MET B 3 -33.03 -36.24 -11.00
C MET B 3 -33.87 -37.50 -11.03
N THR B 4 -35.01 -37.48 -10.34
CA THR B 4 -35.93 -38.62 -10.34
C THR B 4 -37.35 -38.14 -10.63
N GLN B 5 -38.02 -38.84 -11.54
CA GLN B 5 -39.40 -38.55 -11.91
C GLN B 5 -40.25 -39.80 -11.76
N SER B 6 -41.53 -39.60 -11.46
CA SER B 6 -42.44 -40.72 -11.26
C SER B 6 -43.86 -40.23 -11.45
N PRO B 7 -44.71 -40.98 -12.17
CA PRO B 7 -44.43 -42.25 -12.88
C PRO B 7 -43.69 -42.03 -14.20
N SER B 8 -42.97 -43.04 -14.68
CA SER B 8 -42.23 -42.90 -15.92
C SER B 8 -43.16 -42.82 -17.12
N SER B 9 -44.24 -43.60 -17.12
CA SER B 9 -45.20 -43.59 -18.22
C SER B 9 -46.61 -43.62 -17.66
N LEU B 10 -47.55 -43.12 -18.44
CA LEU B 10 -48.93 -42.98 -17.99
C LEU B 10 -49.83 -42.82 -19.21
N SER B 11 -51.06 -43.31 -19.08
CA SER B 11 -52.06 -43.17 -20.13
C SER B 11 -53.41 -42.89 -19.51
N ALA B 12 -54.13 -41.92 -20.07
CA ALA B 12 -55.43 -41.51 -19.54
C ALA B 12 -56.24 -40.87 -20.66
N SER B 13 -57.48 -40.55 -20.36
CA SER B 13 -58.43 -40.04 -21.34
C SER B 13 -58.63 -38.53 -21.17
N VAL B 14 -59.24 -37.92 -22.18
CA VAL B 14 -59.52 -36.50 -22.16
C VAL B 14 -60.52 -36.20 -21.05
N GLY B 15 -60.23 -35.18 -20.25
CA GLY B 15 -61.06 -34.82 -19.12
C GLY B 15 -60.52 -35.24 -17.77
N ASP B 16 -59.31 -35.79 -17.72
CA ASP B 16 -58.70 -36.28 -16.49
C ASP B 16 -57.51 -35.41 -16.10
N ARG B 17 -57.35 -35.23 -14.79
CA ARG B 17 -56.23 -34.47 -14.25
C ARG B 17 -54.95 -35.31 -14.30
N VAL B 18 -53.82 -34.63 -14.49
CA VAL B 18 -52.52 -35.27 -14.53
C VAL B 18 -51.61 -34.59 -13.50
N THR B 19 -50.85 -35.40 -12.77
CA THR B 19 -49.94 -34.91 -11.73
C THR B 19 -48.60 -35.63 -11.87
N ILE B 20 -47.51 -34.85 -11.92
CA ILE B 20 -46.17 -35.39 -12.09
C ILE B 20 -45.27 -34.80 -11.01
N THR B 21 -44.28 -35.57 -10.58
CA THR B 21 -43.38 -35.17 -9.51
C THR B 21 -41.93 -35.30 -9.95
N CYS B 22 -41.10 -34.39 -9.43
CA CYS B 22 -39.65 -34.37 -9.64
C CYS B 22 -38.97 -34.24 -8.29
N ARG B 23 -37.87 -35.00 -8.13
CA ARG B 23 -37.14 -35.08 -6.87
C ARG B 23 -35.65 -35.00 -7.14
N THR B 24 -34.93 -34.40 -6.19
CA THR B 24 -33.50 -34.13 -6.29
C THR B 24 -32.77 -34.77 -5.10
N SER B 25 -31.46 -34.87 -5.23
CA SER B 25 -30.61 -35.44 -4.18
C SER B 25 -30.09 -34.42 -3.19
N GLN B 26 -30.44 -33.14 -3.36
CA GLN B 26 -29.99 -32.08 -2.46
C GLN B 26 -31.11 -31.07 -2.28
N SER B 27 -30.81 -29.97 -1.59
CA SER B 27 -31.72 -28.85 -1.46
C SER B 27 -31.27 -27.74 -2.40
N ILE B 28 -32.17 -27.31 -3.28
CA ILE B 28 -31.83 -26.29 -4.28
C ILE B 28 -32.81 -25.13 -4.20
N SER B 29 -33.42 -24.94 -3.03
CA SER B 29 -34.41 -23.89 -2.80
C SER B 29 -35.55 -23.97 -3.82
N ASN B 30 -35.60 -23.01 -4.76
CA ASN B 30 -36.68 -22.99 -5.73
C ASN B 30 -36.19 -22.66 -7.15
N TYR B 31 -35.03 -23.16 -7.53
CA TYR B 31 -34.47 -22.95 -8.87
C TYR B 31 -34.78 -24.16 -9.74
N LEU B 32 -36.06 -24.33 -10.08
CA LEU B 32 -36.49 -25.43 -10.94
C LEU B 32 -37.37 -24.91 -12.07
N ASN B 33 -37.15 -25.47 -13.26
CA ASN B 33 -37.91 -25.13 -14.46
C ASN B 33 -38.57 -26.38 -15.02
N TRP B 34 -39.73 -26.18 -15.65
CA TRP B 34 -40.48 -27.25 -16.30
C TRP B 34 -40.54 -27.04 -17.80
N TYR B 35 -40.44 -28.12 -18.56
CA TYR B 35 -40.43 -28.07 -20.02
C TYR B 35 -41.35 -29.12 -20.60
N GLN B 36 -41.83 -28.87 -21.81
CA GLN B 36 -42.65 -29.82 -22.57
C GLN B 36 -42.12 -29.93 -23.99
N GLN B 37 -42.00 -31.15 -24.49
CA GLN B 37 -41.60 -31.39 -25.87
C GLN B 37 -42.57 -32.34 -26.54
N ILE B 38 -43.01 -31.96 -27.74
CA ILE B 38 -43.84 -32.80 -28.61
C ILE B 38 -42.89 -33.44 -29.63
N PRO B 39 -43.12 -34.69 -30.03
CA PRO B 39 -42.23 -35.32 -31.01
C PRO B 39 -42.17 -34.54 -32.31
N GLY B 40 -40.95 -34.43 -32.85
CA GLY B 40 -40.72 -33.70 -34.08
C GLY B 40 -40.50 -32.22 -33.93
N LYS B 41 -40.53 -31.69 -32.70
CA LYS B 41 -40.38 -30.26 -32.47
C LYS B 41 -39.44 -30.03 -31.30
N ALA B 42 -38.91 -28.82 -31.23
CA ALA B 42 -38.00 -28.41 -30.17
C ALA B 42 -38.77 -28.15 -28.88
N PRO B 43 -38.10 -28.22 -27.73
CA PRO B 43 -38.79 -28.01 -26.45
C PRO B 43 -39.35 -26.60 -26.33
N LYS B 44 -40.21 -26.43 -25.33
CA LYS B 44 -40.89 -25.18 -25.08
C LYS B 44 -40.95 -24.92 -23.59
N LEU B 45 -40.80 -23.66 -23.20
CA LEU B 45 -40.74 -23.32 -21.78
C LEU B 45 -42.13 -23.40 -21.16
N LEU B 46 -42.13 -23.61 -19.85
CA LEU B 46 -43.33 -23.70 -19.03
C LEU B 46 -43.03 -22.91 -17.76
N ILE B 47 -43.77 -23.18 -16.69
CA ILE B 47 -43.61 -22.47 -15.43
C ILE B 47 -42.13 -22.34 -15.07
N SER B 48 -41.75 -21.17 -14.54
CA SER B 48 -40.39 -20.88 -14.15
C SER B 48 -40.35 -20.53 -12.67
N THR B 49 -39.17 -20.64 -12.07
CA THR B 49 -38.97 -20.36 -10.64
C THR B 49 -39.75 -21.37 -9.77
N ALA B 50 -40.42 -22.32 -10.42
CA ALA B 50 -41.26 -23.40 -9.90
C ALA B 50 -42.67 -22.93 -9.56
N SER B 51 -43.01 -21.65 -9.72
CA SER B 51 -44.38 -21.21 -9.52
C SER B 51 -44.85 -20.13 -10.49
N ASN B 52 -44.04 -19.72 -11.47
CA ASN B 52 -44.33 -18.54 -12.27
C ASN B 52 -44.70 -18.96 -13.69
N LEU B 53 -45.95 -18.75 -14.06
CA LEU B 53 -46.41 -19.04 -15.42
C LEU B 53 -45.74 -18.12 -16.43
N HIS B 54 -45.51 -18.66 -17.63
CA HIS B 54 -44.91 -17.89 -18.72
C HIS B 54 -46.00 -17.04 -19.38
N SER B 55 -45.66 -16.42 -20.51
CA SER B 55 -46.60 -15.61 -21.27
C SER B 55 -46.92 -16.31 -22.58
N GLY B 56 -48.20 -16.59 -22.80
CA GLY B 56 -48.66 -17.31 -23.96
C GLY B 56 -49.04 -18.75 -23.72
N VAL B 57 -48.97 -19.22 -22.48
CA VAL B 57 -49.35 -20.59 -22.12
C VAL B 57 -50.70 -20.55 -21.44
N SER B 58 -51.53 -21.55 -21.71
CA SER B 58 -52.88 -21.59 -21.14
C SER B 58 -52.81 -21.77 -19.62
N SER B 59 -53.86 -21.28 -18.96
CA SER B 59 -53.89 -21.27 -17.50
C SER B 59 -54.09 -22.66 -16.90
N ARG B 60 -54.28 -23.70 -17.71
CA ARG B 60 -54.50 -25.03 -17.16
C ARG B 60 -53.30 -25.53 -16.39
N PHE B 61 -52.09 -25.31 -16.91
CA PHE B 61 -50.88 -25.79 -16.27
C PHE B 61 -50.63 -25.05 -14.95
N SER B 62 -50.18 -25.78 -13.94
CA SER B 62 -49.77 -25.12 -12.70
C SER B 62 -48.79 -26.03 -11.96
N GLY B 63 -47.76 -25.43 -11.38
CA GLY B 63 -46.78 -26.19 -10.64
C GLY B 63 -46.52 -25.56 -9.28
N SER B 64 -45.98 -26.38 -8.38
CA SER B 64 -45.72 -25.93 -7.01
C SER B 64 -44.69 -26.87 -6.38
N GLY B 65 -44.51 -26.74 -5.08
CA GLY B 65 -43.52 -27.49 -4.35
C GLY B 65 -42.31 -26.64 -3.98
N SER B 66 -41.40 -27.27 -3.24
CA SER B 66 -40.20 -26.60 -2.74
C SER B 66 -39.27 -27.65 -2.16
N GLY B 67 -38.13 -27.19 -1.66
CA GLY B 67 -37.18 -28.05 -0.99
C GLY B 67 -36.65 -29.16 -1.89
N THR B 68 -37.09 -30.39 -1.61
CA THR B 68 -36.69 -31.55 -2.38
C THR B 68 -37.85 -32.20 -3.14
N HIS B 69 -38.99 -31.52 -3.26
CA HIS B 69 -40.19 -32.10 -3.84
C HIS B 69 -40.88 -31.06 -4.70
N PHE B 70 -40.99 -31.32 -6.01
CA PHE B 70 -41.61 -30.36 -6.91
C PHE B 70 -42.64 -31.08 -7.77
N THR B 71 -43.77 -30.42 -8.04
CA THR B 71 -44.86 -31.07 -8.74
C THR B 71 -45.44 -30.17 -9.82
N LEU B 72 -45.91 -30.82 -10.89
CA LEU B 72 -46.60 -30.18 -12.00
C LEU B 72 -47.98 -30.81 -12.17
N THR B 73 -48.95 -30.01 -12.60
CA THR B 73 -50.34 -30.43 -12.61
C THR B 73 -51.05 -29.85 -13.83
N ILE B 74 -51.80 -30.71 -14.53
CA ILE B 74 -52.73 -30.30 -15.57
C ILE B 74 -54.13 -30.64 -15.07
N SER B 75 -55.03 -29.65 -15.14
CA SER B 75 -56.37 -29.84 -14.59
C SER B 75 -57.30 -30.55 -15.56
N SER B 76 -57.18 -30.27 -16.86
CA SER B 76 -58.02 -30.89 -17.87
C SER B 76 -57.17 -31.29 -19.06
N LEU B 77 -57.30 -32.54 -19.50
CA LEU B 77 -56.54 -33.01 -20.64
C LEU B 77 -57.19 -32.59 -21.95
N GLN B 78 -56.37 -32.36 -22.96
CA GLN B 78 -56.77 -31.97 -24.29
C GLN B 78 -56.15 -32.93 -25.28
N PRO B 79 -56.81 -33.19 -26.43
CA PRO B 79 -56.26 -34.16 -27.38
C PRO B 79 -54.87 -33.83 -27.89
N GLU B 80 -54.46 -32.57 -27.87
CA GLU B 80 -53.14 -32.16 -28.35
C GLU B 80 -52.13 -31.94 -27.24
N ASP B 81 -52.44 -32.36 -26.00
CA ASP B 81 -51.52 -32.24 -24.88
C ASP B 81 -50.87 -33.57 -24.51
N PHE B 82 -50.56 -34.40 -25.50
CA PHE B 82 -49.85 -35.66 -25.28
C PHE B 82 -48.40 -35.45 -25.72
N ALA B 83 -47.50 -35.30 -24.76
CA ALA B 83 -46.11 -34.95 -25.03
C ALA B 83 -45.24 -35.57 -23.94
N THR B 84 -43.99 -35.10 -23.84
CA THR B 84 -43.11 -35.53 -22.77
C THR B 84 -42.65 -34.31 -21.97
N TYR B 85 -42.46 -34.52 -20.66
CA TYR B 85 -42.30 -33.45 -19.70
C TYR B 85 -40.96 -33.60 -18.97
N TYR B 86 -40.29 -32.47 -18.72
CA TYR B 86 -38.97 -32.47 -18.11
C TYR B 86 -38.89 -31.46 -16.98
N CYS B 87 -38.05 -31.76 -15.99
CA CYS B 87 -37.70 -30.85 -14.92
C CYS B 87 -36.20 -30.57 -14.94
N GLN B 88 -35.82 -29.33 -14.68
CA GLN B 88 -34.43 -28.91 -14.75
C GLN B 88 -34.09 -28.03 -13.56
N GLN B 89 -32.80 -28.01 -13.20
CA GLN B 89 -32.28 -27.20 -12.10
C GLN B 89 -31.11 -26.38 -12.57
N SER B 90 -30.82 -25.29 -11.85
CA SER B 90 -29.70 -24.41 -12.18
C SER B 90 -28.92 -23.97 -10.94
N TYR B 91 -29.09 -24.64 -9.80
CA TYR B 91 -28.34 -24.28 -8.60
C TYR B 91 -26.85 -24.49 -8.80
N SER B 92 -26.47 -25.58 -9.47
CA SER B 92 -25.09 -25.86 -9.82
C SER B 92 -25.09 -26.11 -11.32
N THR B 93 -24.02 -26.72 -11.82
CA THR B 93 -23.95 -27.11 -13.23
C THR B 93 -25.26 -27.75 -13.67
N PRO B 94 -25.81 -27.37 -14.82
CA PRO B 94 -27.17 -27.78 -15.18
C PRO B 94 -27.27 -29.27 -15.45
N SER B 95 -28.46 -29.81 -15.20
CA SER B 95 -28.73 -31.23 -15.42
C SER B 95 -30.23 -31.44 -15.52
N PHE B 96 -30.67 -32.04 -16.63
CA PHE B 96 -32.08 -32.32 -16.86
C PHE B 96 -32.48 -33.60 -16.14
N GLY B 97 -33.69 -34.08 -16.41
CA GLY B 97 -34.17 -35.36 -15.92
C GLY B 97 -34.15 -36.42 -17.00
N GLN B 98 -34.95 -37.46 -16.79
CA GLN B 98 -35.00 -38.58 -17.73
C GLN B 98 -36.23 -38.58 -18.62
N GLY B 99 -37.37 -38.10 -18.13
CA GLY B 99 -38.57 -38.02 -18.96
C GLY B 99 -39.80 -38.63 -18.35
N THR B 100 -40.96 -38.33 -18.95
CA THR B 100 -42.24 -38.89 -18.53
C THR B 100 -43.24 -38.66 -19.65
N LYS B 101 -43.98 -39.69 -20.01
CA LYS B 101 -44.85 -39.65 -21.19
C LYS B 101 -46.30 -39.91 -20.79
N VAL B 102 -47.21 -39.19 -21.44
CA VAL B 102 -48.64 -39.39 -21.27
C VAL B 102 -49.23 -39.85 -22.59
N GLU B 103 -50.17 -40.79 -22.52
CA GLU B 103 -50.78 -41.39 -23.70
C GLU B 103 -52.29 -41.47 -23.49
N ILE B 104 -52.96 -42.16 -24.40
CA ILE B 104 -54.40 -42.35 -24.35
C ILE B 104 -54.70 -43.82 -24.03
N LYS B 105 -55.89 -44.05 -23.49
CA LYS B 105 -56.33 -45.40 -23.17
C LYS B 105 -57.36 -45.89 -24.18
N VAL C 1 -20.22 -1.19 -28.38
CA VAL C 1 -20.04 -2.61 -28.14
C VAL C 1 -21.05 -3.09 -27.09
N ILE C 2 -21.23 -2.28 -26.05
CA ILE C 2 -22.17 -2.59 -24.97
C ILE C 2 -23.55 -2.11 -25.38
N VAL C 3 -24.56 -2.96 -25.21
CA VAL C 3 -25.95 -2.63 -25.45
C VAL C 3 -26.71 -2.83 -24.16
N ASN C 4 -27.45 -1.81 -23.74
CA ASN C 4 -28.18 -1.89 -22.48
C ASN C 4 -29.36 -2.85 -22.61
N ALA C 5 -29.68 -3.52 -21.49
CA ALA C 5 -30.79 -4.46 -21.47
C ALA C 5 -31.63 -4.38 -20.20
N GLN C 6 -31.64 -3.25 -19.50
CA GLN C 6 -32.53 -3.08 -18.36
C GLN C 6 -33.89 -2.57 -18.82
N PRO C 7 -34.94 -2.78 -18.02
CA PRO C 7 -36.25 -2.23 -18.39
C PRO C 7 -36.26 -0.72 -18.55
N LYS C 8 -35.52 0.00 -17.71
CA LYS C 8 -35.44 1.45 -17.78
C LYS C 8 -34.02 1.87 -17.41
N CYS C 9 -33.47 2.83 -18.16
CA CYS C 9 -32.18 3.42 -17.85
C CYS C 9 -32.33 4.93 -17.84
N ASN C 10 -31.93 5.56 -16.75
CA ASN C 10 -32.05 7.01 -16.63
C ASN C 10 -30.99 7.69 -17.48
N PRO C 11 -31.35 8.71 -18.27
CA PRO C 11 -30.37 9.37 -19.15
C PRO C 11 -29.69 10.59 -18.55
N ASN C 12 -29.90 10.91 -17.27
CA ASN C 12 -29.30 12.07 -16.65
C ASN C 12 -28.45 11.63 -15.46
N LEU C 13 -27.24 12.18 -15.36
CA LEU C 13 -26.29 11.82 -14.32
C LEU C 13 -26.02 13.04 -13.44
N HIS C 14 -26.48 12.97 -12.19
CA HIS C 14 -26.26 14.02 -11.20
C HIS C 14 -25.32 13.47 -10.13
N TYR C 15 -24.06 13.91 -10.16
CA TYR C 15 -22.98 13.29 -9.40
C TYR C 15 -22.38 14.27 -8.40
N TRP C 16 -21.32 13.82 -7.75
CA TRP C 16 -20.54 14.64 -6.82
C TRP C 16 -19.13 14.08 -6.75
N THR C 17 -18.20 14.91 -6.28
CA THR C 17 -16.82 14.46 -6.09
C THR C 17 -16.15 15.37 -5.06
N THR C 18 -14.83 15.23 -4.94
CA THR C 18 -14.03 16.04 -4.01
C THR C 18 -12.97 16.88 -4.71
N GLN C 19 -12.31 16.32 -5.73
CA GLN C 19 -11.26 16.99 -6.47
C GLN C 19 -10.09 17.37 -5.56
N ASP C 20 -9.21 18.26 -6.03
CA ASP C 20 -8.00 18.60 -5.30
C ASP C 20 -7.80 20.09 -5.05
N GLU C 21 -8.51 20.96 -5.77
CA GLU C 21 -8.55 22.41 -5.58
C GLU C 21 -7.23 23.11 -5.89
N GLY C 22 -6.18 22.37 -6.27
CA GLY C 22 -4.91 22.98 -6.68
C GLY C 22 -4.37 23.95 -5.64
N ALA C 23 -4.62 25.23 -5.85
CA ALA C 23 -4.23 26.29 -4.93
C ALA C 23 -5.47 27.01 -4.39
N ALA C 24 -5.35 27.53 -3.17
CA ALA C 24 -6.45 28.20 -2.50
C ALA C 24 -5.98 29.55 -1.98
N ILE C 25 -6.92 30.50 -1.90
CA ILE C 25 -6.63 31.84 -1.42
C ILE C 25 -7.31 32.02 -0.08
N GLY C 26 -6.74 32.90 0.74
CA GLY C 26 -7.22 33.09 2.10
C GLY C 26 -6.65 32.04 3.04
N LEU C 27 -7.34 31.89 4.17
CA LEU C 27 -6.93 30.96 5.22
C LEU C 27 -7.66 29.63 5.14
N ALA C 28 -8.09 29.23 3.94
CA ALA C 28 -8.97 28.07 3.81
C ALA C 28 -8.23 26.74 3.95
N TRP C 29 -6.98 26.68 3.50
CA TRP C 29 -6.26 25.41 3.52
C TRP C 29 -5.84 24.98 4.92
N ILE C 30 -5.77 25.91 5.87
CA ILE C 30 -5.42 25.54 7.24
C ILE C 30 -6.58 24.77 7.87
N PRO C 31 -6.34 23.59 8.45
CA PRO C 31 -7.44 22.83 9.06
C PRO C 31 -8.13 23.57 10.20
N TYR C 32 -7.50 24.58 10.79
CA TYR C 32 -8.17 25.35 11.83
C TYR C 32 -9.22 26.29 11.26
N PHE C 33 -9.03 26.75 10.03
CA PHE C 33 -9.93 27.72 9.40
C PHE C 33 -10.71 27.13 8.24
N GLY C 34 -10.65 25.81 8.03
CA GLY C 34 -11.25 25.21 6.87
C GLY C 34 -12.68 24.76 7.08
N PRO C 35 -13.24 24.07 6.08
CA PRO C 35 -14.65 23.64 6.16
C PRO C 35 -14.87 22.53 7.16
N ALA C 36 -16.12 22.06 7.26
CA ALA C 36 -16.46 20.95 8.13
C ALA C 36 -16.33 19.64 7.34
N ALA C 37 -16.83 18.55 7.92
CA ALA C 37 -16.75 17.25 7.25
C ALA C 37 -17.54 17.26 5.93
N GLU C 38 -18.71 17.87 5.92
CA GLU C 38 -19.49 18.07 4.71
C GLU C 38 -19.30 19.50 4.22
N GLY C 39 -18.93 19.65 2.95
CA GLY C 39 -18.61 20.95 2.41
C GLY C 39 -17.37 20.91 1.55
N ILE C 40 -16.82 19.71 1.35
CA ILE C 40 -15.63 19.51 0.55
C ILE C 40 -15.95 18.93 -0.82
N TYR C 41 -17.23 18.80 -1.15
CA TYR C 41 -17.68 18.16 -2.38
C TYR C 41 -18.03 19.20 -3.44
N THR C 42 -17.73 18.87 -4.69
CA THR C 42 -18.09 19.67 -5.85
C THR C 42 -19.03 18.87 -6.74
N GLU C 43 -20.06 19.56 -7.27
CA GLU C 43 -21.18 18.92 -7.94
C GLU C 43 -21.10 19.14 -9.45
N GLY C 44 -22.13 18.66 -10.13
CA GLY C 44 -22.21 18.79 -11.58
C GLY C 44 -23.43 18.08 -12.10
N LEU C 45 -23.56 18.07 -13.42
CA LEU C 45 -24.68 17.43 -14.08
C LEU C 45 -24.28 17.08 -15.51
N MET C 46 -24.68 15.90 -15.96
CA MET C 46 -24.34 15.42 -17.30
C MET C 46 -25.56 14.81 -17.97
N HIS C 47 -25.66 15.02 -19.28
CA HIS C 47 -26.78 14.55 -20.08
C HIS C 47 -26.36 13.35 -20.90
N ASN C 48 -27.35 12.64 -21.45
CA ASN C 48 -27.08 11.37 -22.12
C ASN C 48 -26.45 11.56 -23.48
N GLN C 49 -25.13 11.76 -23.52
CA GLN C 49 -24.42 11.69 -24.79
C GLN C 49 -24.64 10.30 -25.39
N ASP C 50 -24.68 10.23 -26.72
CA ASP C 50 -25.22 9.09 -27.44
C ASP C 50 -24.69 7.75 -26.91
N GLY C 51 -25.60 6.94 -26.36
CA GLY C 51 -25.26 5.62 -25.86
C GLY C 51 -24.10 5.57 -24.90
N LEU C 52 -23.98 6.58 -24.04
CA LEU C 52 -22.85 6.65 -23.11
C LEU C 52 -23.25 6.48 -21.65
N ILE C 53 -24.29 7.18 -21.19
CA ILE C 53 -24.68 7.02 -19.80
C ILE C 53 -25.33 5.66 -19.56
N CYS C 54 -26.24 5.24 -20.43
CA CYS C 54 -26.90 3.94 -20.26
C CYS C 54 -25.98 2.78 -20.57
N GLY C 55 -25.10 2.93 -21.57
CA GLY C 55 -24.12 1.90 -21.87
C GLY C 55 -23.07 1.79 -20.79
N LEU C 56 -23.08 2.75 -19.86
CA LEU C 56 -22.23 2.71 -18.69
C LEU C 56 -22.93 2.11 -17.48
N ARG C 57 -24.24 1.89 -17.55
CA ARG C 57 -24.98 1.25 -16.47
C ARG C 57 -24.99 -0.27 -16.60
N GLN C 58 -24.43 -0.81 -17.68
CA GLN C 58 -24.29 -2.25 -17.87
C GLN C 58 -22.88 -2.73 -17.54
N LEU C 59 -21.86 -1.95 -17.90
CA LEU C 59 -20.47 -2.32 -17.66
C LEU C 59 -20.21 -2.53 -16.17
N ALA C 60 -20.92 -1.78 -15.32
CA ALA C 60 -20.84 -2.04 -13.89
C ALA C 60 -21.49 -3.37 -13.54
N ASN C 61 -22.69 -3.61 -14.07
CA ASN C 61 -23.43 -4.82 -13.74
C ASN C 61 -22.66 -6.07 -14.12
N GLU C 62 -22.01 -6.07 -15.27
CA GLU C 62 -21.25 -7.23 -15.70
C GLU C 62 -20.05 -7.49 -14.79
N THR C 63 -19.50 -6.43 -14.18
CA THR C 63 -18.21 -6.56 -13.50
C THR C 63 -18.31 -7.34 -12.19
N THR C 64 -19.41 -7.16 -11.45
CA THR C 64 -19.41 -7.47 -10.01
C THR C 64 -18.88 -8.86 -9.72
N GLN C 65 -19.34 -9.88 -10.47
CA GLN C 65 -18.95 -11.26 -10.17
C GLN C 65 -17.44 -11.39 -10.09
N ALA C 66 -16.73 -10.93 -11.13
CA ALA C 66 -15.28 -11.06 -11.11
C ALA C 66 -14.69 -10.37 -9.89
N LEU C 67 -15.13 -9.14 -9.62
CA LEU C 67 -14.63 -8.43 -8.46
C LEU C 67 -14.80 -9.26 -7.20
N GLN C 68 -15.99 -9.83 -7.01
CA GLN C 68 -16.24 -10.59 -5.79
C GLN C 68 -15.25 -11.73 -5.66
N LEU C 69 -14.99 -12.44 -6.76
CA LEU C 69 -14.06 -13.56 -6.71
C LEU C 69 -12.69 -13.09 -6.26
N PHE C 70 -12.22 -11.95 -6.79
CA PHE C 70 -10.95 -11.40 -6.37
C PHE C 70 -10.92 -11.19 -4.87
N LEU C 71 -11.98 -10.59 -4.32
CA LEU C 71 -11.98 -10.26 -2.90
C LEU C 71 -11.97 -11.51 -2.04
N ARG C 72 -12.27 -12.67 -2.62
CA ARG C 72 -12.25 -13.91 -1.84
C ARG C 72 -10.82 -14.39 -1.63
N ALA C 73 -9.92 -14.09 -2.57
CA ALA C 73 -8.58 -14.66 -2.56
C ALA C 73 -7.54 -13.74 -1.92
N THR C 74 -7.92 -12.94 -0.93
CA THR C 74 -7.01 -11.97 -0.32
C THR C 74 -7.21 -11.95 1.18
N THR C 75 -6.18 -11.49 1.88
CA THR C 75 -6.19 -11.44 3.34
C THR C 75 -6.34 -10.03 3.90
N GLU C 76 -6.23 -9.00 3.07
CA GLU C 76 -6.31 -7.62 3.56
C GLU C 76 -7.74 -7.28 3.98
N LEU C 77 -7.84 -6.29 4.86
CA LEU C 77 -9.14 -5.81 5.33
C LEU C 77 -9.68 -4.67 4.47
N ARG C 78 -8.81 -3.77 4.03
CA ARG C 78 -9.18 -2.69 3.12
C ARG C 78 -8.19 -2.66 1.96
N THR C 79 -8.70 -2.44 0.75
CA THR C 79 -7.90 -2.48 -0.46
C THR C 79 -7.86 -1.10 -1.10
N PHE C 80 -6.65 -0.63 -1.42
CA PHE C 80 -6.46 0.67 -2.05
C PHE C 80 -5.56 0.64 -3.27
N SER C 81 -5.13 -0.53 -3.73
CA SER C 81 -4.04 -0.63 -4.69
C SER C 81 -4.41 -1.36 -5.97
N ILE C 82 -5.69 -1.33 -6.36
CA ILE C 82 -6.10 -1.99 -7.59
C ILE C 82 -5.59 -1.22 -8.81
N LEU C 83 -5.74 0.10 -8.80
CA LEU C 83 -5.38 0.90 -9.98
C LEU C 83 -3.87 1.00 -10.14
N ASN C 84 -3.13 1.05 -9.03
CA ASN C 84 -1.68 1.03 -9.11
C ASN C 84 -1.20 -0.27 -9.74
N ARG C 85 -1.79 -1.40 -9.35
CA ARG C 85 -1.44 -2.67 -9.98
C ARG C 85 -1.82 -2.69 -11.45
N LYS C 86 -2.97 -2.11 -11.80
CA LYS C 86 -3.34 -2.04 -13.21
C LYS C 86 -2.30 -1.27 -14.01
N ALA C 87 -1.82 -0.15 -13.48
CA ALA C 87 -0.78 0.62 -14.14
C ALA C 87 0.52 -0.19 -14.24
N ILE C 88 0.87 -0.91 -13.18
CA ILE C 88 2.12 -1.68 -13.17
C ILE C 88 2.08 -2.76 -14.24
N ASP C 89 0.96 -3.49 -14.35
CA ASP C 89 0.83 -4.48 -15.42
C ASP C 89 0.82 -3.85 -16.80
N PHE C 90 0.16 -2.69 -16.96
CA PHE C 90 0.20 -2.02 -18.25
C PHE C 90 1.62 -1.64 -18.63
N LEU C 91 2.43 -1.25 -17.64
CA LEU C 91 3.81 -0.89 -17.91
C LEU C 91 4.66 -2.13 -18.18
N LEU C 92 4.38 -3.24 -17.48
CA LEU C 92 5.19 -4.44 -17.62
C LEU C 92 4.91 -5.16 -18.94
N GLN C 93 3.67 -5.12 -19.41
CA GLN C 93 3.32 -5.86 -20.63
C GLN C 93 4.11 -5.34 -21.82
N ARG C 94 4.11 -4.03 -22.03
CA ARG C 94 4.82 -3.46 -23.18
C ARG C 94 6.32 -3.38 -22.94
N TRP C 95 6.74 -3.02 -21.73
CA TRP C 95 8.15 -2.76 -21.43
C TRP C 95 8.71 -3.96 -20.67
N ALA C 96 9.22 -4.93 -21.43
CA ALA C 96 9.86 -6.11 -20.85
C ALA C 96 10.68 -6.84 -21.91
N ALA C 97 11.30 -7.95 -21.53
CA ALA C 97 12.12 -8.75 -22.43
C ALA C 97 13.21 -7.92 -23.11
N SER D 1 -9.16 -10.71 -12.18
CA SER D 1 -9.70 -10.76 -13.54
C SER D 1 -10.65 -9.60 -13.80
N ILE D 2 -10.28 -8.42 -13.32
CA ILE D 2 -11.14 -7.24 -13.39
C ILE D 2 -11.09 -6.65 -14.80
N PRO D 3 -12.23 -6.47 -15.46
CA PRO D 3 -12.23 -5.78 -16.75
C PRO D 3 -12.47 -4.28 -16.61
N LEU D 4 -11.85 -3.52 -17.51
CA LEU D 4 -12.02 -2.08 -17.57
C LEU D 4 -12.45 -1.67 -18.97
N GLY D 5 -13.24 -0.60 -19.03
CA GLY D 5 -13.75 -0.07 -20.29
C GLY D 5 -13.10 1.27 -20.61
N VAL D 6 -12.69 1.42 -21.86
CA VAL D 6 -12.00 2.62 -22.33
C VAL D 6 -12.98 3.46 -23.13
N ILE D 7 -12.84 4.79 -23.04
CA ILE D 7 -13.78 5.71 -23.65
C ILE D 7 -13.09 6.45 -24.80
N HIS D 8 -13.60 6.24 -26.01
CA HIS D 8 -13.38 7.14 -27.13
C HIS D 8 -14.75 7.50 -27.70
N ASN D 9 -14.74 8.11 -28.88
CA ASN D 9 -15.98 8.64 -29.46
C ASN D 9 -16.98 7.54 -29.80
N SER D 10 -16.55 6.28 -29.78
CA SER D 10 -17.44 5.15 -29.98
C SER D 10 -18.00 4.61 -28.66
N THR D 11 -17.96 5.40 -27.59
CA THR D 11 -18.51 5.10 -26.28
C THR D 11 -17.74 3.99 -25.58
N LEU D 12 -18.39 3.27 -24.67
CA LEU D 12 -17.71 2.34 -23.78
C LEU D 12 -17.31 1.04 -24.46
N GLN D 13 -16.10 1.00 -25.03
CA GLN D 13 -15.54 -0.25 -25.51
C GLN D 13 -14.90 -1.01 -24.36
N VAL D 14 -15.22 -2.31 -24.25
CA VAL D 14 -14.68 -3.15 -23.18
C VAL D 14 -13.41 -3.87 -23.63
N SER D 15 -12.73 -3.35 -24.64
CA SER D 15 -11.53 -3.94 -25.24
C SER D 15 -10.61 -4.57 -24.20
N ASP D 16 -10.08 -5.75 -24.55
CA ASP D 16 -9.33 -6.62 -23.64
C ASP D 16 -8.30 -5.88 -22.79
N VAL D 17 -8.03 -6.41 -21.59
CA VAL D 17 -7.13 -5.76 -20.65
C VAL D 17 -5.76 -5.51 -21.25
N ASP D 18 -5.40 -6.28 -22.29
CA ASP D 18 -4.20 -5.95 -23.06
C ASP D 18 -4.43 -4.68 -23.88
N LYS D 19 -3.96 -3.55 -23.34
CA LYS D 19 -4.32 -2.24 -23.86
C LYS D 19 -3.56 -1.97 -25.15
N LEU D 20 -3.85 -2.76 -26.18
CA LEU D 20 -3.10 -2.78 -27.43
C LEU D 20 -3.76 -1.84 -28.43
N VAL D 21 -3.49 -1.94 -29.73
CA VAL D 21 -4.05 -1.14 -30.83
C VAL D 21 -3.41 0.25 -30.83
N CYS D 22 -2.10 0.28 -30.54
CA CYS D 22 -1.24 1.41 -30.88
C CYS D 22 -1.74 2.75 -30.33
N ARG D 23 -2.78 3.30 -30.95
CA ARG D 23 -3.28 4.62 -30.60
C ARG D 23 -4.00 4.63 -29.26
N ASP D 24 -3.27 4.32 -28.20
CA ASP D 24 -3.90 4.26 -26.88
C ASP D 24 -2.93 4.80 -25.82
N LYS D 25 -3.09 6.06 -25.46
CA LYS D 25 -2.10 6.78 -24.66
C LYS D 25 -2.58 6.91 -23.22
N LEU D 26 -1.76 6.46 -22.28
CA LEU D 26 -1.94 6.75 -20.87
C LEU D 26 -0.69 7.46 -20.37
N SER D 27 -0.88 8.58 -19.67
CA SER D 27 0.24 9.43 -19.32
C SER D 27 0.24 9.91 -17.87
N SER D 28 -0.72 9.50 -17.04
CA SER D 28 -0.75 9.93 -15.66
C SER D 28 -1.67 9.01 -14.88
N THR D 29 -1.52 9.04 -13.56
CA THR D 29 -2.34 8.23 -12.68
C THR D 29 -3.70 8.86 -12.38
N ASN D 30 -3.93 10.09 -12.82
CA ASN D 30 -5.22 10.74 -12.62
C ASN D 30 -6.25 10.34 -13.66
N GLN D 31 -5.83 9.68 -14.74
CA GLN D 31 -6.77 9.21 -15.75
C GLN D 31 -7.53 7.95 -15.32
N LEU D 32 -7.11 7.31 -14.24
CA LEU D 32 -7.77 6.11 -13.74
C LEU D 32 -8.81 6.52 -12.72
N ARG D 33 -10.05 6.03 -12.89
CA ARG D 33 -11.17 6.46 -12.08
C ARG D 33 -12.02 5.27 -11.68
N SER D 34 -12.71 5.41 -10.55
CA SER D 34 -13.63 4.39 -10.04
C SER D 34 -14.93 5.07 -9.63
N VAL D 35 -16.06 4.57 -10.13
CA VAL D 35 -17.35 5.21 -9.93
C VAL D 35 -18.37 4.18 -9.48
N GLY D 36 -19.24 4.58 -8.56
CA GLY D 36 -20.32 3.73 -8.08
C GLY D 36 -21.68 4.25 -8.55
N LEU D 37 -22.49 3.32 -9.05
CA LEU D 37 -23.80 3.64 -9.60
C LEU D 37 -24.89 2.91 -8.82
N ASN D 38 -26.03 3.56 -8.67
CA ASN D 38 -27.12 3.05 -7.85
C ASN D 38 -28.01 2.10 -8.64
N LEU D 39 -28.72 1.23 -7.91
CA LEU D 39 -29.65 0.30 -8.52
C LEU D 39 -31.01 0.89 -8.81
N GLU D 40 -31.43 1.92 -8.04
CA GLU D 40 -32.75 2.50 -8.23
C GLU D 40 -32.89 3.20 -9.57
N GLY D 41 -31.79 3.47 -10.26
CA GLY D 41 -31.85 4.07 -11.57
C GLY D 41 -32.15 3.12 -12.70
N ASN D 42 -32.29 1.83 -12.41
CA ASN D 42 -32.60 0.82 -13.41
C ASN D 42 -34.06 0.38 -13.38
N GLY D 43 -34.88 0.99 -12.53
CA GLY D 43 -36.28 0.63 -12.44
C GLY D 43 -36.63 -0.30 -11.29
N VAL D 44 -35.66 -0.61 -10.43
CA VAL D 44 -35.93 -1.51 -9.30
C VAL D 44 -36.87 -0.84 -8.31
N ALA D 45 -37.80 -1.61 -7.76
CA ALA D 45 -38.71 -1.08 -6.75
C ALA D 45 -37.94 -0.70 -5.50
N THR D 46 -38.33 0.42 -4.89
CA THR D 46 -37.60 1.00 -3.77
C THR D 46 -38.42 1.09 -2.49
N ASP D 47 -39.56 0.40 -2.41
CA ASP D 47 -40.37 0.47 -1.20
C ASP D 47 -39.76 -0.40 -0.11
N VAL D 48 -40.10 -0.08 1.15
CA VAL D 48 -39.43 -0.71 2.29
C VAL D 48 -39.65 -2.22 2.32
N PRO D 49 -40.89 -2.74 2.25
CA PRO D 49 -41.05 -4.21 2.24
C PRO D 49 -40.49 -4.90 1.00
N SER D 50 -40.21 -4.16 -0.06
CA SER D 50 -39.75 -4.75 -1.31
C SER D 50 -38.23 -4.74 -1.46
N VAL D 51 -37.49 -4.29 -0.44
CA VAL D 51 -36.03 -4.32 -0.49
C VAL D 51 -35.51 -5.17 0.65
N THR D 52 -36.29 -5.28 1.72
CA THR D 52 -35.91 -6.08 2.87
C THR D 52 -35.87 -7.57 2.55
N LYS D 53 -36.39 -7.98 1.39
CA LYS D 53 -36.40 -9.39 1.01
C LYS D 53 -35.07 -9.86 0.45
N ARG D 54 -34.17 -8.96 0.07
CA ARG D 54 -32.91 -9.35 -0.56
C ARG D 54 -31.73 -9.34 0.41
N TRP D 55 -31.99 -9.25 1.71
CA TRP D 55 -30.95 -9.24 2.72
C TRP D 55 -31.12 -10.44 3.63
N GLY D 56 -30.09 -11.26 3.73
CA GLY D 56 -30.19 -12.51 4.48
C GLY D 56 -28.96 -12.75 5.32
N PHE D 57 -29.19 -13.38 6.48
CA PHE D 57 -28.14 -13.61 7.46
C PHE D 57 -27.40 -14.92 7.18
N ARG D 58 -26.13 -14.96 7.59
CA ARG D 58 -25.32 -16.16 7.49
C ARG D 58 -24.19 -16.08 8.50
N SER D 59 -23.50 -17.20 8.68
CA SER D 59 -22.32 -17.27 9.54
C SER D 59 -21.28 -18.17 8.89
N GLY D 60 -20.02 -17.72 8.88
CA GLY D 60 -18.94 -18.53 8.34
C GLY D 60 -18.09 -17.86 7.29
N VAL D 61 -18.38 -16.60 6.96
CA VAL D 61 -17.62 -15.86 5.96
C VAL D 61 -17.23 -14.50 6.53
N PRO D 62 -16.00 -14.03 6.31
CA PRO D 62 -15.61 -12.70 6.81
C PRO D 62 -15.84 -11.63 5.76
N PRO D 63 -15.97 -10.37 6.18
CA PRO D 63 -16.26 -9.29 5.24
C PRO D 63 -15.02 -8.65 4.63
N LYS D 64 -15.25 -7.87 3.56
CA LYS D 64 -14.22 -7.14 2.84
C LYS D 64 -14.78 -5.82 2.36
N VAL D 65 -13.89 -4.82 2.17
CA VAL D 65 -14.29 -3.49 1.70
C VAL D 65 -13.34 -3.00 0.62
N VAL D 66 -13.83 -2.06 -0.20
CA VAL D 66 -13.06 -1.39 -1.24
C VAL D 66 -13.37 0.11 -1.19
N ASN D 67 -12.70 0.88 -2.03
CA ASN D 67 -12.74 2.34 -1.98
C ASN D 67 -13.35 2.93 -3.25
N TYR D 68 -13.82 4.18 -3.12
CA TYR D 68 -14.51 4.92 -4.16
C TYR D 68 -13.76 6.19 -4.51
N GLU D 69 -14.13 6.78 -5.65
CA GLU D 69 -13.73 8.15 -5.97
C GLU D 69 -14.92 9.08 -6.19
N ALA D 70 -15.90 8.68 -6.99
CA ALA D 70 -17.04 9.52 -7.35
C ALA D 70 -18.33 8.85 -6.91
N GLY D 71 -19.46 9.47 -7.27
CA GLY D 71 -20.74 8.96 -6.86
C GLY D 71 -21.87 9.48 -7.74
N GLU D 72 -23.06 9.55 -7.14
CA GLU D 72 -24.25 9.95 -7.87
C GLU D 72 -25.35 10.26 -6.85
N TRP D 73 -26.09 11.35 -7.09
CA TRP D 73 -27.16 11.74 -6.19
C TRP D 73 -28.21 10.65 -6.09
N ALA D 74 -28.67 10.40 -4.86
CA ALA D 74 -29.63 9.34 -4.58
C ALA D 74 -30.96 9.92 -4.11
N GLU D 75 -32.03 9.16 -4.32
CA GLU D 75 -33.36 9.55 -3.90
C GLU D 75 -33.80 8.88 -2.59
N ASN D 76 -33.40 7.64 -2.36
CA ASN D 76 -33.80 6.91 -1.16
C ASN D 76 -32.57 6.34 -0.48
N CYS D 77 -32.60 6.34 0.86
CA CYS D 77 -31.53 5.79 1.66
C CYS D 77 -32.15 5.07 2.85
N TYR D 78 -31.38 4.14 3.44
CA TYR D 78 -31.88 3.29 4.51
C TYR D 78 -30.96 3.40 5.72
N ASN D 79 -31.52 3.15 6.90
CA ASN D 79 -30.80 3.25 8.16
C ASN D 79 -31.41 2.22 9.10
N LEU D 80 -30.77 1.06 9.22
CA LEU D 80 -31.34 -0.07 9.93
C LEU D 80 -30.91 -0.08 11.40
N GLU D 81 -31.74 -0.70 12.24
CA GLU D 81 -31.41 -0.93 13.64
C GLU D 81 -32.24 -2.14 14.06
N ILE D 82 -31.61 -3.30 14.16
CA ILE D 82 -32.28 -4.56 14.39
C ILE D 82 -31.83 -5.13 15.73
N LYS D 83 -32.78 -5.69 16.47
CA LYS D 83 -32.52 -6.30 17.77
C LYS D 83 -33.09 -7.70 17.83
N LYS D 84 -32.47 -8.54 18.65
CA LYS D 84 -32.97 -9.88 18.90
C LYS D 84 -34.09 -9.84 19.94
N PRO D 85 -34.97 -10.84 19.95
CA PRO D 85 -36.09 -10.83 20.90
C PRO D 85 -35.66 -10.76 22.36
N ASP D 86 -34.54 -11.39 22.72
CA ASP D 86 -34.06 -11.33 24.10
C ASP D 86 -33.54 -9.96 24.50
N GLY D 87 -33.19 -9.11 23.53
CA GLY D 87 -32.70 -7.77 23.80
C GLY D 87 -31.28 -7.52 23.34
N SER D 88 -30.60 -8.50 22.77
CA SER D 88 -29.24 -8.29 22.28
C SER D 88 -29.25 -7.76 20.86
N GLU D 89 -28.11 -7.19 20.45
CA GLU D 89 -28.00 -6.59 19.13
C GLU D 89 -27.76 -7.66 18.06
N CYS D 90 -27.99 -7.26 16.80
CA CYS D 90 -27.82 -8.15 15.66
C CYS D 90 -26.77 -7.70 14.67
N LEU D 91 -26.33 -6.45 14.73
CA LEU D 91 -25.40 -5.93 13.74
C LEU D 91 -24.16 -5.37 14.41
N PRO D 92 -23.01 -5.41 13.73
CA PRO D 92 -21.78 -4.92 14.33
C PRO D 92 -21.69 -3.39 14.31
N ALA D 93 -20.82 -2.87 15.17
CA ALA D 93 -20.53 -1.45 15.17
C ALA D 93 -19.65 -1.09 13.98
N ALA D 94 -19.75 0.17 13.56
CA ALA D 94 -18.96 0.62 12.42
C ALA D 94 -17.50 0.80 12.81
N PRO D 95 -16.56 0.41 11.95
CA PRO D 95 -15.15 0.70 12.23
C PRO D 95 -14.84 2.17 12.04
N ASP D 96 -13.64 2.56 12.44
CA ASP D 96 -13.22 3.94 12.32
C ASP D 96 -12.91 4.28 10.86
N GLY D 97 -13.46 5.38 10.39
CA GLY D 97 -13.35 5.76 8.99
C GLY D 97 -14.58 5.48 8.15
N ILE D 98 -15.68 5.08 8.77
CA ILE D 98 -16.92 4.74 8.06
C ILE D 98 -17.94 5.82 8.37
N ARG D 99 -18.46 6.47 7.32
CA ARG D 99 -19.46 7.52 7.46
C ARG D 99 -20.52 7.34 6.38
N GLY D 100 -21.70 7.89 6.66
CA GLY D 100 -22.86 7.65 5.82
C GLY D 100 -22.76 8.29 4.45
N PHE D 101 -23.74 7.95 3.61
CA PHE D 101 -23.81 8.49 2.26
C PHE D 101 -24.02 10.01 2.31
N PRO D 102 -23.31 10.77 1.47
CA PRO D 102 -23.36 12.23 1.59
C PRO D 102 -24.67 12.87 1.15
N ARG D 103 -25.20 12.48 -0.01
CA ARG D 103 -26.25 13.25 -0.68
C ARG D 103 -27.43 12.35 -1.07
N CYS D 104 -28.48 12.37 -0.25
CA CYS D 104 -29.77 11.82 -0.67
C CYS D 104 -30.89 12.50 0.09
N ARG D 105 -32.05 12.60 -0.57
CA ARG D 105 -33.14 13.43 -0.07
C ARG D 105 -33.97 12.73 1.01
N TYR D 106 -34.29 11.46 0.81
CA TYR D 106 -35.13 10.72 1.73
C TYR D 106 -34.32 9.66 2.48
N VAL D 107 -34.64 9.48 3.75
CA VAL D 107 -34.02 8.46 4.59
C VAL D 107 -35.12 7.72 5.32
N HIS D 108 -35.20 6.40 5.13
CA HIS D 108 -36.11 5.55 5.86
C HIS D 108 -35.35 4.90 7.02
N LYS D 109 -35.84 5.09 8.24
CA LYS D 109 -35.25 4.46 9.41
C LYS D 109 -36.19 3.36 9.90
N VAL D 110 -35.62 2.19 10.18
CA VAL D 110 -36.39 1.01 10.55
C VAL D 110 -35.82 0.44 11.83
N SER D 111 -36.70 0.20 12.81
CA SER D 111 -36.32 -0.36 14.09
C SER D 111 -37.34 -1.43 14.49
N GLY D 112 -36.86 -2.64 14.73
CA GLY D 112 -37.76 -3.72 15.11
C GLY D 112 -36.98 -4.99 15.38
N THR D 113 -37.70 -5.97 15.91
CA THR D 113 -37.12 -7.27 16.26
C THR D 113 -37.32 -8.27 15.12
N GLY D 114 -36.48 -9.31 15.13
CA GLY D 114 -36.54 -10.32 14.10
C GLY D 114 -35.64 -11.50 14.38
N PRO D 115 -35.82 -12.58 13.62
CA PRO D 115 -35.02 -13.82 13.79
C PRO D 115 -33.64 -13.79 13.11
N CYS D 116 -32.67 -13.20 13.81
CA CYS D 116 -31.30 -13.17 13.31
C CYS D 116 -30.67 -14.55 13.41
N ALA D 117 -30.75 -15.34 12.33
CA ALA D 117 -30.23 -16.69 12.35
C ALA D 117 -28.70 -16.71 12.29
N GLY D 118 -28.12 -15.87 11.44
CA GLY D 118 -26.69 -15.87 11.20
C GLY D 118 -25.97 -14.78 11.97
N ASP D 119 -24.79 -14.42 11.47
CA ASP D 119 -23.97 -13.38 12.07
C ASP D 119 -23.87 -12.12 11.23
N PHE D 120 -23.75 -12.23 9.92
CA PHE D 120 -23.64 -11.09 9.03
C PHE D 120 -24.72 -11.12 7.97
N ALA D 121 -25.08 -9.94 7.47
CA ALA D 121 -26.15 -9.79 6.49
C ALA D 121 -25.56 -9.56 5.10
N PHE D 122 -25.97 -10.40 4.15
CA PHE D 122 -25.47 -10.37 2.79
C PHE D 122 -26.62 -10.14 1.81
N HIS D 123 -26.24 -9.74 0.59
CA HIS D 123 -27.18 -9.48 -0.48
C HIS D 123 -27.33 -10.72 -1.35
N LYS D 124 -28.57 -11.11 -1.65
CA LYS D 124 -28.84 -12.33 -2.40
C LYS D 124 -28.58 -12.20 -3.90
N GLU D 125 -27.97 -11.11 -4.35
CA GLU D 125 -27.75 -10.91 -5.78
C GLU D 125 -26.32 -10.53 -6.15
N GLY D 126 -25.45 -10.29 -5.19
CA GLY D 126 -24.08 -9.92 -5.50
C GLY D 126 -23.83 -8.44 -5.70
N ALA D 127 -24.61 -7.59 -5.05
CA ALA D 127 -24.45 -6.14 -5.14
C ALA D 127 -23.80 -5.61 -3.88
N PHE D 128 -23.44 -4.33 -3.90
CA PHE D 128 -22.70 -3.71 -2.82
C PHE D 128 -23.54 -2.68 -2.07
N PHE D 129 -23.27 -2.60 -0.77
CA PHE D 129 -23.76 -1.51 0.08
C PHE D 129 -22.77 -0.35 -0.02
N LEU D 130 -23.30 0.86 -0.17
CA LEU D 130 -22.49 2.03 -0.47
C LEU D 130 -22.48 3.00 0.69
N TYR D 131 -21.28 3.45 1.06
CA TYR D 131 -21.05 4.43 2.13
C TYR D 131 -20.21 5.58 1.59
N ASP D 132 -19.69 6.42 2.48
CA ASP D 132 -18.88 7.56 2.06
C ASP D 132 -17.54 7.10 1.51
N ARG D 133 -17.48 6.93 0.19
CA ARG D 133 -16.25 6.60 -0.54
C ARG D 133 -15.71 5.22 -0.18
N LEU D 134 -16.50 4.39 0.49
CA LEU D 134 -16.13 3.01 0.81
C LEU D 134 -17.32 2.11 0.55
N ALA D 135 -17.07 0.98 -0.12
CA ALA D 135 -18.10 0.00 -0.46
C ALA D 135 -17.81 -1.32 0.22
N SER D 136 -18.79 -1.85 0.93
CA SER D 136 -18.63 -3.05 1.75
C SER D 136 -19.50 -4.19 1.22
N THR D 137 -19.46 -5.31 1.93
CA THR D 137 -20.30 -6.46 1.65
C THR D 137 -21.22 -6.84 2.80
N VAL D 138 -21.21 -6.08 3.89
CA VAL D 138 -22.07 -6.31 5.03
C VAL D 138 -22.70 -4.99 5.45
N ILE D 139 -23.49 -5.05 6.53
CA ILE D 139 -24.26 -3.90 7.00
C ILE D 139 -23.76 -3.53 8.39
N TYR D 140 -23.32 -2.28 8.55
CA TYR D 140 -22.89 -1.75 9.83
C TYR D 140 -24.04 -1.01 10.49
N ARG D 141 -24.15 -1.17 11.82
CA ARG D 141 -25.30 -0.66 12.54
C ARG D 141 -25.33 0.87 12.54
N GLY D 142 -26.52 1.42 12.31
CA GLY D 142 -26.74 2.84 12.46
C GLY D 142 -26.01 3.74 11.51
N THR D 143 -25.80 3.32 10.26
CA THR D 143 -25.12 4.12 9.25
C THR D 143 -25.95 4.11 7.97
N THR D 144 -26.10 5.29 7.38
CA THR D 144 -26.90 5.43 6.17
C THR D 144 -26.12 4.95 4.96
N PHE D 145 -26.75 4.12 4.13
CA PHE D 145 -26.08 3.50 2.98
C PHE D 145 -26.99 3.56 1.77
N ALA D 146 -26.43 3.18 0.62
CA ALA D 146 -27.19 3.00 -0.61
C ALA D 146 -26.91 1.60 -1.16
N GLU D 147 -27.56 1.25 -2.26
CA GLU D 147 -27.36 -0.04 -2.92
C GLU D 147 -26.89 0.20 -4.34
N GLY D 148 -25.79 -0.43 -4.72
CA GLY D 148 -25.25 -0.18 -6.05
C GLY D 148 -24.10 -1.08 -6.40
N VAL D 149 -23.44 -0.71 -7.50
CA VAL D 149 -22.34 -1.49 -8.09
C VAL D 149 -21.22 -0.54 -8.48
N VAL D 150 -20.04 -1.11 -8.75
CA VAL D 150 -18.81 -0.35 -8.94
C VAL D 150 -18.24 -0.64 -10.32
N ALA D 151 -17.68 0.39 -10.94
CA ALA D 151 -17.03 0.26 -12.24
C ALA D 151 -15.71 1.01 -12.23
N PHE D 152 -14.73 0.46 -12.96
CA PHE D 152 -13.40 1.04 -13.09
C PHE D 152 -13.19 1.47 -14.53
N LEU D 153 -12.80 2.73 -14.72
CA LEU D 153 -12.62 3.28 -16.06
C LEU D 153 -11.28 4.00 -16.15
N ILE D 154 -10.91 4.31 -17.40
CA ILE D 154 -9.85 5.27 -17.69
C ILE D 154 -10.47 6.34 -18.59
N LEU D 155 -10.14 7.60 -18.32
CA LEU D 155 -10.79 8.70 -19.00
C LEU D 155 -10.14 8.95 -20.36
N ALA D 156 -10.67 9.93 -21.08
CA ALA D 156 -10.19 10.27 -22.41
C ALA D 156 -9.21 11.43 -22.40
N ALA D 157 -9.20 12.22 -21.32
CA ALA D 157 -8.31 13.37 -21.22
C ALA D 157 -6.85 12.94 -21.13
N GLU E 1 16.87 51.30 -0.38
CA GLU E 1 15.56 51.89 -0.69
C GLU E 1 14.80 51.02 -1.69
N VAL E 2 13.52 50.77 -1.40
CA VAL E 2 12.69 49.92 -2.25
C VAL E 2 12.14 50.77 -3.39
N GLN E 3 12.49 50.41 -4.63
CA GLN E 3 12.05 51.15 -5.79
C GLN E 3 11.36 50.23 -6.78
N LEU E 4 10.18 50.63 -7.24
CA LEU E 4 9.38 49.88 -8.20
C LEU E 4 8.98 50.81 -9.34
N VAL E 5 9.17 50.35 -10.57
CA VAL E 5 8.89 51.14 -11.77
C VAL E 5 7.98 50.31 -12.68
N GLU E 6 6.81 50.86 -13.02
CA GLU E 6 5.85 50.22 -13.90
C GLU E 6 5.98 50.74 -15.32
N SER E 7 5.61 49.91 -16.28
CA SER E 7 5.63 50.31 -17.68
C SER E 7 4.69 49.43 -18.48
N GLY E 8 4.30 49.94 -19.65
CA GLY E 8 3.45 49.22 -20.58
C GLY E 8 2.08 49.82 -20.79
N GLY E 9 1.64 50.75 -19.96
CA GLY E 9 0.31 51.31 -20.10
C GLY E 9 0.19 52.19 -21.33
N GLY E 10 -1.04 52.36 -21.80
CA GLY E 10 -1.30 53.18 -22.96
C GLY E 10 -2.75 53.18 -23.42
N LEU E 11 -2.95 53.32 -24.72
CA LEU E 11 -4.28 53.36 -25.32
C LEU E 11 -4.38 52.27 -26.38
N VAL E 12 -5.46 51.49 -26.34
CA VAL E 12 -5.65 50.36 -27.24
C VAL E 12 -7.09 50.36 -27.74
N LYS E 13 -7.32 49.61 -28.82
CA LYS E 13 -8.64 49.46 -29.41
C LYS E 13 -9.43 48.36 -28.68
N ARG E 14 -10.75 48.36 -28.91
CA ARG E 14 -11.60 47.37 -28.27
C ARG E 14 -11.33 45.98 -28.82
N GLY E 15 -11.44 44.97 -27.95
CA GLY E 15 -11.20 43.60 -28.32
C GLY E 15 -9.73 43.23 -28.46
N GLY E 16 -8.83 44.10 -28.04
CA GLY E 16 -7.40 43.88 -28.19
C GLY E 16 -6.78 43.17 -27.02
N SER E 17 -5.50 43.45 -26.80
CA SER E 17 -4.73 42.82 -25.74
C SER E 17 -3.60 43.75 -25.32
N LEU E 18 -3.00 43.45 -24.18
CA LEU E 18 -1.97 44.32 -23.62
C LEU E 18 -1.04 43.52 -22.73
N ARG E 19 0.11 44.13 -22.41
CA ARG E 19 1.10 43.54 -21.53
C ARG E 19 1.70 44.62 -20.66
N LEU E 20 1.76 44.37 -19.35
CA LEU E 20 2.30 45.30 -18.38
C LEU E 20 3.50 44.66 -17.68
N SER E 21 4.49 45.49 -17.35
CA SER E 21 5.70 45.03 -16.69
C SER E 21 6.01 45.90 -15.48
N CYS E 22 6.56 45.25 -14.44
CA CYS E 22 6.97 45.93 -13.22
C CYS E 22 8.38 45.49 -12.88
N VAL E 23 9.27 46.46 -12.64
CA VAL E 23 10.68 46.22 -12.39
C VAL E 23 11.02 46.76 -11.01
N VAL E 24 11.72 45.96 -10.22
CA VAL E 24 11.96 46.26 -8.80
C VAL E 24 13.46 46.23 -8.53
N SER E 25 13.94 47.23 -7.80
CA SER E 25 15.33 47.29 -7.36
C SER E 25 15.39 47.73 -5.91
N GLY E 26 16.30 47.11 -5.15
CA GLY E 26 16.50 47.48 -3.76
C GLY E 26 16.71 46.32 -2.80
N TYR E 27 16.32 45.12 -3.19
CA TYR E 27 16.36 43.96 -2.28
C TYR E 27 16.42 42.68 -3.11
N THR E 28 16.17 41.55 -2.45
CA THR E 28 16.19 40.24 -3.09
C THR E 28 14.81 39.95 -3.66
N PHE E 29 14.71 39.92 -4.99
CA PHE E 29 13.42 39.70 -5.64
C PHE E 29 12.90 38.28 -5.45
N GLY E 30 13.81 37.32 -5.27
CA GLY E 30 13.44 35.91 -5.28
C GLY E 30 12.83 35.38 -4.01
N GLY E 31 12.70 36.18 -2.96
CA GLY E 31 12.15 35.73 -1.70
C GLY E 31 10.76 36.22 -1.36
N TYR E 32 10.06 36.86 -2.31
CA TYR E 32 8.78 37.49 -2.01
C TYR E 32 7.80 37.26 -3.15
N SER E 33 6.52 37.39 -2.84
CA SER E 33 5.43 37.28 -3.79
C SER E 33 4.91 38.65 -4.18
N MET E 34 4.26 38.72 -5.34
CA MET E 34 3.82 39.98 -5.92
C MET E 34 2.34 39.91 -6.27
N HIS E 35 1.72 41.10 -6.36
CA HIS E 35 0.29 41.21 -6.65
C HIS E 35 0.02 42.45 -7.49
N TRP E 36 -1.14 42.47 -8.15
CA TRP E 36 -1.56 43.57 -9.01
C TRP E 36 -2.86 44.19 -8.51
N VAL E 37 -2.95 45.52 -8.55
CA VAL E 37 -4.13 46.25 -8.10
C VAL E 37 -4.47 47.31 -9.15
N ARG E 38 -5.76 47.68 -9.21
CA ARG E 38 -6.23 48.66 -10.19
C ARG E 38 -7.17 49.66 -9.54
N GLN E 39 -7.31 50.81 -10.19
CA GLN E 39 -8.25 51.85 -9.79
C GLN E 39 -8.80 52.56 -11.03
N ALA E 40 -10.11 52.47 -11.24
CA ALA E 40 -10.75 53.11 -12.37
C ALA E 40 -10.91 54.61 -12.14
N PRO E 41 -11.04 55.41 -13.23
CA PRO E 41 -11.13 56.87 -13.08
C PRO E 41 -12.19 57.34 -12.09
N GLY E 42 -11.75 57.93 -10.98
CA GLY E 42 -12.63 58.40 -9.94
C GLY E 42 -13.45 57.31 -9.29
N LYS E 43 -12.89 56.11 -9.19
CA LYS E 43 -13.56 54.97 -8.59
C LYS E 43 -12.67 54.43 -7.47
N GLY E 44 -13.05 53.27 -6.91
CA GLY E 44 -12.31 52.66 -5.84
C GLY E 44 -11.24 51.70 -6.32
N LEU E 45 -10.65 50.98 -5.36
CA LEU E 45 -9.54 50.08 -5.62
C LEU E 45 -10.04 48.65 -5.77
N GLU E 46 -9.44 47.91 -6.72
CA GLU E 46 -9.82 46.54 -7.00
C GLU E 46 -8.58 45.67 -7.15
N TRP E 47 -8.68 44.43 -6.68
CA TRP E 47 -7.58 43.47 -6.70
C TRP E 47 -7.73 42.56 -7.91
N VAL E 48 -6.62 42.33 -8.62
CA VAL E 48 -6.67 41.61 -9.89
C VAL E 48 -6.15 40.18 -9.73
N SER E 49 -4.88 40.03 -9.37
CA SER E 49 -4.26 38.71 -9.33
C SER E 49 -2.95 38.78 -8.55
N GLY E 50 -2.32 37.63 -8.38
CA GLY E 50 -1.08 37.52 -7.65
C GLY E 50 -0.37 36.21 -7.91
N ILE E 51 0.94 36.21 -7.62
CA ILE E 51 1.81 35.07 -7.88
C ILE E 51 2.62 34.76 -6.63
N SER E 52 3.40 33.69 -6.68
CA SER E 52 4.20 33.21 -5.56
C SER E 52 5.68 33.30 -5.90
N SER E 53 6.52 32.86 -4.95
CA SER E 53 7.96 33.04 -5.07
C SER E 53 8.59 32.04 -6.05
N SER E 54 8.09 30.81 -6.10
CA SER E 54 8.62 29.79 -6.99
C SER E 54 7.77 29.59 -8.22
N SER E 55 6.80 30.47 -8.46
CA SER E 55 5.86 30.36 -9.58
C SER E 55 5.05 29.08 -9.52
N TYR E 56 4.76 28.60 -8.32
CA TYR E 56 3.97 27.39 -8.14
C TYR E 56 2.50 27.68 -7.93
N TYR E 57 2.16 28.80 -7.30
CA TYR E 57 0.79 29.19 -7.04
C TYR E 57 0.46 30.45 -7.83
N LYS E 58 -0.66 30.43 -8.54
CA LYS E 58 -1.17 31.59 -9.25
C LYS E 58 -2.61 31.82 -8.83
N TYR E 59 -3.01 33.09 -8.72
CA TYR E 59 -4.37 33.41 -8.32
C TYR E 59 -5.00 34.37 -9.31
N TYR E 60 -6.33 34.32 -9.40
CA TYR E 60 -7.10 35.19 -10.28
C TYR E 60 -8.43 35.53 -9.62
N ALA E 61 -9.01 36.63 -10.07
CA ALA E 61 -10.33 37.06 -9.62
C ALA E 61 -11.40 36.62 -10.61
N ASP E 62 -12.64 36.55 -10.13
CA ASP E 62 -13.73 36.04 -10.94
C ASP E 62 -13.98 36.93 -12.16
N SER E 63 -13.89 38.24 -11.99
CA SER E 63 -14.20 39.16 -13.07
C SER E 63 -13.22 39.07 -14.24
N VAL E 64 -12.04 38.50 -14.03
CA VAL E 64 -11.02 38.42 -15.06
C VAL E 64 -10.56 36.99 -15.32
N LYS E 65 -11.17 36.01 -14.66
CA LYS E 65 -10.77 34.63 -14.83
C LYS E 65 -10.95 34.18 -16.27
N GLY E 66 -9.94 33.52 -16.82
CA GLY E 66 -9.95 33.10 -18.20
C GLY E 66 -9.48 34.13 -19.19
N ARG E 67 -9.16 35.35 -18.75
CA ARG E 67 -8.72 36.41 -19.64
C ARG E 67 -7.32 36.93 -19.33
N PHE E 68 -6.87 36.84 -18.08
CA PHE E 68 -5.60 37.40 -17.67
C PHE E 68 -4.60 36.30 -17.34
N THR E 69 -3.31 36.61 -17.52
CA THR E 69 -2.23 35.67 -17.27
C THR E 69 -1.10 36.39 -16.54
N ILE E 70 -0.50 35.72 -15.55
CA ILE E 70 0.54 36.34 -14.73
C ILE E 70 1.83 35.56 -14.89
N SER E 71 2.96 36.24 -14.71
CA SER E 71 4.26 35.57 -14.74
C SER E 71 5.29 36.44 -14.03
N ARG E 72 6.43 35.84 -13.71
CA ARG E 72 7.51 36.54 -13.03
C ARG E 72 8.84 35.97 -13.50
N ASP E 73 9.91 36.75 -13.26
CA ASP E 73 11.27 36.33 -13.57
C ASP E 73 12.19 36.86 -12.48
N ASN E 74 12.78 35.94 -11.72
CA ASN E 74 13.63 36.32 -10.58
C ASN E 74 15.00 36.81 -11.03
N ALA E 75 15.55 36.22 -12.10
CA ALA E 75 16.90 36.57 -12.53
C ALA E 75 16.98 38.01 -12.99
N LYS E 76 15.97 38.48 -13.73
CA LYS E 76 15.95 39.84 -14.24
C LYS E 76 15.12 40.79 -13.40
N ASN E 77 14.57 40.32 -12.28
CA ASN E 77 13.76 41.12 -11.37
C ASN E 77 12.60 41.79 -12.11
N SER E 78 11.73 40.96 -12.69
CA SER E 78 10.64 41.47 -13.49
C SER E 78 9.34 40.73 -13.19
N LEU E 79 8.23 41.43 -13.33
CA LEU E 79 6.90 40.86 -13.18
C LEU E 79 6.06 41.24 -14.39
N TYR E 80 5.30 40.29 -14.94
CA TYR E 80 4.57 40.50 -16.17
C TYR E 80 3.11 40.11 -16.01
N LEU E 81 2.23 40.93 -16.61
CA LEU E 81 0.80 40.64 -16.66
C LEU E 81 0.32 40.79 -18.09
N GLN E 82 -0.39 39.78 -18.59
CA GLN E 82 -0.90 39.76 -19.95
C GLN E 82 -2.43 39.80 -19.90
N MET E 83 -3.01 40.74 -20.64
CA MET E 83 -4.46 40.97 -20.65
C MET E 83 -5.00 40.72 -22.05
N ASN E 84 -6.14 40.02 -22.12
CA ASN E 84 -6.73 39.59 -23.38
C ASN E 84 -8.22 39.86 -23.37
N SER E 85 -8.78 40.00 -24.57
CA SER E 85 -10.23 40.21 -24.77
C SER E 85 -10.70 41.44 -23.98
N LEU E 86 -10.18 42.59 -24.38
CA LEU E 86 -10.28 43.80 -23.58
C LEU E 86 -11.67 44.42 -23.71
N ARG E 87 -12.29 44.74 -22.58
CA ARG E 87 -13.62 45.32 -22.52
C ARG E 87 -13.54 46.79 -22.10
N ALA E 88 -14.71 47.40 -21.93
CA ALA E 88 -14.79 48.81 -21.59
C ALA E 88 -14.38 49.10 -20.15
N GLU E 89 -14.60 48.15 -19.24
CA GLU E 89 -14.28 48.35 -17.83
C GLU E 89 -12.80 48.26 -17.52
N ASP E 90 -11.96 48.03 -18.53
CA ASP E 90 -10.53 47.84 -18.32
C ASP E 90 -9.72 49.11 -18.57
N THR E 91 -10.31 50.28 -18.33
CA THR E 91 -9.59 51.54 -18.35
C THR E 91 -9.40 51.99 -16.90
N ALA E 92 -8.15 52.06 -16.45
CA ALA E 92 -7.85 52.32 -15.06
C ALA E 92 -6.37 52.67 -14.92
N VAL E 93 -5.91 52.76 -13.67
CA VAL E 93 -4.52 52.94 -13.31
C VAL E 93 -4.11 51.75 -12.46
N TYR E 94 -2.98 51.14 -12.81
CA TYR E 94 -2.57 49.85 -12.25
C TYR E 94 -1.26 49.99 -11.48
N TYR E 95 -1.17 49.21 -10.39
CA TYR E 95 -0.02 49.20 -9.50
C TYR E 95 0.43 47.76 -9.24
N CYS E 96 1.74 47.58 -9.06
CA CYS E 96 2.33 46.32 -8.63
C CYS E 96 2.78 46.47 -7.18
N ALA E 97 2.44 45.49 -6.35
CA ALA E 97 2.63 45.59 -4.91
C ALA E 97 3.29 44.33 -4.35
N ARG E 98 4.00 44.53 -3.23
CA ARG E 98 4.70 43.49 -2.50
C ARG E 98 4.08 43.34 -1.11
N ASP E 99 4.25 42.16 -0.52
CA ASP E 99 3.58 41.82 0.73
C ASP E 99 4.54 41.14 1.70
N MET E 100 4.18 41.18 2.98
CA MET E 100 4.87 40.42 4.02
C MET E 100 4.28 39.02 4.10
N GLY E 101 5.12 38.01 3.95
CA GLY E 101 4.67 36.64 3.78
C GLY E 101 4.27 35.91 5.04
N TYR E 102 3.10 36.21 5.58
CA TYR E 102 2.59 35.52 6.75
C TYR E 102 2.01 34.15 6.44
N CYS E 103 1.77 33.84 5.17
CA CYS E 103 1.24 32.55 4.75
C CYS E 103 2.33 31.77 3.99
N SER E 104 1.94 30.62 3.46
CA SER E 104 2.92 29.70 2.88
C SER E 104 3.18 29.94 1.40
N GLY E 105 2.24 30.53 0.66
CA GLY E 105 2.44 30.74 -0.76
C GLY E 105 2.05 32.12 -1.23
N GLY E 106 1.54 32.94 -0.33
CA GLY E 106 1.04 34.25 -0.70
C GLY E 106 -0.46 34.33 -0.60
N SER E 107 -1.03 33.56 0.33
CA SER E 107 -2.49 33.47 0.46
C SER E 107 -3.09 34.68 1.16
N CYS E 108 -2.33 35.36 2.02
CA CYS E 108 -2.86 36.41 2.88
C CYS E 108 -2.02 37.67 2.71
N PRO E 109 -2.23 38.41 1.62
CA PRO E 109 -1.32 39.53 1.30
C PRO E 109 -1.56 40.73 2.21
N ASN E 110 -0.45 41.32 2.67
CA ASN E 110 -0.43 42.56 3.42
C ASN E 110 0.53 43.49 2.69
N PHE E 111 -0.01 44.32 1.80
CA PHE E 111 0.84 45.18 0.98
C PHE E 111 1.56 46.21 1.84
N ASP E 112 2.88 46.28 1.70
CA ASP E 112 3.70 47.22 2.45
C ASP E 112 4.44 48.23 1.60
N PHE E 113 4.78 47.90 0.35
CA PHE E 113 5.43 48.82 -0.56
C PHE E 113 4.68 48.83 -1.88
N TRP E 114 4.37 50.02 -2.37
CA TRP E 114 3.64 50.19 -3.61
C TRP E 114 4.51 50.91 -4.63
N GLY E 115 4.09 50.86 -5.89
CA GLY E 115 4.74 51.54 -6.98
C GLY E 115 4.12 52.89 -7.28
N GLN E 116 4.20 53.30 -8.54
CA GLN E 116 3.64 54.57 -8.98
C GLN E 116 2.34 54.41 -9.75
N GLY E 117 2.27 53.48 -10.69
CA GLY E 117 1.06 53.20 -11.42
C GLY E 117 1.17 53.61 -12.89
N THR E 118 0.37 52.95 -13.72
CA THR E 118 0.32 53.29 -15.14
C THR E 118 -1.13 53.31 -15.59
N THR E 119 -1.39 54.08 -16.64
CA THR E 119 -2.76 54.33 -17.11
C THR E 119 -3.02 53.55 -18.39
N VAL E 120 -4.15 52.84 -18.42
CA VAL E 120 -4.57 52.09 -19.60
C VAL E 120 -6.02 52.45 -19.90
N THR E 121 -6.30 52.81 -21.14
CA THR E 121 -7.64 53.19 -21.56
C THR E 121 -7.94 52.59 -22.92
N VAL E 122 -9.17 52.12 -23.09
CA VAL E 122 -9.62 51.51 -24.34
C VAL E 122 -10.98 52.08 -24.71
N SER E 123 -11.07 52.66 -25.92
CA SER E 123 -12.30 53.22 -26.45
C SER E 123 -12.01 53.71 -27.87
N SER E 124 -13.06 54.14 -28.57
CA SER E 124 -12.91 54.68 -29.91
C SER E 124 -12.74 56.19 -29.87
N ILE F 1 -18.15 39.58 1.16
CA ILE F 1 -18.12 40.45 2.32
C ILE F 1 -18.30 41.91 1.87
N GLN F 2 -19.09 42.65 2.62
CA GLN F 2 -19.41 44.04 2.31
C GLN F 2 -18.74 44.97 3.31
N MET F 3 -18.15 46.06 2.80
CA MET F 3 -17.43 47.01 3.61
C MET F 3 -18.25 48.28 3.80
N THR F 4 -18.33 48.76 5.03
CA THR F 4 -19.10 49.95 5.36
C THR F 4 -18.24 50.94 6.12
N GLN F 5 -18.37 52.22 5.79
CA GLN F 5 -17.62 53.28 6.44
C GLN F 5 -18.52 54.47 6.73
N SER F 6 -18.30 55.10 7.88
CA SER F 6 -19.10 56.25 8.29
C SER F 6 -18.31 57.07 9.28
N PRO F 7 -18.26 58.41 9.14
CA PRO F 7 -18.91 59.24 8.11
C PRO F 7 -18.22 59.16 6.76
N SER F 8 -18.96 59.39 5.67
CA SER F 8 -18.37 59.34 4.34
C SER F 8 -17.42 60.51 4.11
N SER F 9 -17.81 61.72 4.51
CA SER F 9 -16.98 62.90 4.34
C SER F 9 -17.02 63.72 5.62
N LEU F 10 -15.99 64.55 5.79
CA LEU F 10 -15.84 65.31 7.03
C LEU F 10 -14.94 66.50 6.77
N SER F 11 -15.23 67.62 7.45
CA SER F 11 -14.39 68.81 7.42
C SER F 11 -14.03 69.18 8.85
N ALA F 12 -12.75 69.41 9.10
CA ALA F 12 -12.27 69.69 10.44
C ALA F 12 -11.12 70.69 10.39
N SER F 13 -10.85 71.30 11.55
CA SER F 13 -9.79 72.28 11.70
C SER F 13 -8.67 71.72 12.57
N VAL F 14 -7.54 72.43 12.57
CA VAL F 14 -6.35 71.95 13.24
C VAL F 14 -6.57 71.92 14.75
N GLY F 15 -6.21 70.81 15.37
CA GLY F 15 -6.27 70.68 16.82
C GLY F 15 -7.41 69.82 17.36
N ASP F 16 -8.17 69.16 16.51
CA ASP F 16 -9.28 68.31 16.92
C ASP F 16 -8.87 66.84 16.87
N ARG F 17 -9.85 65.96 17.06
CA ARG F 17 -9.63 64.52 17.03
C ARG F 17 -10.54 63.90 15.97
N VAL F 18 -9.99 62.94 15.23
CA VAL F 18 -10.71 62.28 14.13
C VAL F 18 -10.86 60.81 14.49
N THR F 19 -12.10 60.33 14.49
CA THR F 19 -12.42 58.93 14.79
C THR F 19 -13.22 58.36 13.63
N ILE F 20 -12.75 57.26 13.05
CA ILE F 20 -13.37 56.64 11.90
C ILE F 20 -13.58 55.16 12.19
N THR F 21 -14.55 54.56 11.49
CA THR F 21 -14.89 53.15 11.69
C THR F 21 -14.91 52.41 10.35
N CYS F 22 -14.63 51.11 10.41
CA CYS F 22 -14.80 50.22 9.27
C CYS F 22 -15.60 49.01 9.70
N ARG F 23 -16.48 48.53 8.82
CA ARG F 23 -17.40 47.45 9.15
C ARG F 23 -17.46 46.42 8.03
N THR F 24 -17.73 45.18 8.42
CA THR F 24 -17.80 44.05 7.49
C THR F 24 -19.02 43.20 7.81
N SER F 25 -19.37 42.32 6.87
CA SER F 25 -20.55 41.47 6.98
C SER F 25 -20.25 40.11 7.60
N GLN F 26 -19.02 39.85 8.02
CA GLN F 26 -18.63 38.58 8.62
C GLN F 26 -17.79 38.84 9.87
N SER F 27 -17.40 37.76 10.53
CA SER F 27 -16.45 37.81 11.63
C SER F 27 -15.11 37.28 11.14
N ILE F 28 -14.09 38.15 11.15
CA ILE F 28 -12.83 37.83 10.49
C ILE F 28 -11.67 37.98 11.47
N SER F 29 -11.94 37.77 12.75
CA SER F 29 -10.95 37.98 13.82
C SER F 29 -10.31 39.35 13.72
N ASN F 30 -9.00 39.40 13.48
CA ASN F 30 -8.27 40.67 13.43
C ASN F 30 -7.33 40.74 12.23
N TYR F 31 -7.82 40.34 11.06
CA TYR F 31 -7.05 40.44 9.81
C TYR F 31 -7.52 41.66 9.04
N LEU F 32 -7.07 42.84 9.49
CA LEU F 32 -7.46 44.11 8.90
C LEU F 32 -6.22 44.99 8.68
N ASN F 33 -6.27 45.81 7.62
CA ASN F 33 -5.21 46.77 7.33
C ASN F 33 -5.83 48.10 6.94
N TRP F 34 -5.08 49.18 7.21
CA TRP F 34 -5.50 50.55 6.91
C TRP F 34 -4.50 51.20 5.98
N TYR F 35 -5.00 51.93 4.98
CA TYR F 35 -4.17 52.63 4.02
C TYR F 35 -4.59 54.09 3.91
N GLN F 36 -3.64 54.94 3.54
CA GLN F 36 -3.88 56.37 3.35
C GLN F 36 -3.35 56.79 1.99
N GLN F 37 -4.18 57.51 1.22
CA GLN F 37 -3.81 57.98 -0.10
C GLN F 37 -4.02 59.47 -0.22
N ILE F 38 -2.99 60.18 -0.68
CA ILE F 38 -3.06 61.59 -1.03
C ILE F 38 -3.39 61.68 -2.52
N PRO F 39 -4.32 62.54 -2.92
CA PRO F 39 -4.63 62.66 -4.35
C PRO F 39 -3.39 62.97 -5.18
N GLY F 40 -3.22 62.23 -6.27
CA GLY F 40 -2.02 62.31 -7.07
C GLY F 40 -0.87 61.48 -6.59
N LYS F 41 -1.05 60.72 -5.50
CA LYS F 41 0.02 59.91 -4.92
C LYS F 41 -0.46 58.49 -4.69
N ALA F 42 0.49 57.56 -4.68
CA ALA F 42 0.18 56.16 -4.43
C ALA F 42 -0.21 55.96 -2.97
N PRO F 43 -0.95 54.90 -2.66
CA PRO F 43 -1.32 54.64 -1.27
C PRO F 43 -0.12 54.28 -0.42
N LYS F 44 -0.32 54.35 0.89
CA LYS F 44 0.73 54.09 1.87
C LYS F 44 0.17 53.23 2.99
N LEU F 45 1.00 52.33 3.51
CA LEU F 45 0.57 51.44 4.57
C LEU F 45 0.58 52.16 5.91
N LEU F 46 -0.26 51.66 6.82
CA LEU F 46 -0.40 52.18 8.18
C LEU F 46 -0.52 50.96 9.09
N ILE F 47 -1.03 51.17 10.30
CA ILE F 47 -1.16 50.12 11.31
C ILE F 47 -1.70 48.83 10.69
N SER F 48 -1.07 47.71 11.02
CA SER F 48 -1.44 46.40 10.51
C SER F 48 -1.98 45.53 11.62
N THR F 49 -2.72 44.50 11.23
CA THR F 49 -3.41 43.59 12.18
C THR F 49 -4.25 44.44 13.15
N ALA F 50 -4.67 45.60 12.68
CA ALA F 50 -5.59 46.52 13.34
C ALA F 50 -4.99 47.24 14.54
N SER F 51 -3.78 46.86 14.97
CA SER F 51 -3.13 47.60 16.04
C SER F 51 -1.62 47.72 15.93
N ASN F 52 -0.98 47.19 14.88
CA ASN F 52 0.48 47.13 14.80
C ASN F 52 0.99 48.27 13.95
N LEU F 53 1.51 49.31 14.60
CA LEU F 53 2.05 50.47 13.88
C LEU F 53 3.24 50.06 13.04
N HIS F 54 3.35 50.68 11.86
CA HIS F 54 4.43 50.38 10.94
C HIS F 54 5.70 51.14 11.35
N SER F 55 6.70 51.14 10.49
CA SER F 55 8.00 51.77 10.78
C SER F 55 8.07 53.13 10.09
N GLY F 56 8.35 54.16 10.88
CA GLY F 56 8.44 55.52 10.38
C GLY F 56 7.15 56.31 10.43
N VAL F 57 6.06 55.70 10.86
CA VAL F 57 4.78 56.39 10.95
C VAL F 57 4.67 57.05 12.32
N SER F 58 4.17 58.27 12.33
CA SER F 58 4.04 59.03 13.58
C SER F 58 3.11 58.32 14.54
N SER F 59 3.43 58.43 15.83
CA SER F 59 2.68 57.73 16.88
C SER F 59 1.28 58.28 17.08
N ARG F 60 0.94 59.41 16.46
CA ARG F 60 -0.38 59.99 16.67
C ARG F 60 -1.49 59.07 16.19
N PHE F 61 -1.30 58.44 15.03
CA PHE F 61 -2.27 57.47 14.53
C PHE F 61 -2.37 56.28 15.47
N SER F 62 -3.58 55.77 15.66
CA SER F 62 -3.76 54.56 16.46
C SER F 62 -5.03 53.84 16.03
N GLY F 63 -4.93 52.54 15.81
CA GLY F 63 -6.10 51.74 15.46
C GLY F 63 -6.41 50.70 16.50
N SER F 64 -7.68 50.28 16.56
CA SER F 64 -8.09 49.26 17.52
C SER F 64 -9.37 48.61 17.02
N GLY F 65 -9.77 47.55 17.70
CA GLY F 65 -11.00 46.85 17.39
C GLY F 65 -10.76 45.41 16.99
N SER F 66 -11.86 44.68 16.88
CA SER F 66 -11.84 43.26 16.53
C SER F 66 -13.24 42.85 16.14
N GLY F 67 -13.40 41.56 15.85
CA GLY F 67 -14.70 41.02 15.54
C GLY F 67 -15.35 41.68 14.33
N THR F 68 -16.36 42.52 14.59
CA THR F 68 -17.06 43.25 13.54
C THR F 68 -16.98 44.76 13.72
N HIS F 69 -16.20 45.25 14.68
CA HIS F 69 -16.08 46.68 14.95
C HIS F 69 -14.62 47.07 15.00
N PHE F 70 -14.23 48.05 14.18
CA PHE F 70 -12.85 48.51 14.10
C PHE F 70 -12.82 50.02 13.94
N THR F 71 -12.02 50.68 14.79
CA THR F 71 -11.96 52.14 14.85
C THR F 71 -10.53 52.62 14.71
N LEU F 72 -10.32 53.59 13.83
CA LEU F 72 -9.06 54.30 13.67
C LEU F 72 -9.19 55.69 14.28
N THR F 73 -8.08 56.22 14.80
CA THR F 73 -8.10 57.47 15.55
C THR F 73 -6.84 58.29 15.26
N ILE F 74 -7.04 59.59 15.01
CA ILE F 74 -5.98 60.58 14.91
C ILE F 74 -6.22 61.63 15.98
N SER F 75 -5.16 61.99 16.70
CA SER F 75 -5.32 62.82 17.89
C SER F 75 -5.11 64.31 17.62
N SER F 76 -4.14 64.67 16.78
CA SER F 76 -3.82 66.07 16.52
C SER F 76 -3.61 66.26 15.02
N LEU F 77 -4.42 67.12 14.42
CA LEU F 77 -4.33 67.35 12.98
C LEU F 77 -3.04 68.07 12.61
N GLN F 78 -2.61 67.84 11.38
CA GLN F 78 -1.44 68.47 10.79
C GLN F 78 -1.79 68.86 9.36
N PRO F 79 -1.18 69.91 8.82
CA PRO F 79 -1.61 70.42 7.50
C PRO F 79 -1.48 69.42 6.37
N GLU F 80 -0.57 68.45 6.46
CA GLU F 80 -0.38 67.47 5.39
C GLU F 80 -1.18 66.21 5.59
N ASP F 81 -2.10 66.19 6.56
CA ASP F 81 -2.90 65.01 6.87
C ASP F 81 -4.34 65.13 6.38
N PHE F 82 -4.54 65.70 5.20
CA PHE F 82 -5.88 65.85 4.61
C PHE F 82 -5.91 64.99 3.35
N ALA F 83 -6.40 63.76 3.49
CA ALA F 83 -6.36 62.80 2.40
C ALA F 83 -7.38 61.70 2.68
N THR F 84 -7.34 60.64 1.88
CA THR F 84 -8.34 59.57 1.92
C THR F 84 -7.82 58.37 2.70
N TYR F 85 -8.74 57.66 3.36
CA TYR F 85 -8.44 56.50 4.17
C TYR F 85 -9.24 55.30 3.68
N TYR F 86 -8.59 54.13 3.65
CA TYR F 86 -9.22 52.88 3.22
C TYR F 86 -8.93 51.77 4.23
N CYS F 87 -9.84 50.79 4.28
CA CYS F 87 -9.63 49.57 5.05
C CYS F 87 -9.68 48.36 4.11
N GLN F 88 -8.87 47.35 4.39
CA GLN F 88 -8.79 46.15 3.57
C GLN F 88 -8.69 44.92 4.46
N GLN F 89 -9.29 43.82 4.00
CA GLN F 89 -9.31 42.56 4.76
C GLN F 89 -8.60 41.47 3.98
N SER F 90 -8.21 40.41 4.71
CA SER F 90 -7.46 39.31 4.11
C SER F 90 -7.92 37.94 4.58
N TYR F 91 -9.01 37.85 5.34
CA TYR F 91 -9.49 36.56 5.83
C TYR F 91 -9.87 35.65 4.67
N SER F 92 -10.58 36.19 3.69
CA SER F 92 -10.90 35.49 2.44
C SER F 92 -10.47 36.39 1.30
N THR F 93 -10.93 36.10 0.08
CA THR F 93 -10.58 36.87 -1.12
C THR F 93 -10.53 38.36 -0.84
N PRO F 94 -9.51 39.06 -1.35
CA PRO F 94 -9.30 40.46 -0.95
C PRO F 94 -10.40 41.39 -1.41
N SER F 95 -10.63 42.44 -0.61
CA SER F 95 -11.67 43.42 -0.90
C SER F 95 -11.37 44.69 -0.14
N PHE F 96 -11.24 45.81 -0.85
CA PHE F 96 -10.95 47.10 -0.24
C PHE F 96 -12.22 47.73 0.29
N GLY F 97 -12.12 48.99 0.72
CA GLY F 97 -13.24 49.74 1.23
C GLY F 97 -13.81 50.71 0.22
N GLN F 98 -14.56 51.70 0.72
CA GLN F 98 -15.19 52.69 -0.13
C GLN F 98 -14.54 54.06 -0.07
N GLY F 99 -13.83 54.37 1.00
CA GLY F 99 -13.08 55.62 1.09
C GLY F 99 -13.75 56.60 2.04
N THR F 100 -12.95 57.60 2.45
CA THR F 100 -13.43 58.66 3.32
C THR F 100 -12.48 59.84 3.21
N LYS F 101 -13.02 61.03 2.92
CA LYS F 101 -12.23 62.21 2.65
C LYS F 101 -12.46 63.24 3.76
N VAL F 102 -11.37 63.69 4.38
CA VAL F 102 -11.43 64.69 5.43
C VAL F 102 -11.07 66.05 4.85
N GLU F 103 -11.72 67.09 5.36
CA GLU F 103 -11.56 68.43 4.79
C GLU F 103 -11.34 69.50 5.85
N ILE F 104 -11.35 70.76 5.42
CA ILE F 104 -11.05 71.91 6.26
C ILE F 104 -12.30 72.78 6.33
N LYS F 105 -12.41 73.51 7.44
CA LYS F 105 -13.52 74.43 7.64
C LYS F 105 -13.10 75.86 7.32
N VAL G 1 17.93 28.43 -7.05
CA VAL G 1 16.95 29.47 -7.32
C VAL G 1 16.18 29.82 -6.06
N ILE G 2 16.34 28.99 -5.03
CA ILE G 2 15.65 29.20 -3.76
C ILE G 2 16.50 30.11 -2.88
N VAL G 3 15.92 31.25 -2.49
CA VAL G 3 16.60 32.25 -1.67
C VAL G 3 15.91 32.30 -0.32
N ASN G 4 16.68 32.15 0.75
CA ASN G 4 16.12 32.17 2.09
C ASN G 4 15.64 33.58 2.45
N ALA G 5 14.47 33.65 3.08
CA ALA G 5 13.88 34.90 3.51
C ALA G 5 13.53 34.91 4.99
N GLN G 6 13.98 33.92 5.75
CA GLN G 6 13.75 33.90 7.17
C GLN G 6 14.68 34.91 7.87
N PRO G 7 14.31 35.35 9.08
CA PRO G 7 15.22 36.28 9.79
C PRO G 7 16.59 35.70 10.05
N LYS G 8 16.67 34.40 10.34
CA LYS G 8 17.93 33.71 10.55
C LYS G 8 17.81 32.30 9.98
N CYS G 9 18.96 31.69 9.70
CA CYS G 9 18.99 30.28 9.34
C CYS G 9 20.24 29.64 9.91
N ASN G 10 20.05 28.57 10.67
CA ASN G 10 21.16 27.83 11.26
C ASN G 10 21.92 27.09 10.16
N PRO G 11 23.22 27.30 10.01
CA PRO G 11 23.98 26.68 8.91
C PRO G 11 24.60 25.32 9.22
N ASN G 12 24.27 24.69 10.34
CA ASN G 12 24.85 23.40 10.71
C ASN G 12 23.72 22.41 10.99
N LEU G 13 23.77 21.25 10.34
CA LEU G 13 22.73 20.24 10.46
C LEU G 13 23.29 19.02 11.19
N HIS G 14 22.70 18.71 12.35
CA HIS G 14 23.08 17.56 13.16
C HIS G 14 21.91 16.56 13.11
N TYR G 15 22.11 15.44 12.42
CA TYR G 15 21.01 14.58 12.03
C TYR G 15 21.22 13.15 12.50
N TRP G 16 20.12 12.40 12.54
CA TRP G 16 20.10 10.99 12.89
C TRP G 16 19.23 10.24 11.89
N THR G 17 19.46 8.94 11.78
CA THR G 17 18.67 8.08 10.90
C THR G 17 18.77 6.65 11.42
N THR G 18 18.35 5.69 10.59
CA THR G 18 18.37 4.28 10.97
C THR G 18 19.25 3.43 10.07
N GLN G 19 19.26 3.69 8.77
CA GLN G 19 20.01 2.90 7.79
C GLN G 19 19.57 1.44 7.80
N ASP G 20 20.38 0.56 7.24
CA ASP G 20 20.07 -0.87 7.20
C ASP G 20 21.21 -1.78 7.62
N GLU G 21 22.46 -1.32 7.56
CA GLU G 21 23.67 -2.02 7.98
C GLU G 21 24.05 -3.19 7.09
N GLY G 22 23.23 -3.52 6.08
CA GLY G 22 23.52 -4.61 5.15
C GLY G 22 23.73 -5.93 5.88
N ALA G 23 24.99 -6.27 6.17
CA ALA G 23 25.33 -7.49 6.87
C ALA G 23 25.75 -7.18 8.31
N ALA G 24 25.59 -8.18 9.17
CA ALA G 24 26.00 -8.10 10.57
C ALA G 24 26.75 -9.35 10.95
N ILE G 25 27.68 -9.22 11.89
CA ILE G 25 28.49 -10.33 12.37
C ILE G 25 28.22 -10.55 13.85
N GLY G 26 28.16 -11.81 14.25
CA GLY G 26 27.81 -12.15 15.61
C GLY G 26 26.38 -12.64 15.73
N LEU G 27 25.77 -12.46 16.89
CA LEU G 27 24.37 -12.78 17.11
C LEU G 27 23.50 -11.53 17.06
N ALA G 28 23.90 -10.54 16.26
CA ALA G 28 23.29 -9.22 16.33
C ALA G 28 21.93 -9.15 15.65
N TRP G 29 21.72 -9.89 14.57
CA TRP G 29 20.48 -9.77 13.81
C TRP G 29 19.31 -10.53 14.42
N ILE G 30 19.55 -11.37 15.42
CA ILE G 30 18.46 -12.11 16.05
C ILE G 30 17.70 -11.17 16.98
N PRO G 31 16.36 -11.07 16.85
CA PRO G 31 15.61 -10.21 17.77
C PRO G 31 15.71 -10.62 19.23
N TYR G 32 16.07 -11.87 19.51
CA TYR G 32 16.30 -12.29 20.89
C TYR G 32 17.62 -11.78 21.44
N PHE G 33 18.60 -11.52 20.57
CA PHE G 33 19.93 -11.11 21.00
C PHE G 33 20.29 -9.69 20.57
N GLY G 34 19.41 -8.99 19.87
CA GLY G 34 19.73 -7.69 19.33
C GLY G 34 19.47 -6.54 20.27
N PRO G 35 19.62 -5.30 19.77
CA PRO G 35 19.45 -4.12 20.63
C PRO G 35 18.01 -3.86 21.02
N ALA G 36 17.78 -2.78 21.77
CA ALA G 36 16.44 -2.35 22.11
C ALA G 36 15.95 -1.38 21.03
N ALA G 37 14.83 -0.71 21.29
CA ALA G 37 14.28 0.22 20.30
C ALA G 37 15.21 1.41 20.07
N GLU G 38 15.76 1.97 21.14
CA GLU G 38 16.76 3.03 21.04
C GLU G 38 18.14 2.40 21.00
N GLY G 39 18.86 2.62 19.90
CA GLY G 39 20.15 1.97 19.69
C GLY G 39 20.32 1.55 18.26
N ILE G 40 19.29 1.80 17.44
CA ILE G 40 19.31 1.44 16.03
C ILE G 40 19.62 2.64 15.14
N TYR G 41 19.97 3.78 15.74
CA TYR G 41 20.13 5.04 15.01
C TYR G 41 21.60 5.33 14.74
N THR G 42 21.87 5.85 13.55
CA THR G 42 23.19 6.30 13.16
C THR G 42 23.16 7.82 12.97
N GLU G 43 24.18 8.49 13.49
CA GLU G 43 24.22 9.95 13.58
C GLU G 43 25.16 10.53 12.54
N GLY G 44 25.12 11.85 12.42
CA GLY G 44 26.03 12.53 11.50
C GLY G 44 26.05 14.01 11.79
N LEU G 45 26.74 14.74 10.91
CA LEU G 45 26.83 16.20 11.00
C LEU G 45 27.27 16.75 9.66
N MET G 46 26.66 17.86 9.26
CA MET G 46 26.99 18.51 7.99
C MET G 46 27.02 20.01 8.17
N HIS G 47 27.89 20.65 7.39
CA HIS G 47 28.08 22.09 7.40
C HIS G 47 27.41 22.73 6.20
N ASN G 48 27.20 24.04 6.28
CA ASN G 48 26.59 24.78 5.19
C ASN G 48 27.51 24.79 3.97
N GLN G 49 26.98 24.38 2.83
CA GLN G 49 27.71 24.37 1.57
C GLN G 49 26.86 25.11 0.55
N ASP G 50 27.14 26.41 0.39
CA ASP G 50 26.39 27.29 -0.50
C ASP G 50 24.91 27.37 -0.09
N GLY G 51 24.69 27.55 1.21
CA GLY G 51 23.34 27.77 1.71
C GLY G 51 22.38 26.62 1.52
N LEU G 52 22.87 25.39 1.61
CA LEU G 52 22.00 24.24 1.39
C LEU G 52 20.91 24.14 2.45
N ILE G 53 21.27 24.36 3.72
CA ILE G 53 20.33 24.13 4.81
C ILE G 53 19.23 25.19 4.82
N CYS G 54 19.59 26.46 4.60
CA CYS G 54 18.59 27.51 4.58
C CYS G 54 17.61 27.33 3.42
N GLY G 55 18.12 26.96 2.24
CA GLY G 55 17.24 26.64 1.13
C GLY G 55 16.36 25.44 1.41
N LEU G 56 16.89 24.46 2.14
CA LEU G 56 16.09 23.31 2.53
C LEU G 56 14.92 23.74 3.43
N ARG G 57 15.20 24.62 4.38
CA ARG G 57 14.13 25.12 5.27
C ARG G 57 13.09 25.89 4.48
N GLN G 58 13.54 26.70 3.51
CA GLN G 58 12.61 27.42 2.65
C GLN G 58 11.73 26.45 1.86
N LEU G 59 12.34 25.37 1.33
CA LEU G 59 11.57 24.41 0.55
C LEU G 59 10.49 23.72 1.37
N ALA G 60 10.84 23.31 2.60
CA ALA G 60 9.81 22.71 3.46
C ALA G 60 8.68 23.70 3.76
N ASN G 61 9.06 24.94 4.09
CA ASN G 61 8.07 25.96 4.41
C ASN G 61 7.17 26.26 3.21
N GLU G 62 7.67 26.09 2.00
CA GLU G 62 6.83 26.28 0.82
C GLU G 62 5.93 25.07 0.58
N THR G 63 6.42 23.87 0.86
CA THR G 63 5.68 22.65 0.53
C THR G 63 4.46 22.44 1.41
N THR G 64 4.53 22.90 2.67
CA THR G 64 3.47 22.60 3.65
C THR G 64 2.03 22.73 3.15
N GLN G 65 1.71 23.78 2.38
CA GLN G 65 0.31 24.02 2.00
C GLN G 65 -0.20 22.98 1.03
N ALA G 66 0.57 22.69 -0.03
CA ALA G 66 0.18 21.65 -0.97
C ALA G 66 0.11 20.30 -0.28
N LEU G 67 1.00 20.05 0.67
CA LEU G 67 0.92 18.80 1.43
C LEU G 67 -0.42 18.68 2.16
N GLN G 68 -0.84 19.76 2.83
CA GLN G 68 -2.11 19.72 3.56
C GLN G 68 -3.29 19.54 2.60
N LEU G 69 -3.26 20.23 1.47
CA LEU G 69 -4.34 20.10 0.50
C LEU G 69 -4.45 18.68 -0.03
N PHE G 70 -3.32 18.04 -0.31
CA PHE G 70 -3.35 16.63 -0.71
C PHE G 70 -3.91 15.75 0.39
N LEU G 71 -3.50 16.00 1.64
CA LEU G 71 -3.95 15.13 2.73
C LEU G 71 -5.44 15.23 2.98
N ARG G 72 -6.06 16.38 2.68
CA ARG G 72 -7.48 16.53 2.99
C ARG G 72 -8.37 15.59 2.18
N ALA G 73 -7.91 15.15 1.01
CA ALA G 73 -8.77 14.47 0.04
C ALA G 73 -8.58 12.95 0.03
N THR G 74 -8.35 12.34 1.20
CA THR G 74 -8.19 10.89 1.30
C THR G 74 -8.99 10.35 2.49
N THR G 75 -9.27 9.05 2.45
CA THR G 75 -10.02 8.39 3.51
C THR G 75 -9.16 7.49 4.39
N GLU G 76 -7.85 7.40 4.14
CA GLU G 76 -6.99 6.54 4.92
C GLU G 76 -6.75 7.11 6.32
N LEU G 77 -5.91 6.41 7.08
CA LEU G 77 -5.45 6.87 8.38
C LEU G 77 -3.95 7.12 8.42
N ARG G 78 -3.17 6.27 7.75
CA ARG G 78 -1.74 6.44 7.62
C ARG G 78 -1.35 6.27 6.15
N THR G 79 -0.42 7.11 5.68
CA THR G 79 -0.02 7.15 4.29
C THR G 79 1.44 6.76 4.16
N PHE G 80 1.71 5.77 3.30
CA PHE G 80 3.07 5.30 3.07
C PHE G 80 3.46 5.27 1.59
N SER G 81 2.60 5.74 0.69
CA SER G 81 2.74 5.44 -0.73
C SER G 81 2.98 6.70 -1.58
N ILE G 82 3.37 7.81 -0.97
CA ILE G 82 3.62 9.02 -1.75
C ILE G 82 4.82 8.83 -2.67
N LEU G 83 5.90 8.23 -2.15
CA LEU G 83 7.12 8.07 -2.94
C LEU G 83 6.93 7.03 -4.05
N ASN G 84 6.21 5.94 -3.75
CA ASN G 84 5.93 4.93 -4.77
C ASN G 84 5.09 5.51 -5.90
N ARG G 85 4.08 6.31 -5.55
CA ARG G 85 3.29 6.97 -6.58
C ARG G 85 4.14 7.96 -7.38
N LYS G 86 5.02 8.69 -6.70
CA LYS G 86 5.92 9.59 -7.42
C LYS G 86 6.75 8.83 -8.45
N ALA G 87 7.28 7.66 -8.06
CA ALA G 87 8.03 6.84 -8.99
C ALA G 87 7.16 6.35 -10.14
N ILE G 88 5.91 5.97 -9.84
CA ILE G 88 5.02 5.44 -10.87
C ILE G 88 4.74 6.50 -11.93
N ASP G 89 4.38 7.71 -11.50
CA ASP G 89 4.17 8.79 -12.47
C ASP G 89 5.47 9.19 -13.19
N PHE G 90 6.59 9.23 -12.49
CA PHE G 90 7.86 9.56 -13.14
C PHE G 90 8.16 8.56 -14.25
N LEU G 91 7.82 7.28 -14.04
CA LEU G 91 8.00 6.27 -15.07
C LEU G 91 6.95 6.40 -16.18
N LEU G 92 5.70 6.71 -15.82
CA LEU G 92 4.62 6.76 -16.80
C LEU G 92 4.75 7.94 -17.75
N GLN G 93 5.40 9.03 -17.30
CA GLN G 93 5.45 10.24 -18.11
C GLN G 93 6.13 10.01 -19.46
N ARG G 94 7.25 9.27 -19.48
CA ARG G 94 8.09 9.23 -20.66
C ARG G 94 7.80 8.05 -21.58
N TRP G 95 7.29 6.94 -21.06
CA TRP G 95 7.11 5.71 -21.85
C TRP G 95 5.71 5.72 -22.46
N ALA G 96 5.57 6.47 -23.57
CA ALA G 96 4.35 6.44 -24.35
C ALA G 96 4.62 6.33 -25.85
N ALA G 97 5.86 6.47 -26.29
CA ALA G 97 6.19 6.39 -27.71
C ALA G 97 7.63 5.92 -27.89
N SER H 1 -0.46 17.96 -5.76
CA SER H 1 0.28 19.14 -6.18
C SER H 1 1.56 19.32 -5.37
N ILE H 2 2.20 18.20 -5.06
CA ILE H 2 3.39 18.20 -4.20
C ILE H 2 4.61 18.62 -5.02
N PRO H 3 5.35 19.65 -4.59
CA PRO H 3 6.60 20.00 -5.27
C PRO H 3 7.80 19.24 -4.69
N LEU H 4 8.76 18.95 -5.57
CA LEU H 4 9.99 18.32 -5.16
C LEU H 4 11.19 19.11 -5.70
N GLY H 5 12.29 19.03 -4.98
CA GLY H 5 13.51 19.74 -5.34
C GLY H 5 14.67 18.78 -5.53
N VAL H 6 15.40 18.97 -6.62
CA VAL H 6 16.57 18.16 -6.93
C VAL H 6 17.82 18.90 -6.45
N ILE H 7 18.85 18.13 -6.12
CA ILE H 7 20.10 18.63 -5.58
C ILE H 7 21.23 18.20 -6.51
N HIS H 8 22.03 19.16 -6.97
CA HIS H 8 23.18 18.85 -7.81
C HIS H 8 24.23 19.95 -7.64
N ASN H 9 25.48 19.53 -7.41
CA ASN H 9 26.59 20.45 -7.19
C ASN H 9 26.32 21.37 -6.01
N SER H 10 25.71 20.83 -4.96
CA SER H 10 25.30 21.58 -3.78
C SER H 10 24.33 22.70 -4.11
N THR H 11 23.63 22.58 -5.24
CA THR H 11 22.65 23.56 -5.68
C THR H 11 21.27 22.92 -5.67
N LEU H 12 20.30 23.61 -5.09
CA LEU H 12 18.94 23.12 -4.95
C LEU H 12 18.05 23.78 -5.98
N GLN H 13 17.16 23.00 -6.60
CA GLN H 13 16.29 23.53 -7.64
C GLN H 13 14.96 22.79 -7.61
N VAL H 14 13.86 23.54 -7.46
CA VAL H 14 12.52 22.96 -7.36
C VAL H 14 11.97 22.75 -8.76
N SER H 15 11.54 21.53 -9.05
CA SER H 15 11.12 21.19 -10.40
C SER H 15 9.75 20.50 -10.38
N ASP H 16 8.98 20.74 -11.44
CA ASP H 16 7.67 20.15 -11.62
C ASP H 16 7.80 18.93 -12.55
N VAL H 17 6.73 18.28 -12.99
CA VAL H 17 6.81 17.02 -13.71
C VAL H 17 7.29 17.22 -15.16
N ASP H 18 6.74 18.22 -15.85
CA ASP H 18 7.07 18.39 -17.27
C ASP H 18 8.47 18.98 -17.44
N LYS H 19 8.91 19.81 -16.50
CA LYS H 19 10.29 20.29 -16.50
C LYS H 19 11.16 19.23 -15.84
N LEU H 20 11.65 18.29 -16.66
CA LEU H 20 12.49 17.21 -16.16
C LEU H 20 13.46 16.77 -17.26
N VAL H 21 14.70 17.25 -17.18
CA VAL H 21 15.68 17.08 -18.25
C VAL H 21 16.09 15.61 -18.32
N CYS H 22 16.60 15.19 -19.48
CA CYS H 22 17.12 13.83 -19.64
C CYS H 22 18.35 13.58 -18.79
N ARG H 23 19.04 14.64 -18.35
CA ARG H 23 20.17 14.47 -17.44
C ARG H 23 19.74 13.83 -16.13
N ASP H 24 18.49 14.10 -15.70
CA ASP H 24 17.96 13.55 -14.46
C ASP H 24 17.98 12.03 -14.48
N LYS H 25 18.57 11.43 -13.45
CA LYS H 25 18.75 9.99 -13.38
C LYS H 25 18.16 9.47 -12.09
N LEU H 26 17.28 8.49 -12.18
CA LEU H 26 16.74 7.78 -11.02
C LEU H 26 16.84 6.29 -11.31
N SER H 27 17.82 5.64 -10.70
CA SER H 27 18.10 4.22 -10.97
C SER H 27 17.73 3.31 -9.80
N SER H 28 17.11 3.85 -8.75
CA SER H 28 16.71 3.01 -7.62
C SER H 28 15.65 3.76 -6.83
N THR H 29 14.95 3.02 -5.97
CA THR H 29 13.97 3.60 -5.07
C THR H 29 14.57 4.06 -3.75
N ASN H 30 15.89 3.95 -3.60
CA ASN H 30 16.56 4.45 -2.40
C ASN H 30 17.04 5.88 -2.55
N GLN H 31 16.94 6.46 -3.74
CA GLN H 31 17.30 7.86 -3.93
C GLN H 31 16.23 8.80 -3.39
N LEU H 32 14.96 8.43 -3.52
CA LEU H 32 13.89 9.24 -2.95
C LEU H 32 14.05 9.34 -1.44
N ARG H 33 13.93 10.56 -0.91
CA ARG H 33 14.13 10.77 0.52
C ARG H 33 13.09 11.75 1.05
N SER H 34 12.82 11.62 2.35
CA SER H 34 11.92 12.51 3.07
C SER H 34 12.59 12.94 4.35
N VAL H 35 12.57 14.23 4.65
CA VAL H 35 13.27 14.78 5.81
C VAL H 35 12.39 15.79 6.51
N GLY H 36 12.39 15.77 7.84
CA GLY H 36 11.61 16.67 8.66
C GLY H 36 12.53 17.62 9.42
N LEU H 37 12.22 18.91 9.31
CA LEU H 37 13.01 19.97 9.93
C LEU H 37 12.19 20.69 10.99
N ASN H 38 12.90 21.28 11.95
CA ASN H 38 12.31 21.98 13.08
C ASN H 38 12.19 23.47 12.80
N LEU H 39 11.29 24.12 13.55
CA LEU H 39 11.04 25.54 13.38
C LEU H 39 11.96 26.42 14.21
N GLU H 40 12.55 25.89 15.28
CA GLU H 40 13.46 26.68 16.11
C GLU H 40 14.76 27.03 15.37
N GLY H 41 15.03 26.40 14.24
CA GLY H 41 16.18 26.74 13.44
C GLY H 41 15.99 27.91 12.51
N ASN H 42 14.83 28.56 12.57
CA ASN H 42 14.56 29.77 11.80
C ASN H 42 14.54 31.02 12.65
N GLY H 43 14.76 30.90 13.95
CA GLY H 43 14.73 32.03 14.85
C GLY H 43 13.47 32.18 15.67
N VAL H 44 12.53 31.24 15.57
CA VAL H 44 11.28 31.34 16.31
C VAL H 44 11.55 31.19 17.80
N ALA H 45 10.74 31.88 18.61
CA ALA H 45 10.87 31.80 20.06
C ALA H 45 10.51 30.40 20.54
N THR H 46 11.06 30.03 21.70
CA THR H 46 10.89 28.70 22.27
C THR H 46 10.36 28.71 23.69
N ASP H 47 10.06 29.87 24.26
CA ASP H 47 9.57 29.92 25.63
C ASP H 47 8.19 29.27 25.73
N VAL H 48 7.88 28.77 26.92
CA VAL H 48 6.63 28.02 27.11
C VAL H 48 5.40 28.88 26.87
N PRO H 49 5.25 30.07 27.47
CA PRO H 49 4.06 30.88 27.18
C PRO H 49 4.06 31.48 25.78
N SER H 50 5.18 31.44 25.07
CA SER H 50 5.27 32.00 23.73
C SER H 50 4.99 30.99 22.63
N VAL H 51 4.72 29.73 22.97
CA VAL H 51 4.38 28.72 21.99
C VAL H 51 3.01 28.09 22.23
N THR H 52 2.50 28.10 23.47
CA THR H 52 1.15 27.64 23.74
C THR H 52 0.10 28.51 23.06
N LYS H 53 0.49 29.70 22.61
CA LYS H 53 -0.43 30.62 21.96
C LYS H 53 -0.82 30.20 20.54
N ARG H 54 -0.16 29.19 19.96
CA ARG H 54 -0.40 28.82 18.58
C ARG H 54 -1.17 27.51 18.42
N TRP H 55 -1.76 26.99 19.49
CA TRP H 55 -2.52 25.74 19.44
C TRP H 55 -3.96 26.01 19.87
N GLY H 56 -4.91 25.54 19.08
CA GLY H 56 -6.31 25.85 19.34
C GLY H 56 -7.23 24.67 19.08
N PHE H 57 -8.30 24.61 19.87
CA PHE H 57 -9.25 23.50 19.84
C PHE H 57 -10.35 23.73 18.83
N ARG H 58 -10.70 22.66 18.09
CA ARG H 58 -11.84 22.70 17.18
C ARG H 58 -12.52 21.33 17.18
N SER H 59 -13.72 21.29 16.64
CA SER H 59 -14.49 20.05 16.50
C SER H 59 -15.16 20.03 15.13
N GLY H 60 -14.94 18.95 14.38
CA GLY H 60 -15.59 18.79 13.10
C GLY H 60 -14.71 18.32 11.97
N VAL H 61 -13.43 18.06 12.26
CA VAL H 61 -12.47 17.63 11.25
C VAL H 61 -11.77 16.36 11.73
N PRO H 62 -11.52 15.39 10.84
CA PRO H 62 -10.78 14.18 11.25
C PRO H 62 -9.28 14.35 11.04
N PRO H 63 -8.46 13.67 11.84
CA PRO H 63 -7.01 13.80 11.73
C PRO H 63 -6.39 12.86 10.70
N LYS H 64 -5.17 13.20 10.30
CA LYS H 64 -4.40 12.43 9.32
C LYS H 64 -2.94 12.42 9.74
N VAL H 65 -2.18 11.42 9.25
CA VAL H 65 -0.76 11.28 9.56
C VAL H 65 0.01 10.90 8.29
N VAL H 66 1.32 11.18 8.32
CA VAL H 66 2.27 10.73 7.30
C VAL H 66 3.51 10.21 8.01
N ASN H 67 4.45 9.67 7.24
CA ASN H 67 5.60 8.99 7.80
C ASN H 67 6.92 9.68 7.44
N TYR H 68 7.96 9.36 8.20
CA TYR H 68 9.27 9.99 8.13
C TYR H 68 10.35 8.96 7.84
N GLU H 69 11.53 9.45 7.46
CA GLU H 69 12.72 8.62 7.44
C GLU H 69 13.87 9.19 8.26
N ALA H 70 14.11 10.49 8.22
CA ALA H 70 15.23 11.13 8.88
C ALA H 70 14.74 12.17 9.89
N GLY H 71 15.67 12.80 10.56
CA GLY H 71 15.35 13.79 11.57
C GLY H 71 16.46 14.81 11.76
N GLU H 72 16.45 15.45 12.93
CA GLU H 72 17.43 16.47 13.26
C GLU H 72 17.43 16.65 14.77
N TRP H 73 18.62 16.86 15.34
CA TRP H 73 18.72 17.02 16.79
C TRP H 73 17.99 18.27 17.24
N ALA H 74 17.22 18.13 18.32
CA ALA H 74 16.38 19.21 18.83
C ALA H 74 16.89 19.67 20.19
N GLU H 75 16.75 20.97 20.44
CA GLU H 75 17.11 21.55 21.73
C GLU H 75 15.97 21.53 22.73
N ASN H 76 14.74 21.77 22.27
CA ASN H 76 13.58 21.87 23.15
C ASN H 76 12.49 20.90 22.69
N CYS H 77 11.84 20.27 23.67
CA CYS H 77 10.74 19.36 23.42
C CYS H 77 9.60 19.70 24.36
N TYR H 78 8.42 19.16 24.07
CA TYR H 78 7.22 19.45 24.86
C TYR H 78 6.47 18.16 25.15
N ASN H 79 5.78 18.15 26.29
CA ASN H 79 5.01 17.00 26.74
C ASN H 79 3.85 17.50 27.59
N LEU H 80 2.67 17.63 26.99
CA LEU H 80 1.52 18.21 27.66
C LEU H 80 0.59 17.13 28.21
N GLU H 81 -0.19 17.52 29.21
CA GLU H 81 -1.23 16.68 29.81
C GLU H 81 -2.23 17.63 30.43
N ILE H 82 -3.42 17.73 29.84
CA ILE H 82 -4.40 18.75 30.18
C ILE H 82 -5.69 18.07 30.61
N LYS H 83 -6.37 18.65 31.60
CA LYS H 83 -7.60 18.10 32.12
C LYS H 83 -8.67 19.19 32.18
N LYS H 84 -9.93 18.76 32.07
CA LYS H 84 -11.05 19.67 32.23
C LYS H 84 -11.27 19.99 33.71
N PRO H 85 -11.94 21.10 34.01
CA PRO H 85 -12.15 21.48 35.43
C PRO H 85 -12.90 20.44 36.23
N ASP H 86 -13.80 19.67 35.60
CA ASP H 86 -14.57 18.66 36.33
C ASP H 86 -13.81 17.36 36.54
N GLY H 87 -12.67 17.18 35.89
CA GLY H 87 -11.91 15.95 36.01
C GLY H 87 -11.85 15.08 34.77
N SER H 88 -12.30 15.57 33.62
CA SER H 88 -12.26 14.81 32.39
C SER H 88 -10.97 15.07 31.63
N GLU H 89 -10.65 14.18 30.70
CA GLU H 89 -9.47 14.34 29.87
C GLU H 89 -9.80 15.14 28.61
N CYS H 90 -8.81 15.88 28.13
CA CYS H 90 -8.99 16.74 26.96
C CYS H 90 -8.29 16.22 25.71
N LEU H 91 -7.45 15.20 25.83
CA LEU H 91 -6.67 14.77 24.68
C LEU H 91 -6.82 13.26 24.45
N PRO H 92 -6.72 12.80 23.22
CA PRO H 92 -6.91 11.38 22.93
C PRO H 92 -5.68 10.56 23.26
N ALA H 93 -5.92 9.29 23.59
CA ALA H 93 -4.83 8.35 23.83
C ALA H 93 -4.10 8.04 22.53
N ALA H 94 -2.82 7.72 22.66
CA ALA H 94 -2.02 7.43 21.49
C ALA H 94 -2.43 6.08 20.89
N PRO H 95 -2.42 5.95 19.57
CA PRO H 95 -2.73 4.67 18.94
C PRO H 95 -1.51 3.73 19.02
N ASP H 96 -1.65 2.58 18.38
CA ASP H 96 -0.55 1.60 18.34
C ASP H 96 0.49 2.03 17.32
N GLY H 97 1.75 2.06 17.74
CA GLY H 97 2.85 2.44 16.88
C GLY H 97 3.31 3.88 16.99
N ILE H 98 2.88 4.61 18.02
CA ILE H 98 3.26 6.01 18.21
C ILE H 98 4.19 6.09 19.41
N ARG H 99 5.37 6.66 19.20
CA ARG H 99 6.37 6.81 20.25
C ARG H 99 6.96 8.21 20.19
N GLY H 100 7.55 8.62 21.31
CA GLY H 100 8.05 9.98 21.45
C GLY H 100 9.26 10.27 20.58
N PHE H 101 9.67 11.53 20.61
CA PHE H 101 10.81 11.97 19.81
C PHE H 101 12.11 11.37 20.35
N PRO H 102 12.97 10.83 19.49
CA PRO H 102 14.16 10.11 19.98
C PRO H 102 15.23 10.98 20.63
N ARG H 103 15.62 12.08 19.98
CA ARG H 103 16.83 12.82 20.34
C ARG H 103 16.51 14.29 20.59
N CYS H 104 16.40 14.69 21.85
CA CYS H 104 16.40 16.10 22.21
C CYS H 104 16.85 16.26 23.65
N ARG H 105 17.55 17.36 23.92
CA ARG H 105 18.25 17.52 25.19
C ARG H 105 17.32 17.96 26.32
N TYR H 106 16.45 18.93 26.06
CA TYR H 106 15.53 19.42 27.07
C TYR H 106 14.11 18.98 26.77
N VAL H 107 13.31 18.86 27.83
CA VAL H 107 11.90 18.50 27.73
C VAL H 107 11.12 19.32 28.75
N HIS H 108 10.12 20.06 28.29
CA HIS H 108 9.25 20.85 29.14
C HIS H 108 7.92 20.13 29.29
N LYS H 109 7.60 19.72 30.51
CA LYS H 109 6.35 19.03 30.79
C LYS H 109 5.40 19.98 31.52
N VAL H 110 4.13 19.97 31.09
CA VAL H 110 3.12 20.90 31.60
C VAL H 110 1.87 20.11 31.94
N SER H 111 1.37 20.31 33.16
CA SER H 111 0.12 19.70 33.61
C SER H 111 -0.75 20.78 34.22
N GLY H 112 -1.99 20.89 33.75
CA GLY H 112 -2.89 21.90 34.26
C GLY H 112 -4.23 21.84 33.54
N THR H 113 -5.11 22.73 33.95
CA THR H 113 -6.46 22.78 33.39
C THR H 113 -6.50 23.69 32.17
N GLY H 114 -7.69 23.78 31.56
CA GLY H 114 -7.88 24.61 30.40
C GLY H 114 -9.29 24.53 29.84
N PRO H 115 -9.70 25.57 29.11
CA PRO H 115 -11.04 25.61 28.49
C PRO H 115 -11.08 24.94 27.11
N CYS H 116 -11.12 23.62 27.11
CA CYS H 116 -11.15 22.83 25.87
C CYS H 116 -12.49 23.05 25.18
N ALA H 117 -12.46 23.76 24.05
CA ALA H 117 -13.70 24.09 23.34
C ALA H 117 -14.10 22.98 22.38
N GLY H 118 -13.18 22.56 21.52
CA GLY H 118 -13.45 21.56 20.51
C GLY H 118 -13.01 20.18 20.94
N ASP H 119 -12.61 19.36 19.97
CA ASP H 119 -12.16 18.00 20.20
C ASP H 119 -10.67 17.80 19.91
N PHE H 120 -10.15 18.41 18.86
CA PHE H 120 -8.75 18.24 18.48
C PHE H 120 -8.05 19.59 18.45
N ALA H 121 -6.76 19.57 18.82
CA ALA H 121 -5.93 20.77 18.87
C ALA H 121 -5.12 20.86 17.57
N PHE H 122 -5.27 21.98 16.88
CA PHE H 122 -4.58 22.23 15.62
C PHE H 122 -3.64 23.42 15.77
N HIS H 123 -2.76 23.56 14.78
CA HIS H 123 -1.73 24.59 14.75
C HIS H 123 -2.24 25.75 13.89
N LYS H 124 -2.28 26.96 14.48
CA LYS H 124 -2.82 28.13 13.80
C LYS H 124 -1.96 28.60 12.64
N GLU H 125 -0.88 27.90 12.32
CA GLU H 125 0.02 28.31 11.25
C GLU H 125 0.10 27.32 10.10
N GLY H 126 -0.38 26.09 10.27
CA GLY H 126 -0.31 25.09 9.24
C GLY H 126 0.93 24.21 9.26
N ALA H 127 1.55 24.01 10.41
CA ALA H 127 2.73 23.17 10.54
C ALA H 127 2.35 21.85 11.19
N PHE H 128 3.35 20.99 11.39
CA PHE H 128 3.14 19.63 11.88
C PHE H 128 3.79 19.43 13.25
N PHE H 129 3.21 18.49 13.99
CA PHE H 129 3.77 17.97 15.23
C PHE H 129 4.54 16.70 14.91
N LEU H 130 5.76 16.59 15.42
CA LEU H 130 6.68 15.54 15.03
C LEU H 130 6.86 14.54 16.16
N TYR H 131 6.67 13.26 15.83
CA TYR H 131 6.85 12.10 16.70
C TYR H 131 7.91 11.19 16.09
N ASP H 132 8.01 9.97 16.64
CA ASP H 132 9.02 9.02 16.17
C ASP H 132 8.67 8.52 14.77
N ARG H 133 9.23 9.18 13.75
CA ARG H 133 9.08 8.81 12.34
C ARG H 133 7.64 8.92 11.84
N LEU H 134 6.76 9.56 12.61
CA LEU H 134 5.39 9.82 12.17
C LEU H 134 5.05 11.28 12.43
N ALA H 135 4.58 11.97 11.40
CA ALA H 135 4.20 13.37 11.50
C ALA H 135 2.68 13.48 11.40
N SER H 136 2.06 14.07 12.42
CA SER H 136 0.61 14.13 12.52
C SER H 136 0.12 15.57 12.38
N THR H 137 -1.20 15.72 12.48
CA THR H 137 -1.85 17.02 12.44
C THR H 137 -2.50 17.40 13.77
N VAL H 138 -2.55 16.47 14.72
CA VAL H 138 -3.14 16.71 16.03
C VAL H 138 -2.13 16.31 17.10
N ILE H 139 -2.56 16.41 18.36
CA ILE H 139 -1.70 16.18 19.51
C ILE H 139 -2.25 15.00 20.30
N TYR H 140 -1.39 14.02 20.55
CA TYR H 140 -1.72 12.86 21.38
C TYR H 140 -1.22 13.06 22.80
N ARG H 141 -1.89 12.43 23.74
CA ARG H 141 -1.64 12.68 25.16
C ARG H 141 -0.38 11.96 25.63
N GLY H 142 0.47 12.69 26.36
CA GLY H 142 1.59 12.08 27.05
C GLY H 142 2.73 11.59 26.18
N THR H 143 2.87 12.13 24.97
CA THR H 143 3.92 11.72 24.06
C THR H 143 4.75 12.94 23.68
N THR H 144 6.06 12.84 23.85
CA THR H 144 6.96 13.95 23.56
C THR H 144 7.05 14.18 22.06
N PHE H 145 6.88 15.43 21.64
CA PHE H 145 6.88 15.79 20.23
C PHE H 145 7.75 17.02 20.01
N ALA H 146 7.93 17.38 18.74
CA ALA H 146 8.55 18.63 18.34
C ALA H 146 7.62 19.35 17.36
N GLU H 147 8.04 20.52 16.89
CA GLU H 147 7.26 21.30 15.93
C GLU H 147 8.09 21.50 14.68
N GLY H 148 7.51 21.21 13.52
CA GLY H 148 8.28 21.33 12.30
C GLY H 148 7.48 21.03 11.05
N VAL H 149 8.21 20.85 9.96
CA VAL H 149 7.63 20.65 8.63
C VAL H 149 8.44 19.59 7.89
N VAL H 150 7.92 19.16 6.73
CA VAL H 150 8.44 18.03 5.99
C VAL H 150 8.88 18.48 4.60
N ALA H 151 9.82 17.74 4.00
CA ALA H 151 10.28 17.99 2.65
C ALA H 151 10.61 16.69 1.96
N PHE H 152 10.37 16.64 0.65
CA PHE H 152 10.64 15.47 -0.19
C PHE H 152 11.72 15.84 -1.19
N LEU H 153 12.73 14.97 -1.33
CA LEU H 153 13.88 15.28 -2.16
C LEU H 153 14.30 14.07 -2.98
N ILE H 154 15.02 14.35 -4.06
CA ILE H 154 15.75 13.35 -4.83
C ILE H 154 17.23 13.56 -4.53
N LEU H 155 17.88 12.53 -4.01
CA LEU H 155 19.26 12.66 -3.56
C LEU H 155 20.21 12.69 -4.75
N ALA H 156 21.47 13.04 -4.46
CA ALA H 156 22.49 13.15 -5.50
C ALA H 156 22.80 11.78 -6.08
N ALA H 157 23.08 11.76 -7.39
CA ALA H 157 23.37 10.52 -8.09
C ALA H 157 24.66 9.87 -7.60
N GLU I 1 39.45 -37.77 2.83
CA GLU I 1 40.22 -36.90 3.71
C GLU I 1 40.22 -35.46 3.19
N VAL I 2 39.96 -34.51 4.08
CA VAL I 2 39.91 -33.11 3.70
C VAL I 2 41.32 -32.55 3.59
N GLN I 3 41.62 -31.89 2.47
CA GLN I 3 42.92 -31.31 2.21
C GLN I 3 42.75 -29.83 1.88
N LEU I 4 43.45 -28.98 2.63
CA LEU I 4 43.48 -27.55 2.42
C LEU I 4 44.91 -27.12 2.14
N VAL I 5 45.14 -26.40 1.05
CA VAL I 5 46.47 -25.98 0.64
C VAL I 5 46.45 -24.49 0.36
N GLU I 6 47.38 -23.76 0.97
CA GLU I 6 47.52 -22.32 0.76
C GLU I 6 48.66 -22.04 -0.22
N SER I 7 48.57 -20.90 -0.90
CA SER I 7 49.62 -20.51 -1.84
C SER I 7 49.54 -19.01 -2.08
N GLY I 8 50.67 -18.45 -2.52
CA GLY I 8 50.78 -17.06 -2.90
C GLY I 8 51.64 -16.20 -1.99
N GLY I 9 51.95 -16.68 -0.79
CA GLY I 9 52.70 -15.86 0.14
C GLY I 9 54.17 -15.74 -0.22
N GLY I 10 54.81 -14.71 0.31
CA GLY I 10 56.22 -14.46 0.05
C GLY I 10 56.74 -13.15 0.60
N LEU I 11 57.51 -12.43 -0.21
CA LEU I 11 58.11 -11.16 0.19
C LEU I 11 57.72 -10.07 -0.81
N VAL I 12 57.39 -8.89 -0.27
CA VAL I 12 56.98 -7.75 -1.09
C VAL I 12 57.60 -6.49 -0.51
N LYS I 13 57.61 -5.44 -1.34
CA LYS I 13 58.14 -4.15 -0.92
C LYS I 13 57.07 -3.34 -0.19
N ARG I 14 57.48 -2.19 0.33
CA ARG I 14 56.56 -1.33 1.06
C ARG I 14 55.53 -0.70 0.13
N GLY I 15 54.28 -0.69 0.57
CA GLY I 15 53.21 -0.09 -0.20
C GLY I 15 52.72 -0.91 -1.38
N GLY I 16 53.15 -2.16 -1.50
CA GLY I 16 52.81 -2.99 -2.64
C GLY I 16 51.47 -3.67 -2.49
N SER I 17 51.31 -4.75 -3.27
CA SER I 17 50.06 -5.51 -3.30
C SER I 17 50.39 -6.99 -3.27
N LEU I 18 49.42 -7.78 -2.80
CA LEU I 18 49.61 -9.23 -2.75
C LEU I 18 48.28 -9.93 -2.90
N ARG I 19 48.34 -11.19 -3.34
CA ARG I 19 47.16 -12.02 -3.50
C ARG I 19 47.46 -13.43 -3.01
N LEU I 20 46.47 -14.05 -2.37
CA LEU I 20 46.61 -15.36 -1.77
C LEU I 20 45.44 -16.26 -2.18
N SER I 21 45.71 -17.57 -2.25
CA SER I 21 44.71 -18.54 -2.65
C SER I 21 44.72 -19.73 -1.69
N CYS I 22 43.53 -20.29 -1.48
CA CYS I 22 43.34 -21.49 -0.66
C CYS I 22 42.50 -22.48 -1.45
N VAL I 23 42.97 -23.72 -1.52
CA VAL I 23 42.35 -24.77 -2.34
C VAL I 23 41.93 -25.90 -1.42
N VAL I 24 40.71 -26.40 -1.64
CA VAL I 24 40.07 -27.37 -0.77
C VAL I 24 39.65 -28.58 -1.60
N SER I 25 39.95 -29.79 -1.11
CA SER I 25 39.53 -31.00 -1.80
C SER I 25 39.23 -32.09 -0.79
N GLY I 26 38.08 -32.75 -0.95
CA GLY I 26 37.73 -33.86 -0.09
C GLY I 26 36.28 -33.93 0.32
N TYR I 27 35.48 -32.92 -0.02
CA TYR I 27 34.10 -32.82 0.40
C TYR I 27 33.40 -31.75 -0.44
N THR I 28 32.15 -31.44 -0.10
CA THR I 28 31.35 -30.51 -0.88
C THR I 28 31.76 -29.08 -0.55
N PHE I 29 32.27 -28.36 -1.55
CA PHE I 29 32.78 -27.01 -1.34
C PHE I 29 31.64 -26.02 -1.05
N GLY I 30 30.57 -26.08 -1.83
CA GLY I 30 29.58 -25.02 -1.90
C GLY I 30 28.57 -24.94 -0.78
N GLY I 31 28.65 -25.81 0.23
CA GLY I 31 27.71 -25.79 1.32
C GLY I 31 28.19 -25.13 2.60
N TYR I 32 29.39 -24.54 2.60
CA TYR I 32 29.97 -24.03 3.83
C TYR I 32 30.63 -22.68 3.58
N SER I 33 30.83 -21.95 4.67
CA SER I 33 31.49 -20.65 4.69
C SER I 33 32.93 -20.79 5.17
N MET I 34 33.77 -19.84 4.76
CA MET I 34 35.20 -19.89 5.03
C MET I 34 35.69 -18.58 5.61
N HIS I 35 36.84 -18.65 6.29
CA HIS I 35 37.38 -17.51 7.01
C HIS I 35 38.91 -17.51 6.93
N TRP I 36 39.50 -16.36 7.23
CA TRP I 36 40.94 -16.18 7.26
C TRP I 36 41.40 -15.83 8.68
N VAL I 37 42.51 -16.43 9.11
CA VAL I 37 43.11 -16.16 10.41
C VAL I 37 44.60 -15.93 10.21
N ARG I 38 45.23 -15.24 11.16
CA ARG I 38 46.65 -14.93 11.03
C ARG I 38 47.33 -14.88 12.40
N GLN I 39 48.62 -15.22 12.41
CA GLN I 39 49.43 -15.25 13.62
C GLN I 39 50.73 -14.50 13.39
N ALA I 40 51.21 -13.85 14.45
CA ALA I 40 52.34 -12.94 14.52
C ALA I 40 53.64 -13.70 14.82
N PRO I 41 54.76 -12.99 14.94
CA PRO I 41 56.05 -13.63 15.26
C PRO I 41 56.12 -14.41 16.56
N GLY I 42 54.99 -14.67 17.22
CA GLY I 42 55.05 -15.29 18.53
C GLY I 42 54.15 -14.70 19.59
N LYS I 43 53.07 -14.06 19.16
CA LYS I 43 52.00 -13.65 20.07
C LYS I 43 50.75 -14.45 19.68
N GLY I 44 49.61 -14.09 20.26
CA GLY I 44 48.38 -14.83 20.05
C GLY I 44 47.84 -14.72 18.65
N LEU I 45 46.55 -15.02 18.51
CA LEU I 45 45.89 -15.09 17.23
C LEU I 45 44.92 -13.93 17.05
N GLU I 46 44.55 -13.66 15.80
CA GLU I 46 43.64 -12.59 15.47
C GLU I 46 42.83 -12.96 14.24
N TRP I 47 41.57 -12.50 14.19
CA TRP I 47 40.66 -12.79 13.10
C TRP I 47 40.68 -11.66 12.08
N VAL I 48 40.53 -12.02 10.80
CA VAL I 48 40.64 -11.04 9.72
C VAL I 48 39.33 -10.83 8.99
N SER I 49 38.82 -11.89 8.33
CA SER I 49 37.65 -11.73 7.47
C SER I 49 36.99 -13.09 7.22
N GLY I 50 35.79 -13.03 6.67
CA GLY I 50 35.02 -14.23 6.37
C GLY I 50 34.00 -13.98 5.30
N ILE I 51 33.63 -15.05 4.58
CA ILE I 51 32.69 -14.96 3.47
C ILE I 51 31.60 -16.02 3.68
N SER I 52 30.56 -15.95 2.85
CA SER I 52 29.41 -16.84 2.93
C SER I 52 29.38 -17.79 1.74
N SER I 53 28.39 -18.68 1.73
CA SER I 53 28.33 -19.74 0.73
C SER I 53 27.90 -19.20 -0.63
N SER I 54 26.91 -18.31 -0.66
CA SER I 54 26.37 -17.77 -1.89
C SER I 54 27.03 -16.47 -2.32
N SER I 55 28.08 -16.04 -1.61
CA SER I 55 28.77 -14.79 -1.88
C SER I 55 27.86 -13.59 -1.71
N TYR I 56 26.89 -13.69 -0.80
CA TYR I 56 25.99 -12.56 -0.54
C TYR I 56 26.45 -11.71 0.63
N TYR I 57 27.06 -12.29 1.64
CA TYR I 57 27.55 -11.59 2.81
C TYR I 57 29.06 -11.62 2.86
N LYS I 58 29.66 -10.49 3.23
CA LYS I 58 31.10 -10.40 3.44
C LYS I 58 31.36 -9.72 4.78
N TYR I 59 32.46 -10.08 5.42
CA TYR I 59 32.84 -9.44 6.68
C TYR I 59 34.30 -9.03 6.63
N TYR I 60 34.61 -7.97 7.38
CA TYR I 60 35.96 -7.42 7.43
C TYR I 60 36.27 -6.95 8.84
N ALA I 61 37.55 -6.82 9.14
CA ALA I 61 38.01 -6.34 10.43
C ALA I 61 38.35 -4.85 10.36
N ASP I 62 38.28 -4.18 11.50
CA ASP I 62 38.52 -2.75 11.55
C ASP I 62 39.95 -2.40 11.12
N SER I 63 40.92 -3.22 11.54
CA SER I 63 42.32 -2.92 11.25
C SER I 63 42.66 -3.10 9.78
N VAL I 64 41.77 -3.69 8.98
CA VAL I 64 42.07 -3.92 7.57
C VAL I 64 40.91 -3.43 6.71
N LYS I 65 39.93 -2.78 7.35
CA LYS I 65 38.77 -2.28 6.63
C LYS I 65 39.22 -1.20 5.64
N GLY I 66 38.74 -1.31 4.40
CA GLY I 66 39.11 -0.38 3.36
C GLY I 66 40.39 -0.71 2.62
N ARG I 67 40.99 -1.86 2.89
CA ARG I 67 42.25 -2.25 2.29
C ARG I 67 42.23 -3.62 1.64
N PHE I 68 41.39 -4.54 2.11
CA PHE I 68 41.40 -5.93 1.66
C PHE I 68 40.15 -6.24 0.85
N THR I 69 40.21 -7.36 0.13
CA THR I 69 39.07 -7.86 -0.63
C THR I 69 39.06 -9.39 -0.57
N ILE I 70 37.88 -9.96 -0.31
CA ILE I 70 37.73 -11.40 -0.19
C ILE I 70 36.78 -11.91 -1.27
N SER I 71 37.07 -13.11 -1.78
CA SER I 71 36.22 -13.69 -2.81
C SER I 71 36.34 -15.20 -2.78
N ARG I 72 35.40 -15.87 -3.43
CA ARG I 72 35.39 -17.32 -3.50
C ARG I 72 34.80 -17.77 -4.83
N ASP I 73 35.10 -19.00 -5.22
CA ASP I 73 34.55 -19.61 -6.41
C ASP I 73 34.25 -21.08 -6.14
N ASN I 74 32.99 -21.46 -6.31
CA ASN I 74 32.57 -22.83 -6.06
C ASN I 74 32.87 -23.75 -7.23
N ALA I 75 33.16 -23.19 -8.41
CA ALA I 75 33.38 -24.03 -9.59
C ALA I 75 34.65 -24.85 -9.46
N LYS I 76 35.74 -24.21 -9.04
CA LYS I 76 37.01 -24.89 -8.84
C LYS I 76 37.41 -24.97 -7.37
N ASN I 77 36.47 -24.69 -6.45
CA ASN I 77 36.69 -24.84 -5.02
C ASN I 77 37.86 -24.00 -4.53
N SER I 78 37.81 -22.70 -4.82
CA SER I 78 38.93 -21.81 -4.55
C SER I 78 38.49 -20.64 -3.69
N LEU I 79 39.40 -20.16 -2.84
CA LEU I 79 39.17 -19.00 -1.99
C LEU I 79 40.31 -18.00 -2.20
N TYR I 80 39.97 -16.75 -2.51
CA TYR I 80 40.95 -15.75 -2.88
C TYR I 80 40.89 -14.56 -1.92
N LEU I 81 42.08 -14.02 -1.61
CA LEU I 81 42.20 -12.81 -0.82
C LEU I 81 43.17 -11.86 -1.51
N GLN I 82 42.81 -10.58 -1.56
CA GLN I 82 43.64 -9.54 -2.17
C GLN I 82 43.91 -8.46 -1.15
N MET I 83 45.19 -8.13 -0.95
CA MET I 83 45.59 -7.13 0.03
C MET I 83 46.39 -6.02 -0.66
N ASN I 84 46.08 -4.78 -0.30
CA ASN I 84 46.66 -3.59 -0.91
C ASN I 84 47.10 -2.63 0.17
N SER I 85 48.06 -1.76 -0.18
CA SER I 85 48.60 -0.74 0.72
C SER I 85 49.19 -1.40 1.98
N LEU I 86 50.22 -2.21 1.75
CA LEU I 86 50.79 -3.03 2.81
C LEU I 86 51.70 -2.20 3.71
N ARG I 87 51.65 -2.50 5.01
CA ARG I 87 52.47 -1.84 6.01
C ARG I 87 53.38 -2.85 6.71
N ALA I 88 54.17 -2.35 7.66
CA ALA I 88 55.16 -3.19 8.32
C ALA I 88 54.53 -4.24 9.23
N GLU I 89 53.29 -4.04 9.68
CA GLU I 89 52.65 -4.96 10.61
C GLU I 89 52.02 -6.17 9.94
N ASP I 90 52.09 -6.26 8.60
CA ASP I 90 51.48 -7.36 7.86
C ASP I 90 52.47 -8.46 7.52
N THR I 91 53.48 -8.68 8.36
CA THR I 91 54.41 -9.79 8.22
C THR I 91 54.01 -10.86 9.23
N ALA I 92 53.47 -11.97 8.74
CA ALA I 92 52.82 -12.93 9.63
C ALA I 92 52.64 -14.26 8.88
N VAL I 93 51.89 -15.17 9.50
CA VAL I 93 51.55 -16.46 8.91
C VAL I 93 50.03 -16.56 8.84
N TYR I 94 49.52 -16.92 7.66
CA TYR I 94 48.10 -16.88 7.35
C TYR I 94 47.55 -18.30 7.19
N TYR I 95 46.31 -18.48 7.65
CA TYR I 95 45.59 -19.74 7.56
C TYR I 95 44.20 -19.50 6.98
N CYS I 96 43.72 -20.45 6.18
CA CYS I 96 42.34 -20.48 5.73
C CYS I 96 41.61 -21.59 6.49
N ALA I 97 40.45 -21.25 7.06
CA ALA I 97 39.77 -22.16 7.98
C ALA I 97 38.30 -22.31 7.60
N ARG I 98 37.74 -23.45 7.99
CA ARG I 98 36.34 -23.79 7.75
C ARG I 98 35.60 -23.92 9.08
N ASP I 99 34.31 -23.59 9.05
CA ASP I 99 33.48 -23.61 10.26
C ASP I 99 32.17 -24.34 9.99
N MET I 100 31.55 -24.80 11.06
CA MET I 100 30.23 -25.41 11.00
C MET I 100 29.16 -24.33 10.98
N GLY I 101 28.18 -24.48 10.10
CA GLY I 101 27.20 -23.43 9.87
C GLY I 101 26.03 -23.40 10.84
N TYR I 102 26.26 -22.91 12.05
CA TYR I 102 25.18 -22.77 13.02
C TYR I 102 24.35 -21.52 12.82
N CYS I 103 24.82 -20.57 12.02
CA CYS I 103 24.13 -19.31 11.79
C CYS I 103 23.88 -19.12 10.30
N SER I 104 22.88 -18.30 9.97
CA SER I 104 22.28 -18.32 8.64
C SER I 104 23.27 -17.91 7.55
N GLY I 105 24.04 -16.86 7.76
CA GLY I 105 24.91 -16.37 6.70
C GLY I 105 26.37 -16.72 6.88
N GLY I 106 26.69 -17.39 7.98
CA GLY I 106 28.05 -17.65 8.37
C GLY I 106 28.63 -16.64 9.33
N SER I 107 27.88 -16.26 10.37
CA SER I 107 28.27 -15.20 11.28
C SER I 107 28.70 -15.73 12.65
N CYS I 108 28.64 -17.03 12.87
CA CYS I 108 28.92 -17.63 14.17
C CYS I 108 29.98 -18.72 13.99
N PRO I 109 31.22 -18.33 13.67
CA PRO I 109 32.22 -19.30 13.22
C PRO I 109 32.75 -20.15 14.38
N ASN I 110 32.69 -21.47 14.20
CA ASN I 110 33.30 -22.45 15.09
C ASN I 110 34.25 -23.27 14.22
N PHE I 111 35.49 -22.82 14.10
CA PHE I 111 36.45 -23.44 13.20
C PHE I 111 36.68 -24.89 13.58
N ASP I 112 36.67 -25.78 12.58
CA ASP I 112 36.92 -27.19 12.80
C ASP I 112 37.91 -27.81 11.82
N PHE I 113 38.22 -27.15 10.71
CA PHE I 113 39.27 -27.60 9.79
C PHE I 113 40.18 -26.44 9.46
N TRP I 114 41.48 -26.64 9.67
CA TRP I 114 42.51 -25.67 9.36
C TRP I 114 43.41 -26.19 8.26
N GLY I 115 44.20 -25.29 7.69
CA GLY I 115 45.18 -25.66 6.68
C GLY I 115 46.56 -25.87 7.28
N GLN I 116 47.57 -25.26 6.68
CA GLN I 116 48.93 -25.32 7.22
C GLN I 116 49.63 -23.96 7.34
N GLY I 117 49.15 -22.93 6.66
CA GLY I 117 49.63 -21.58 6.90
C GLY I 117 50.82 -21.21 6.03
N THR I 118 50.72 -20.07 5.37
CA THR I 118 51.80 -19.54 4.54
C THR I 118 52.35 -18.28 5.20
N THR I 119 53.50 -17.82 4.71
CA THR I 119 54.19 -16.70 5.33
C THR I 119 54.17 -15.47 4.41
N VAL I 120 54.03 -14.30 5.01
CA VAL I 120 54.08 -13.03 4.29
C VAL I 120 55.06 -12.11 5.00
N THR I 121 56.00 -11.56 4.25
CA THR I 121 57.03 -10.67 4.79
C THR I 121 57.11 -9.42 3.94
N VAL I 122 57.20 -8.26 4.59
CA VAL I 122 57.31 -6.98 3.90
C VAL I 122 58.21 -6.06 4.72
N SER I 123 59.35 -5.67 4.14
CA SER I 123 60.30 -4.77 4.78
C SER I 123 61.32 -4.35 3.74
N SER I 124 62.15 -3.37 4.11
CA SER I 124 63.21 -2.89 3.23
C SER I 124 64.45 -3.76 3.33
N ILE J 1 35.30 -7.60 22.87
CA ILE J 1 35.42 -8.30 24.14
C ILE J 1 36.86 -8.78 24.33
N GLN J 2 37.36 -8.65 25.56
CA GLN J 2 38.72 -9.03 25.89
C GLN J 2 38.72 -10.21 26.87
N MET J 3 39.72 -11.06 26.73
CA MET J 3 39.83 -12.30 27.48
C MET J 3 41.00 -12.21 28.45
N THR J 4 41.02 -13.12 29.43
CA THR J 4 42.10 -13.17 30.42
C THR J 4 42.25 -14.61 30.88
N GLN J 5 43.25 -15.30 30.32
CA GLN J 5 43.55 -16.68 30.68
C GLN J 5 44.89 -16.73 31.40
N SER J 6 44.94 -17.49 32.49
CA SER J 6 46.13 -17.58 33.33
C SER J 6 46.17 -18.92 34.05
N PRO J 7 47.35 -19.44 34.40
CA PRO J 7 48.69 -18.88 34.23
C PRO J 7 49.20 -18.97 32.78
N SER J 8 50.24 -18.20 32.44
CA SER J 8 50.79 -18.19 31.10
C SER J 8 51.87 -19.26 30.90
N SER J 9 52.26 -19.98 31.95
CA SER J 9 53.28 -21.01 31.86
C SER J 9 53.22 -21.94 33.05
N LEU J 10 53.20 -23.25 32.80
CA LEU J 10 53.13 -24.25 33.86
C LEU J 10 54.07 -25.40 33.52
N SER J 11 54.52 -26.09 34.57
CA SER J 11 55.41 -27.23 34.42
C SER J 11 54.99 -28.30 35.41
N ALA J 12 54.72 -29.50 34.90
CA ALA J 12 54.26 -30.60 35.75
C ALA J 12 54.76 -31.91 35.15
N SER J 13 54.77 -32.94 36.00
CA SER J 13 55.30 -34.24 35.63
C SER J 13 54.19 -35.15 35.11
N VAL J 14 54.61 -36.23 34.46
CA VAL J 14 53.66 -37.17 33.88
C VAL J 14 52.81 -37.80 34.97
N GLY J 15 51.50 -37.87 34.73
CA GLY J 15 50.56 -38.34 35.72
C GLY J 15 49.83 -37.27 36.49
N ASP J 16 49.98 -36.01 36.09
CA ASP J 16 49.35 -34.90 36.79
C ASP J 16 48.07 -34.46 36.09
N ARG J 17 47.25 -33.72 36.82
CA ARG J 17 46.00 -33.16 36.32
C ARG J 17 46.16 -31.65 36.22
N VAL J 18 45.88 -31.11 35.04
CA VAL J 18 46.11 -29.69 34.77
C VAL J 18 44.76 -29.01 34.54
N THR J 19 44.53 -27.91 35.25
CA THR J 19 43.30 -27.15 35.16
C THR J 19 43.61 -25.71 34.79
N ILE J 20 43.00 -25.23 33.72
CA ILE J 20 43.21 -23.88 33.22
C ILE J 20 41.87 -23.14 33.19
N THR J 21 41.94 -21.82 33.28
CA THR J 21 40.75 -20.97 33.30
C THR J 21 40.82 -19.93 32.18
N CYS J 22 39.66 -19.58 31.64
CA CYS J 22 39.53 -18.49 30.68
C CYS J 22 38.42 -17.57 31.16
N ARG J 23 38.66 -16.25 31.12
CA ARG J 23 37.75 -15.28 31.68
C ARG J 23 37.44 -14.20 30.65
N THR J 24 36.25 -13.60 30.78
CA THR J 24 35.77 -12.59 29.84
C THR J 24 35.26 -11.38 30.60
N SER J 25 35.20 -10.24 29.90
CA SER J 25 34.67 -9.01 30.47
C SER J 25 33.18 -8.84 30.25
N GLN J 26 32.54 -9.72 29.48
CA GLN J 26 31.11 -9.65 29.20
C GLN J 26 30.50 -11.04 29.37
N SER J 27 29.17 -11.06 29.44
CA SER J 27 28.43 -12.32 29.53
C SER J 27 28.09 -12.80 28.12
N ILE J 28 28.54 -14.01 27.79
CA ILE J 28 28.42 -14.53 26.43
C ILE J 28 27.75 -15.90 26.44
N SER J 29 26.94 -16.16 27.46
CA SER J 29 26.29 -17.45 27.67
C SER J 29 27.30 -18.60 27.59
N ASN J 30 27.25 -19.40 26.53
CA ASN J 30 28.13 -20.56 26.42
C ASN J 30 28.69 -20.71 25.01
N TYR J 31 29.08 -19.59 24.38
CA TYR J 31 29.70 -19.63 23.06
C TYR J 31 31.21 -19.52 23.23
N LEU J 32 31.84 -20.62 23.66
CA LEU J 32 33.27 -20.66 23.90
C LEU J 32 33.85 -21.93 23.28
N ASN J 33 35.06 -21.80 22.74
CA ASN J 33 35.77 -22.92 22.14
C ASN J 33 37.21 -22.94 22.65
N TRP J 34 37.81 -24.13 22.60
CA TRP J 34 39.18 -24.37 23.04
C TRP J 34 40.01 -24.93 21.89
N TYR J 35 41.29 -24.56 21.84
CA TYR J 35 42.19 -24.99 20.78
C TYR J 35 43.54 -25.38 21.36
N GLN J 36 44.23 -26.26 20.63
CA GLN J 36 45.58 -26.73 20.98
C GLN J 36 46.46 -26.67 19.75
N GLN J 37 47.72 -26.28 19.94
CA GLN J 37 48.68 -26.13 18.84
C GLN J 37 50.03 -26.70 19.27
N ILE J 38 50.52 -27.69 18.51
CA ILE J 38 51.90 -28.15 18.58
C ILE J 38 52.75 -27.09 17.91
N PRO J 39 53.92 -26.73 18.45
CA PRO J 39 54.75 -25.71 17.79
C PRO J 39 55.31 -26.25 16.48
N GLY J 40 54.96 -25.60 15.38
CA GLY J 40 55.27 -26.07 14.05
C GLY J 40 54.12 -26.71 13.31
N LYS J 41 52.95 -26.82 13.93
CA LYS J 41 51.78 -27.42 13.32
C LYS J 41 50.60 -26.47 13.44
N ALA J 42 49.64 -26.61 12.52
CA ALA J 42 48.43 -25.81 12.58
C ALA J 42 47.58 -26.22 13.77
N PRO J 43 46.79 -25.30 14.31
CA PRO J 43 46.00 -25.63 15.51
C PRO J 43 44.94 -26.68 15.23
N LYS J 44 44.51 -27.35 16.30
CA LYS J 44 43.52 -28.40 16.21
C LYS J 44 42.40 -28.11 17.20
N LEU J 45 41.21 -28.61 16.90
CA LEU J 45 40.03 -28.27 17.68
C LEU J 45 39.89 -29.19 18.89
N LEU J 46 39.11 -28.72 19.86
CA LEU J 46 38.86 -29.39 21.12
C LEU J 46 37.38 -29.22 21.42
N ILE J 47 37.00 -29.40 22.68
CA ILE J 47 35.62 -29.25 23.12
C ILE J 47 35.01 -27.95 22.59
N SER J 48 33.72 -27.98 22.30
CA SER J 48 32.99 -26.84 21.78
C SER J 48 31.76 -26.58 22.63
N THR J 49 31.29 -25.33 22.59
CA THR J 49 30.09 -24.90 23.33
C THR J 49 30.29 -25.19 24.83
N ALA J 50 31.57 -25.20 25.25
CA ALA J 50 32.00 -25.29 26.64
C ALA J 50 31.77 -26.66 27.26
N SER J 51 31.06 -27.56 26.58
CA SER J 51 30.89 -28.90 27.10
C SER J 51 30.85 -30.02 26.07
N ASN J 52 31.09 -29.74 24.78
CA ASN J 52 30.85 -30.72 23.73
C ASN J 52 32.17 -31.11 23.07
N LEU J 53 32.62 -32.33 23.34
CA LEU J 53 33.86 -32.84 22.76
C LEU J 53 33.69 -33.08 21.26
N HIS J 54 34.80 -32.98 20.54
CA HIS J 54 34.82 -33.23 19.11
C HIS J 54 34.89 -34.73 18.86
N SER J 55 35.13 -35.13 17.61
CA SER J 55 35.18 -36.53 17.23
C SER J 55 36.62 -36.95 17.00
N GLY J 56 36.99 -38.09 17.59
CA GLY J 56 38.34 -38.61 17.46
C GLY J 56 39.33 -38.14 18.49
N VAL J 57 38.91 -37.30 19.43
CA VAL J 57 39.79 -36.79 20.47
C VAL J 57 39.68 -37.69 21.69
N SER J 58 40.74 -37.69 22.50
CA SER J 58 40.76 -38.52 23.71
C SER J 58 39.72 -38.04 24.71
N SER J 59 39.30 -38.96 25.57
CA SER J 59 38.36 -38.64 26.65
C SER J 59 39.05 -38.05 27.87
N ARG J 60 40.35 -37.75 27.78
CA ARG J 60 41.05 -37.16 28.91
C ARG J 60 40.73 -35.68 29.06
N PHE J 61 40.34 -35.03 27.96
CA PHE J 61 40.04 -33.61 27.99
C PHE J 61 38.59 -33.38 28.41
N SER J 62 38.38 -32.43 29.32
CA SER J 62 37.02 -32.12 29.75
C SER J 62 36.95 -30.66 30.17
N GLY J 63 35.98 -29.93 29.61
CA GLY J 63 35.82 -28.53 29.94
C GLY J 63 34.39 -28.25 30.38
N SER J 64 34.25 -27.16 31.12
CA SER J 64 32.96 -26.78 31.68
C SER J 64 32.98 -25.29 31.98
N GLY J 65 31.84 -24.79 32.45
CA GLY J 65 31.68 -23.40 32.81
C GLY J 65 30.50 -22.75 32.10
N SER J 66 30.25 -21.51 32.48
CA SER J 66 29.16 -20.72 31.92
C SER J 66 29.39 -19.26 32.27
N GLY J 67 28.56 -18.39 31.69
CA GLY J 67 28.61 -16.98 32.00
C GLY J 67 29.96 -16.35 31.73
N THR J 68 30.68 -16.03 32.80
CA THR J 68 32.00 -15.44 32.71
C THR J 68 33.12 -16.38 33.10
N HIS J 69 32.82 -17.55 33.69
CA HIS J 69 33.84 -18.43 34.24
C HIS J 69 33.81 -19.76 33.51
N PHE J 70 34.94 -20.15 32.93
CA PHE J 70 35.09 -21.40 32.21
C PHE J 70 36.44 -22.04 32.50
N THR J 71 36.42 -23.35 32.75
CA THR J 71 37.62 -24.10 33.12
C THR J 71 37.77 -25.34 32.26
N LEU J 72 38.99 -25.57 31.80
CA LEU J 72 39.38 -26.78 31.09
C LEU J 72 40.25 -27.64 31.99
N THR J 73 40.20 -28.95 31.81
CA THR J 73 40.87 -29.88 32.70
C THR J 73 41.33 -31.12 31.93
N ILE J 74 42.57 -31.53 32.20
CA ILE J 74 43.13 -32.79 31.70
C ILE J 74 43.54 -33.62 32.91
N SER J 75 43.29 -34.93 32.82
CA SER J 75 43.42 -35.84 33.96
C SER J 75 44.75 -36.59 34.00
N SER J 76 45.40 -36.80 32.86
CA SER J 76 46.64 -37.54 32.81
C SER J 76 47.50 -37.01 31.67
N LEU J 77 48.69 -36.51 32.01
CA LEU J 77 49.61 -36.04 30.99
C LEU J 77 50.15 -37.21 30.18
N GLN J 78 50.64 -36.89 28.99
CA GLN J 78 51.25 -37.84 28.08
C GLN J 78 52.52 -37.22 27.54
N PRO J 79 53.47 -38.03 27.06
CA PRO J 79 54.66 -37.44 26.43
C PRO J 79 54.37 -36.59 25.21
N GLU J 80 53.18 -36.73 24.61
CA GLU J 80 52.78 -35.96 23.45
C GLU J 80 51.70 -34.93 23.77
N ASP J 81 51.61 -34.50 25.04
CA ASP J 81 50.66 -33.47 25.44
C ASP J 81 51.35 -32.19 25.94
N PHE J 82 52.41 -31.77 25.26
CA PHE J 82 53.10 -30.52 25.60
C PHE J 82 52.95 -29.59 24.41
N ALA J 83 52.12 -28.55 24.57
CA ALA J 83 51.76 -27.69 23.46
C ALA J 83 51.21 -26.37 24.01
N THR J 84 50.64 -25.56 23.13
CA THR J 84 50.04 -24.29 23.49
C THR J 84 48.52 -24.38 23.38
N TYR J 85 47.83 -23.65 24.26
CA TYR J 85 46.37 -23.69 24.32
C TYR J 85 45.78 -22.31 24.07
N TYR J 86 44.51 -22.29 23.67
CA TYR J 86 43.80 -21.04 23.39
C TYR J 86 42.31 -21.20 23.72
N CYS J 87 41.67 -20.10 24.10
CA CYS J 87 40.23 -20.02 24.23
C CYS J 87 39.70 -18.89 23.36
N GLN J 88 38.54 -19.12 22.74
CA GLN J 88 37.98 -18.20 21.76
C GLN J 88 36.47 -18.09 21.94
N GLN J 89 35.93 -16.90 21.66
CA GLN J 89 34.51 -16.62 21.82
C GLN J 89 33.93 -16.09 20.52
N SER J 90 32.61 -16.25 20.37
CA SER J 90 31.93 -15.88 19.13
C SER J 90 30.59 -15.17 19.35
N TYR J 91 30.29 -14.72 20.58
CA TYR J 91 29.05 -13.99 20.82
C TYR J 91 28.98 -12.73 19.98
N SER J 92 30.10 -12.00 19.89
CA SER J 92 30.24 -10.84 19.02
C SER J 92 31.45 -11.08 18.15
N THR J 93 31.96 -10.04 17.46
CA THR J 93 33.14 -10.15 16.63
C THR J 93 34.21 -11.01 17.30
N PRO J 94 34.80 -11.95 16.57
CA PRO J 94 35.67 -12.95 17.21
C PRO J 94 36.94 -12.36 17.79
N SER J 95 37.41 -12.97 18.88
CA SER J 95 38.63 -12.55 19.55
C SER J 95 39.21 -13.75 20.29
N PHE J 96 40.52 -13.95 20.14
CA PHE J 96 41.21 -15.10 20.69
C PHE J 96 41.73 -14.80 22.10
N GLY J 97 42.55 -15.70 22.62
CA GLY J 97 43.21 -15.52 23.90
C GLY J 97 44.69 -15.21 23.75
N GLN J 98 45.42 -15.35 24.85
CA GLN J 98 46.84 -15.02 24.87
C GLN J 98 47.75 -16.24 24.83
N GLY J 99 47.34 -17.36 25.41
CA GLY J 99 48.15 -18.55 25.33
C GLY J 99 48.63 -19.01 26.70
N THR J 100 48.82 -20.32 26.83
CA THR J 100 49.28 -20.93 28.07
C THR J 100 50.07 -22.18 27.71
N LYS J 101 51.29 -22.29 28.24
CA LYS J 101 52.23 -23.33 27.86
C LYS J 101 52.42 -24.33 28.99
N VAL J 102 52.34 -25.61 28.68
CA VAL J 102 52.61 -26.70 29.61
C VAL J 102 54.03 -27.19 29.37
N GLU J 103 54.79 -27.38 30.45
CA GLU J 103 56.19 -27.77 30.35
C GLU J 103 56.44 -29.00 31.22
N ILE J 104 57.69 -29.45 31.21
CA ILE J 104 58.10 -30.63 31.96
C ILE J 104 59.06 -30.20 33.05
N LYS J 105 59.12 -31.00 34.11
CA LYS J 105 59.98 -30.71 35.25
C LYS J 105 61.23 -31.57 35.22
N VAL K 1 23.75 -23.62 -8.57
CA VAL K 1 24.81 -23.04 -7.75
C VAL K 1 24.56 -23.34 -6.27
N ILE K 2 23.34 -23.75 -5.97
CA ILE K 2 22.95 -24.04 -4.58
C ILE K 2 23.17 -25.52 -4.31
N VAL K 3 23.91 -25.81 -3.24
CA VAL K 3 24.17 -27.18 -2.80
C VAL K 3 23.65 -27.32 -1.38
N ASN K 4 22.84 -28.35 -1.15
CA ASN K 4 22.29 -28.57 0.18
C ASN K 4 23.35 -29.10 1.12
N ALA K 5 23.20 -28.75 2.40
CA ALA K 5 24.13 -29.20 3.44
C ALA K 5 23.42 -29.65 4.70
N GLN K 6 22.09 -29.77 4.68
CA GLN K 6 21.38 -30.31 5.81
C GLN K 6 21.63 -31.81 5.92
N PRO K 7 21.46 -32.40 7.11
CA PRO K 7 21.58 -33.86 7.22
C PRO K 7 20.59 -34.61 6.34
N LYS K 8 19.38 -34.06 6.18
CA LYS K 8 18.33 -34.70 5.40
C LYS K 8 17.62 -33.64 4.57
N CYS K 9 16.98 -34.09 3.49
CA CYS K 9 16.04 -33.25 2.76
C CYS K 9 14.97 -34.13 2.16
N ASN K 10 13.73 -33.96 2.61
CA ASN K 10 12.60 -34.73 2.09
C ASN K 10 12.40 -34.39 0.62
N PRO K 11 12.47 -35.36 -0.29
CA PRO K 11 12.37 -35.02 -1.72
C PRO K 11 10.93 -34.97 -2.23
N ASN K 12 9.96 -34.93 -1.32
CA ASN K 12 8.55 -34.91 -1.67
C ASN K 12 7.92 -33.59 -1.26
N LEU K 13 7.18 -32.97 -2.17
CA LEU K 13 6.54 -31.68 -1.94
C LEU K 13 5.04 -31.83 -2.03
N HIS K 14 4.34 -31.54 -0.92
CA HIS K 14 2.89 -31.66 -0.83
C HIS K 14 2.35 -30.32 -0.33
N TYR K 15 1.78 -29.54 -1.23
CA TYR K 15 1.46 -28.14 -0.98
C TYR K 15 -0.03 -27.87 -1.06
N TRP K 16 -0.41 -26.67 -0.61
CA TRP K 16 -1.77 -26.16 -0.71
C TRP K 16 -1.74 -24.67 -1.00
N THR K 17 -2.64 -24.22 -1.88
CA THR K 17 -2.72 -22.83 -2.28
C THR K 17 -4.19 -22.44 -2.41
N THR K 18 -4.46 -21.29 -3.00
CA THR K 18 -5.82 -20.81 -3.21
C THR K 18 -6.17 -20.52 -4.66
N GLN K 19 -5.19 -20.14 -5.49
CA GLN K 19 -5.39 -19.88 -6.91
C GLN K 19 -6.41 -18.77 -7.16
N ASP K 20 -7.03 -18.76 -8.34
CA ASP K 20 -7.98 -17.72 -8.71
C ASP K 20 -9.30 -18.24 -9.23
N GLU K 21 -9.34 -19.43 -9.84
CA GLU K 21 -10.54 -20.11 -10.34
C GLU K 21 -11.23 -19.39 -11.49
N GLY K 22 -10.68 -18.26 -11.97
CA GLY K 22 -11.18 -17.57 -13.15
C GLY K 22 -12.68 -17.29 -13.08
N ALA K 23 -13.49 -18.13 -13.70
CA ALA K 23 -14.93 -18.01 -13.73
C ALA K 23 -15.58 -19.17 -12.99
N ALA K 24 -16.87 -19.02 -12.68
CA ALA K 24 -17.61 -20.04 -11.97
C ALA K 24 -19.00 -20.17 -12.56
N ILE K 25 -19.60 -21.34 -12.36
CA ILE K 25 -20.97 -21.62 -12.80
C ILE K 25 -21.81 -21.92 -11.58
N GLY K 26 -23.09 -21.58 -11.67
CA GLY K 26 -24.00 -21.71 -10.55
C GLY K 26 -24.07 -20.45 -9.72
N LEU K 27 -24.51 -20.62 -8.47
CA LEU K 27 -24.60 -19.53 -7.50
C LEU K 27 -23.41 -19.51 -6.56
N ALA K 28 -22.25 -20.01 -6.99
CA ALA K 28 -21.13 -20.19 -6.09
C ALA K 28 -20.47 -18.86 -5.72
N TRP K 29 -20.32 -17.96 -6.70
CA TRP K 29 -19.55 -16.73 -6.47
C TRP K 29 -20.25 -15.78 -5.50
N ILE K 30 -21.54 -15.94 -5.27
CA ILE K 30 -22.25 -15.08 -4.32
C ILE K 30 -21.87 -15.50 -2.90
N PRO K 31 -21.35 -14.59 -2.08
CA PRO K 31 -20.97 -14.97 -0.70
C PRO K 31 -22.12 -15.51 0.13
N TYR K 32 -23.36 -15.31 -0.30
CA TYR K 32 -24.49 -15.89 0.44
C TYR K 32 -24.62 -17.39 0.21
N PHE K 33 -24.15 -17.88 -0.93
CA PHE K 33 -24.31 -19.27 -1.31
C PHE K 33 -23.01 -20.07 -1.26
N GLY K 34 -21.86 -19.41 -1.19
CA GLY K 34 -20.59 -20.05 -1.42
C GLY K 34 -20.04 -20.84 -0.24
N PRO K 35 -18.78 -21.28 -0.35
CA PRO K 35 -18.20 -22.14 0.67
C PRO K 35 -17.96 -21.45 2.00
N ALA K 36 -17.46 -22.20 2.98
CA ALA K 36 -17.09 -21.64 4.27
C ALA K 36 -15.63 -21.18 4.23
N ALA K 37 -15.08 -20.86 5.40
CA ALA K 37 -13.70 -20.39 5.44
C ALA K 37 -12.72 -21.47 5.00
N GLU K 38 -12.95 -22.71 5.41
CA GLU K 38 -12.14 -23.84 4.94
C GLU K 38 -12.87 -24.53 3.80
N GLY K 39 -12.21 -24.62 2.64
CA GLY K 39 -12.84 -25.15 1.46
C GLY K 39 -12.44 -24.42 0.20
N ILE K 40 -11.59 -23.40 0.35
CA ILE K 40 -11.17 -22.58 -0.78
C ILE K 40 -9.81 -22.98 -1.34
N TYR K 41 -9.22 -24.06 -0.84
CA TYR K 41 -7.86 -24.42 -1.16
C TYR K 41 -7.78 -25.53 -2.22
N THR K 42 -6.69 -25.53 -2.98
CA THR K 42 -6.43 -26.54 -3.99
C THR K 42 -5.09 -27.21 -3.71
N GLU K 43 -5.09 -28.54 -3.70
CA GLU K 43 -3.91 -29.33 -3.35
C GLU K 43 -3.10 -29.69 -4.58
N GLY K 44 -2.01 -30.42 -4.36
CA GLY K 44 -1.15 -30.84 -5.44
C GLY K 44 0.00 -31.67 -4.90
N LEU K 45 0.93 -31.99 -5.79
CA LEU K 45 2.10 -32.79 -5.42
C LEU K 45 3.13 -32.69 -6.54
N MET K 46 4.38 -32.51 -6.14
CA MET K 46 5.50 -32.44 -7.08
C MET K 46 6.61 -33.39 -6.62
N HIS K 47 7.43 -33.81 -7.58
CA HIS K 47 8.50 -34.76 -7.34
C HIS K 47 9.85 -34.09 -7.51
N ASN K 48 10.84 -34.61 -6.79
CA ASN K 48 12.19 -34.03 -6.78
C ASN K 48 12.81 -34.16 -8.16
N GLN K 49 12.94 -33.04 -8.86
CA GLN K 49 13.51 -32.99 -10.20
C GLN K 49 14.86 -32.28 -10.11
N ASP K 50 15.93 -33.07 -10.07
CA ASP K 50 17.30 -32.56 -9.95
C ASP K 50 17.48 -31.72 -8.69
N GLY K 51 16.96 -32.23 -7.58
CA GLY K 51 17.17 -31.62 -6.28
C GLY K 51 16.61 -30.22 -6.13
N LEU K 52 15.43 -29.96 -6.70
CA LEU K 52 14.84 -28.63 -6.61
C LEU K 52 14.41 -28.32 -5.17
N ILE K 53 13.85 -29.31 -4.47
CA ILE K 53 13.24 -29.05 -3.16
C ILE K 53 14.30 -28.77 -2.10
N CYS K 54 15.39 -29.54 -2.10
CA CYS K 54 16.45 -29.32 -1.12
C CYS K 54 17.12 -27.97 -1.33
N GLY K 55 17.37 -27.60 -2.59
CA GLY K 55 17.88 -26.28 -2.87
C GLY K 55 16.92 -25.18 -2.46
N LEU K 56 15.62 -25.44 -2.59
CA LEU K 56 14.63 -24.47 -2.13
C LEU K 56 14.73 -24.25 -0.63
N ARG K 57 14.88 -25.34 0.12
CA ARG K 57 15.03 -25.24 1.57
C ARG K 57 16.29 -24.46 1.94
N GLN K 58 17.38 -24.73 1.21
CA GLN K 58 18.61 -23.97 1.45
C GLN K 58 18.41 -22.48 1.14
N LEU K 59 17.67 -22.16 0.09
CA LEU K 59 17.42 -20.76 -0.24
C LEU K 59 16.66 -20.04 0.85
N ALA K 60 15.62 -20.69 1.41
CA ALA K 60 14.90 -20.07 2.52
C ALA K 60 15.82 -19.85 3.72
N ASN K 61 16.63 -20.86 4.05
CA ASN K 61 17.54 -20.74 5.17
C ASN K 61 18.55 -19.62 4.96
N GLU K 62 18.94 -19.36 3.72
CA GLU K 62 19.84 -18.26 3.45
C GLU K 62 19.14 -16.90 3.49
N THR K 63 17.84 -16.86 3.16
CA THR K 63 17.12 -15.60 3.09
C THR K 63 16.79 -15.03 4.47
N THR K 64 16.59 -15.91 5.46
CA THR K 64 16.00 -15.48 6.74
C THR K 64 16.71 -14.27 7.37
N GLN K 65 18.04 -14.20 7.31
CA GLN K 65 18.76 -13.15 8.04
C GLN K 65 18.50 -11.77 7.42
N ALA K 66 18.64 -11.67 6.11
CA ALA K 66 18.35 -10.41 5.43
C ALA K 66 16.90 -10.01 5.62
N LEU K 67 16.00 -11.00 5.63
CA LEU K 67 14.60 -10.66 5.85
C LEU K 67 14.39 -10.04 7.23
N GLN K 68 15.01 -10.62 8.27
CA GLN K 68 14.87 -10.06 9.61
C GLN K 68 15.46 -8.66 9.70
N LEU K 69 16.63 -8.45 9.08
CA LEU K 69 17.26 -7.13 9.12
C LEU K 69 16.39 -6.09 8.42
N PHE K 70 15.78 -6.44 7.29
CA PHE K 70 14.87 -5.51 6.63
C PHE K 70 13.66 -5.20 7.50
N LEU K 71 13.07 -6.23 8.12
CA LEU K 71 11.90 -6.00 8.97
C LEU K 71 12.23 -5.11 10.15
N ARG K 72 13.49 -5.11 10.61
CA ARG K 72 13.84 -4.31 11.79
C ARG K 72 13.64 -2.81 11.54
N ALA K 73 13.98 -2.34 10.34
CA ALA K 73 14.10 -0.91 10.06
C ALA K 73 12.87 -0.31 9.39
N THR K 74 11.67 -0.73 9.78
CA THR K 74 10.45 -0.20 9.21
C THR K 74 9.48 0.17 10.34
N THR K 75 8.40 0.87 9.98
CA THR K 75 7.44 1.36 10.94
C THR K 75 6.06 0.70 10.83
N GLU K 76 5.78 0.01 9.72
CA GLU K 76 4.47 -0.59 9.53
C GLU K 76 4.24 -1.75 10.50
N LEU K 77 2.97 -2.11 10.65
CA LEU K 77 2.58 -3.26 11.45
C LEU K 77 2.39 -4.51 10.60
N ARG K 78 1.82 -4.37 9.41
CA ARG K 78 1.71 -5.45 8.43
C ARG K 78 2.29 -4.98 7.11
N THR K 79 3.06 -5.84 6.45
CA THR K 79 3.74 -5.51 5.20
C THR K 79 3.16 -6.36 4.08
N PHE K 80 2.82 -5.70 2.96
CA PHE K 80 2.24 -6.38 1.81
C PHE K 80 2.90 -6.04 0.48
N SER K 81 3.87 -5.12 0.46
CA SER K 81 4.30 -4.47 -0.77
C SER K 81 5.72 -4.84 -1.19
N ILE K 82 6.28 -5.94 -0.67
CA ILE K 82 7.64 -6.31 -1.04
C ILE K 82 7.72 -6.65 -2.52
N LEU K 83 6.76 -7.41 -3.03
CA LEU K 83 6.84 -7.87 -4.42
C LEU K 83 6.59 -6.73 -5.41
N ASN K 84 5.65 -5.83 -5.09
CA ASN K 84 5.43 -4.67 -5.94
C ASN K 84 6.67 -3.78 -5.97
N ARG K 85 7.33 -3.62 -4.82
CA ARG K 85 8.58 -2.86 -4.79
C ARG K 85 9.64 -3.54 -5.65
N LYS K 86 9.76 -4.86 -5.56
CA LYS K 86 10.74 -5.56 -6.39
C LYS K 86 10.46 -5.33 -7.87
N ALA K 87 9.19 -5.37 -8.26
CA ALA K 87 8.83 -5.06 -9.65
C ALA K 87 9.23 -3.64 -10.01
N ILE K 88 8.99 -2.69 -9.12
CA ILE K 88 9.27 -1.28 -9.43
C ILE K 88 10.76 -1.05 -9.62
N ASP K 89 11.60 -1.58 -8.73
CA ASP K 89 13.04 -1.43 -8.95
C ASP K 89 13.55 -2.23 -10.15
N PHE K 90 12.96 -3.39 -10.44
CA PHE K 90 13.37 -4.09 -11.65
C PHE K 90 13.06 -3.26 -12.89
N LEU K 91 11.92 -2.57 -12.89
CA LEU K 91 11.57 -1.69 -14.00
C LEU K 91 12.40 -0.42 -14.02
N LEU K 92 12.85 0.04 -12.84
CA LEU K 92 13.64 1.26 -12.75
C LEU K 92 15.09 1.03 -13.18
N GLN K 93 15.63 -0.16 -12.96
CA GLN K 93 17.00 -0.44 -13.35
C GLN K 93 17.18 -0.26 -14.85
N ARG K 94 16.48 -1.07 -15.64
CA ARG K 94 16.67 -1.06 -17.08
C ARG K 94 16.06 0.17 -17.73
N TRP K 95 14.75 0.37 -17.57
CA TRP K 95 14.03 1.44 -18.24
C TRP K 95 13.85 2.63 -17.29
N ALA K 96 14.82 3.54 -17.30
CA ALA K 96 14.73 4.80 -16.56
C ALA K 96 15.85 5.74 -16.97
N ALA K 97 15.88 6.93 -16.36
CA ALA K 97 16.91 7.93 -16.61
C ALA K 97 17.04 8.25 -18.09
N SER L 1 17.90 -5.60 1.04
CA SER L 1 18.89 -6.53 0.50
C SER L 1 18.37 -7.96 0.55
N ILE L 2 17.17 -8.18 0.02
CA ILE L 2 16.53 -9.49 0.01
C ILE L 2 16.96 -10.24 -1.25
N PRO L 3 17.51 -11.45 -1.14
CA PRO L 3 17.85 -12.24 -2.33
C PRO L 3 16.66 -13.05 -2.83
N LEU L 4 16.63 -13.22 -4.15
CA LEU L 4 15.62 -14.05 -4.80
C LEU L 4 16.29 -14.97 -5.82
N GLY L 5 15.69 -16.13 -6.02
CA GLY L 5 16.23 -17.13 -6.92
C GLY L 5 15.33 -17.35 -8.12
N VAL L 6 15.95 -17.57 -9.28
CA VAL L 6 15.22 -17.83 -10.51
C VAL L 6 15.32 -19.31 -10.83
N ILE L 7 14.32 -19.81 -11.57
CA ILE L 7 14.22 -21.22 -11.93
C ILE L 7 14.26 -21.32 -13.44
N HIS L 8 15.12 -22.19 -13.97
CA HIS L 8 15.16 -22.44 -15.40
C HIS L 8 15.69 -23.85 -15.65
N ASN L 9 14.96 -24.60 -16.49
CA ASN L 9 15.32 -25.97 -16.83
C ASN L 9 15.52 -26.82 -15.59
N SER L 10 14.61 -26.66 -14.62
CA SER L 10 14.66 -27.38 -13.36
C SER L 10 15.96 -27.13 -12.60
N THR L 11 16.49 -25.92 -12.74
CA THR L 11 17.69 -25.50 -12.01
C THR L 11 17.39 -24.19 -11.28
N LEU L 12 17.75 -24.15 -9.99
CA LEU L 12 17.56 -22.98 -9.15
C LEU L 12 18.86 -22.22 -9.05
N GLN L 13 18.85 -20.96 -9.45
CA GLN L 13 20.05 -20.13 -9.49
C GLN L 13 19.77 -18.80 -8.82
N VAL L 14 20.66 -18.38 -7.93
CA VAL L 14 20.49 -17.14 -7.19
C VAL L 14 21.09 -16.01 -8.01
N SER L 15 20.22 -15.20 -8.63
CA SER L 15 20.68 -14.09 -9.45
C SER L 15 21.28 -12.98 -8.59
N ASP L 16 22.21 -12.24 -9.17
CA ASP L 16 22.88 -11.13 -8.50
C ASP L 16 22.20 -9.82 -8.88
N VAL L 17 22.02 -8.96 -7.88
CA VAL L 17 21.40 -7.66 -8.13
C VAL L 17 22.31 -6.77 -8.96
N ASP L 18 23.62 -6.83 -8.69
CA ASP L 18 24.56 -5.97 -9.41
C ASP L 18 24.60 -6.31 -10.90
N LYS L 19 24.58 -7.60 -11.23
CA LYS L 19 24.65 -8.04 -12.62
C LYS L 19 23.24 -8.15 -13.19
N LEU L 20 23.02 -7.50 -14.32
CA LEU L 20 21.74 -7.54 -15.01
C LEU L 20 21.81 -8.51 -16.18
N VAL L 21 20.81 -9.38 -16.29
CA VAL L 21 20.79 -10.43 -17.30
C VAL L 21 19.59 -10.22 -18.21
N CYS L 22 19.83 -10.22 -19.51
CA CYS L 22 18.77 -10.06 -20.50
C CYS L 22 17.91 -11.31 -20.65
N ARG L 23 18.36 -12.47 -20.16
CA ARG L 23 17.59 -13.69 -20.29
C ARG L 23 16.35 -13.69 -19.41
N ASP L 24 16.28 -12.83 -18.40
CA ASP L 24 15.14 -12.77 -17.51
C ASP L 24 13.94 -12.16 -18.23
N LYS L 25 12.81 -12.85 -18.18
CA LYS L 25 11.56 -12.37 -18.76
C LYS L 25 10.51 -12.27 -17.66
N LEU L 26 10.06 -11.04 -17.40
CA LEU L 26 8.95 -10.79 -16.48
C LEU L 26 7.88 -10.03 -17.24
N SER L 27 6.78 -10.71 -17.55
CA SER L 27 5.72 -10.15 -18.38
C SER L 27 4.44 -9.88 -17.61
N SER L 28 4.38 -10.23 -16.33
CA SER L 28 3.21 -9.95 -15.51
C SER L 28 3.62 -10.04 -14.05
N THR L 29 2.69 -9.68 -13.17
CA THR L 29 2.92 -9.73 -11.73
C THR L 29 2.46 -11.03 -11.11
N ASN L 30 2.06 -12.01 -11.91
CA ASN L 30 1.70 -13.33 -11.40
C ASN L 30 2.88 -14.28 -11.35
N GLN L 31 4.04 -13.88 -11.87
CA GLN L 31 5.23 -14.72 -11.84
C GLN L 31 6.05 -14.55 -10.57
N LEU L 32 5.66 -13.64 -9.68
CA LEU L 32 6.34 -13.46 -8.41
C LEU L 32 5.63 -14.26 -7.34
N ARG L 33 6.35 -15.12 -6.64
CA ARG L 33 5.75 -16.04 -5.70
C ARG L 33 6.52 -16.02 -4.38
N SER L 34 5.78 -16.25 -3.29
CA SER L 34 6.36 -16.37 -1.95
C SER L 34 5.90 -17.67 -1.33
N VAL L 35 6.85 -18.47 -0.86
CA VAL L 35 6.56 -19.82 -0.36
C VAL L 35 7.12 -19.98 1.04
N GLY L 36 6.38 -20.70 1.88
CA GLY L 36 6.80 -21.01 3.24
C GLY L 36 7.09 -22.49 3.39
N LEU L 37 8.27 -22.78 3.95
CA LEU L 37 8.74 -24.15 4.10
C LEU L 37 8.94 -24.48 5.57
N ASN L 38 8.76 -25.76 5.90
CA ASN L 38 8.80 -26.22 7.28
C ASN L 38 10.21 -26.66 7.68
N LEU L 39 10.48 -26.58 8.98
CA LEU L 39 11.76 -27.02 9.52
C LEU L 39 11.83 -28.52 9.72
N GLU L 40 10.69 -29.19 9.95
CA GLU L 40 10.67 -30.62 10.16
C GLU L 40 11.00 -31.41 8.91
N GLY L 41 11.04 -30.77 7.75
CA GLY L 41 11.54 -31.40 6.55
C GLY L 41 13.04 -31.47 6.45
N ASN L 42 13.75 -31.01 7.48
CA ASN L 42 15.21 -31.03 7.53
C ASN L 42 15.74 -31.95 8.61
N GLY L 43 14.90 -32.82 9.18
CA GLY L 43 15.34 -33.76 10.18
C GLY L 43 15.35 -33.27 11.60
N VAL L 44 14.86 -32.05 11.86
CA VAL L 44 14.85 -31.52 13.21
C VAL L 44 13.88 -32.31 14.08
N ALA L 45 14.27 -32.55 15.32
CA ALA L 45 13.40 -33.27 16.26
C ALA L 45 12.12 -32.50 16.50
N THR L 46 11.00 -33.23 16.54
CA THR L 46 9.69 -32.64 16.70
C THR L 46 9.02 -32.97 18.02
N ASP L 47 9.67 -33.75 18.89
CA ASP L 47 9.04 -34.14 20.14
C ASP L 47 8.92 -32.94 21.06
N VAL L 48 7.89 -32.97 21.93
CA VAL L 48 7.49 -31.76 22.64
C VAL L 48 8.56 -31.22 23.58
N PRO L 49 9.18 -32.01 24.47
CA PRO L 49 10.24 -31.45 25.32
C PRO L 49 11.46 -31.00 24.55
N SER L 50 11.61 -31.41 23.29
CA SER L 50 12.74 -31.03 22.47
C SER L 50 12.48 -29.79 21.62
N VAL L 51 11.32 -29.17 21.73
CA VAL L 51 11.03 -27.95 20.99
C VAL L 51 10.68 -26.77 21.88
N THR L 52 10.16 -27.02 23.10
CA THR L 52 9.93 -25.94 24.05
C THR L 52 11.24 -25.31 24.53
N LYS L 53 12.39 -25.85 24.13
CA LYS L 53 13.68 -25.34 24.53
C LYS L 53 14.15 -24.16 23.70
N ARG L 54 13.55 -23.90 22.53
CA ARG L 54 14.02 -22.85 21.63
C ARG L 54 13.14 -21.62 21.61
N TRP L 55 12.28 -21.43 22.62
CA TRP L 55 11.40 -20.27 22.68
C TRP L 55 11.65 -19.53 23.99
N GLY L 56 12.03 -18.26 23.88
CA GLY L 56 12.47 -17.51 25.04
C GLY L 56 11.82 -16.15 25.12
N PHE L 57 11.59 -15.71 26.36
CA PHE L 57 10.87 -14.46 26.62
C PHE L 57 11.83 -13.27 26.67
N ARG L 58 11.40 -12.15 26.08
CA ARG L 58 12.15 -10.91 26.19
C ARG L 58 11.17 -9.74 26.21
N SER L 59 11.65 -8.61 26.73
CA SER L 59 10.88 -7.36 26.75
C SER L 59 11.75 -6.23 26.23
N GLY L 60 11.22 -5.46 25.27
CA GLY L 60 11.93 -4.32 24.76
C GLY L 60 11.95 -4.19 23.24
N VAL L 61 11.32 -5.12 22.53
CA VAL L 61 11.30 -5.11 21.07
C VAL L 61 9.86 -5.28 20.59
N PRO L 62 9.43 -4.56 19.56
CA PRO L 62 8.06 -4.72 19.05
C PRO L 62 7.99 -5.75 17.93
N PRO L 63 6.84 -6.39 17.73
CA PRO L 63 6.72 -7.43 16.70
C PRO L 63 6.39 -6.89 15.32
N LYS L 64 6.65 -7.73 14.32
CA LYS L 64 6.37 -7.43 12.92
C LYS L 64 5.90 -8.69 12.21
N VAL L 65 5.09 -8.53 11.15
CA VAL L 65 4.52 -9.65 10.42
C VAL L 65 4.70 -9.44 8.91
N VAL L 66 4.64 -10.55 8.17
CA VAL L 66 4.64 -10.56 6.71
C VAL L 66 3.47 -11.43 6.24
N ASN L 67 3.39 -11.62 4.92
CA ASN L 67 2.28 -12.34 4.32
C ASN L 67 2.76 -13.48 3.42
N TYR L 68 1.84 -14.41 3.16
CA TYR L 68 2.10 -15.65 2.42
C TYR L 68 1.21 -15.77 1.19
N GLU L 69 1.60 -16.66 0.30
CA GLU L 69 0.74 -17.11 -0.79
C GLU L 69 0.53 -18.62 -0.83
N ALA L 70 1.58 -19.41 -0.58
CA ALA L 70 1.52 -20.87 -0.69
C ALA L 70 1.76 -21.51 0.67
N GLY L 71 1.77 -22.83 0.70
CA GLY L 71 1.92 -23.55 1.95
C GLY L 71 2.54 -24.92 1.77
N GLU L 72 2.30 -25.78 2.75
CA GLU L 72 2.89 -27.11 2.80
C GLU L 72 2.16 -27.95 3.83
N TRP L 73 1.94 -29.22 3.50
CA TRP L 73 1.31 -30.13 4.44
C TRP L 73 2.24 -30.43 5.61
N ALA L 74 1.70 -30.34 6.82
CA ALA L 74 2.48 -30.56 8.04
C ALA L 74 1.97 -31.79 8.76
N GLU L 75 2.79 -32.30 9.69
CA GLU L 75 2.43 -33.44 10.51
C GLU L 75 2.29 -33.13 11.99
N ASN L 76 2.96 -32.10 12.49
CA ASN L 76 2.89 -31.73 13.90
C ASN L 76 2.62 -30.24 14.04
N CYS L 77 1.73 -29.90 14.97
CA CYS L 77 1.34 -28.52 15.22
C CYS L 77 1.25 -28.30 16.71
N TYR L 78 1.33 -27.04 17.12
CA TYR L 78 1.36 -26.67 18.53
C TYR L 78 0.30 -25.61 18.81
N ASN L 79 -0.16 -25.59 20.06
CA ASN L 79 -1.23 -24.68 20.49
C ASN L 79 -1.02 -24.43 21.98
N LEU L 80 -0.49 -23.25 22.31
CA LEU L 80 0.00 -22.98 23.65
C LEU L 80 -1.02 -22.19 24.47
N GLU L 81 -0.98 -22.43 25.79
CA GLU L 81 -1.78 -21.66 26.75
C GLU L 81 -1.03 -21.71 28.07
N ILE L 82 -0.29 -20.64 28.38
CA ILE L 82 0.56 -20.59 29.55
C ILE L 82 0.10 -19.44 30.43
N LYS L 83 0.09 -19.67 31.75
CA LYS L 83 -0.35 -18.67 32.71
C LYS L 83 0.71 -18.47 33.77
N LYS L 84 0.73 -17.27 34.33
CA LYS L 84 1.63 -16.94 35.43
C LYS L 84 1.20 -17.70 36.68
N PRO L 85 2.13 -17.93 37.61
CA PRO L 85 1.77 -18.66 38.85
C PRO L 85 0.63 -18.03 39.63
N ASP L 86 0.45 -16.71 39.54
CA ASP L 86 -0.69 -16.08 40.17
C ASP L 86 -1.96 -16.15 39.32
N GLY L 87 -1.84 -16.61 38.06
CA GLY L 87 -2.99 -16.75 37.18
C GLY L 87 -3.04 -15.77 36.03
N SER L 88 -2.05 -14.91 35.86
CA SER L 88 -2.04 -13.96 34.77
C SER L 88 -1.63 -14.64 33.46
N GLU L 89 -2.24 -14.20 32.36
CA GLU L 89 -1.90 -14.74 31.06
C GLU L 89 -0.53 -14.23 30.60
N CYS L 90 0.26 -15.12 30.01
CA CYS L 90 1.60 -14.78 29.54
C CYS L 90 1.63 -14.38 28.08
N LEU L 91 0.55 -14.59 27.33
CA LEU L 91 0.58 -14.35 25.89
C LEU L 91 -0.53 -13.37 25.49
N PRO L 92 -0.30 -12.57 24.45
CA PRO L 92 -1.32 -11.61 24.02
C PRO L 92 -2.45 -12.29 23.26
N ALA L 93 -3.57 -11.58 23.18
CA ALA L 93 -4.69 -12.05 22.37
C ALA L 93 -4.39 -11.87 20.88
N ALA L 94 -5.05 -12.66 20.06
CA ALA L 94 -4.81 -12.60 18.63
C ALA L 94 -5.45 -11.34 18.05
N PRO L 95 -4.83 -10.73 17.03
CA PRO L 95 -5.44 -9.58 16.37
C PRO L 95 -6.48 -10.03 15.36
N ASP L 96 -7.03 -9.05 14.63
CA ASP L 96 -8.07 -9.33 13.66
C ASP L 96 -7.46 -9.72 12.32
N GLY L 97 -7.93 -10.83 11.77
CA GLY L 97 -7.39 -11.36 10.53
C GLY L 97 -6.37 -12.47 10.71
N ILE L 98 -6.27 -13.06 11.88
CA ILE L 98 -5.26 -14.08 12.19
C ILE L 98 -5.99 -15.40 12.45
N ARG L 99 -5.60 -16.44 11.71
CA ARG L 99 -6.22 -17.75 11.83
C ARG L 99 -5.13 -18.82 11.84
N GLY L 100 -5.49 -20.00 12.35
CA GLY L 100 -4.55 -21.07 12.51
C GLY L 100 -4.14 -21.73 11.21
N PHE L 101 -3.18 -22.65 11.32
CA PHE L 101 -2.67 -23.36 10.14
C PHE L 101 -3.74 -24.31 9.61
N PRO L 102 -4.04 -24.27 8.32
CA PRO L 102 -5.21 -25.04 7.83
C PRO L 102 -5.00 -26.54 7.75
N ARG L 103 -3.86 -26.99 7.24
CA ARG L 103 -3.68 -28.40 6.86
C ARG L 103 -2.53 -29.04 7.64
N CYS L 104 -2.85 -29.60 8.79
CA CYS L 104 -1.89 -30.41 9.54
C CYS L 104 -2.63 -31.44 10.37
N ARG L 105 -2.02 -32.62 10.52
CA ARG L 105 -2.73 -33.77 11.07
C ARG L 105 -2.76 -33.75 12.59
N TYR L 106 -1.60 -33.80 13.23
CA TYR L 106 -1.53 -33.87 14.68
C TYR L 106 -1.42 -32.48 15.29
N VAL L 107 -1.97 -32.35 16.49
CA VAL L 107 -1.94 -31.08 17.23
C VAL L 107 -1.58 -31.37 18.68
N HIS L 108 -0.40 -30.92 19.10
CA HIS L 108 0.03 -31.03 20.49
C HIS L 108 -0.37 -29.77 21.23
N LYS L 109 -1.43 -29.85 22.03
CA LYS L 109 -1.88 -28.73 22.82
C LYS L 109 -1.31 -28.86 24.23
N VAL L 110 -0.71 -27.78 24.72
CA VAL L 110 0.04 -27.79 25.97
C VAL L 110 -0.45 -26.65 26.85
N SER L 111 -0.73 -26.95 28.11
CA SER L 111 -1.17 -25.97 29.09
C SER L 111 -0.41 -26.19 30.38
N GLY L 112 0.11 -25.12 30.96
CA GLY L 112 0.89 -25.24 32.18
C GLY L 112 1.27 -23.88 32.73
N THR L 113 2.20 -23.90 33.67
CA THR L 113 2.68 -22.70 34.34
C THR L 113 4.19 -22.61 34.17
N GLY L 114 4.67 -21.43 33.78
CA GLY L 114 6.09 -21.21 33.59
C GLY L 114 6.56 -19.86 34.07
N PRO L 115 7.88 -19.67 34.12
CA PRO L 115 8.48 -18.39 34.53
C PRO L 115 8.59 -17.36 33.40
N CYS L 116 7.47 -16.69 33.13
CA CYS L 116 7.43 -15.70 32.05
C CYS L 116 8.16 -14.43 32.46
N ALA L 117 9.46 -14.36 32.18
CA ALA L 117 10.24 -13.19 32.57
C ALA L 117 9.96 -12.00 31.66
N GLY L 118 9.89 -12.22 30.36
CA GLY L 118 9.73 -11.15 29.39
C GLY L 118 8.28 -10.88 29.05
N ASP L 119 8.08 -10.25 27.90
CA ASP L 119 6.75 -9.92 27.40
C ASP L 119 6.38 -10.66 26.12
N PHE L 120 7.34 -10.86 25.21
CA PHE L 120 7.09 -11.57 23.96
C PHE L 120 8.04 -12.74 23.83
N ALA L 121 7.55 -13.83 23.24
CA ALA L 121 8.34 -15.04 23.04
C ALA L 121 8.94 -15.04 21.65
N PHE L 122 10.26 -15.18 21.59
CA PHE L 122 11.02 -15.18 20.34
C PHE L 122 11.71 -16.52 20.15
N HIS L 123 12.08 -16.77 18.90
CA HIS L 123 12.80 -17.97 18.50
C HIS L 123 14.30 -17.72 18.61
N LYS L 124 14.99 -18.59 19.36
CA LYS L 124 16.44 -18.44 19.59
C LYS L 124 17.28 -18.73 18.36
N GLU L 125 16.68 -18.95 17.20
CA GLU L 125 17.42 -19.29 16.00
C GLU L 125 17.25 -18.31 14.86
N GLY L 126 16.21 -17.50 14.86
CA GLY L 126 15.91 -16.61 13.77
C GLY L 126 14.97 -17.16 12.73
N ALA L 127 13.98 -17.96 13.12
CA ALA L 127 12.99 -18.53 12.22
C ALA L 127 11.61 -17.99 12.55
N PHE L 128 10.64 -18.33 11.71
CA PHE L 128 9.31 -17.74 11.78
C PHE L 128 8.27 -18.73 12.25
N PHE L 129 7.28 -18.20 12.97
CA PHE L 129 6.06 -18.92 13.32
C PHE L 129 5.04 -18.71 12.21
N LEU L 130 4.42 -19.80 11.77
CA LEU L 130 3.58 -19.79 10.58
C LEU L 130 2.11 -19.96 10.94
N TYR L 131 1.28 -19.07 10.44
CA TYR L 131 -0.17 -19.02 10.62
C TYR L 131 -0.84 -19.08 9.25
N ASP L 132 -2.14 -18.81 9.23
CA ASP L 132 -2.90 -18.83 7.99
C ASP L 132 -2.51 -17.66 7.10
N ARG L 133 -1.49 -17.87 6.26
CA ARG L 133 -1.03 -16.90 5.26
C ARG L 133 -0.46 -15.63 5.87
N LEU L 134 0.04 -15.68 7.11
CA LEU L 134 0.72 -14.56 7.73
C LEU L 134 1.85 -15.10 8.61
N ALA L 135 3.08 -14.73 8.30
CA ALA L 135 4.26 -15.16 9.05
C ALA L 135 4.61 -14.08 10.07
N SER L 136 4.57 -14.44 11.34
CA SER L 136 4.78 -13.51 12.44
C SER L 136 6.18 -13.67 13.03
N THR L 137 6.41 -12.96 14.13
CA THR L 137 7.65 -13.04 14.89
C THR L 137 7.44 -13.44 16.33
N VAL L 138 6.25 -13.23 16.89
CA VAL L 138 5.94 -13.61 18.27
C VAL L 138 4.85 -14.68 18.24
N ILE L 139 4.43 -15.13 19.42
CA ILE L 139 3.44 -16.20 19.56
C ILE L 139 2.15 -15.61 20.11
N TYR L 140 1.04 -15.92 19.45
CA TYR L 140 -0.28 -15.45 19.88
C TYR L 140 -1.02 -16.57 20.61
N ARG L 141 -1.80 -16.17 21.61
CA ARG L 141 -2.46 -17.14 22.48
C ARG L 141 -3.57 -17.88 21.73
N GLY L 142 -3.59 -19.21 21.87
CA GLY L 142 -4.71 -19.99 21.41
C GLY L 142 -4.84 -20.16 19.91
N THR L 143 -3.75 -19.99 19.17
CA THR L 143 -3.76 -20.14 17.72
C THR L 143 -2.74 -21.20 17.33
N THR L 144 -3.13 -22.07 16.39
CA THR L 144 -2.27 -23.17 15.96
C THR L 144 -1.28 -22.68 14.91
N PHE L 145 -0.01 -23.00 15.12
CA PHE L 145 1.07 -22.49 14.27
C PHE L 145 2.04 -23.60 13.94
N ALA L 146 2.85 -23.37 12.90
CA ALA L 146 3.97 -24.22 12.55
C ALA L 146 5.27 -23.44 12.68
N GLU L 147 6.40 -24.11 12.43
CA GLU L 147 7.72 -23.49 12.45
C GLU L 147 8.32 -23.59 11.07
N GLY L 148 8.80 -22.47 10.53
CA GLY L 148 9.34 -22.52 9.19
C GLY L 148 10.02 -21.22 8.79
N VAL L 149 10.32 -21.14 7.50
CA VAL L 149 11.03 -20.02 6.89
C VAL L 149 10.37 -19.67 5.56
N VAL L 150 10.80 -18.54 4.99
CA VAL L 150 10.13 -17.91 3.85
C VAL L 150 11.13 -17.74 2.72
N ALA L 151 10.66 -17.93 1.48
CA ALA L 151 11.47 -17.71 0.30
C ALA L 151 10.67 -16.98 -0.76
N PHE L 152 11.36 -16.24 -1.63
CA PHE L 152 10.78 -15.48 -2.72
C PHE L 152 11.37 -15.97 -4.04
N LEU L 153 10.52 -16.14 -5.05
CA LEU L 153 10.96 -16.67 -6.33
C LEU L 153 10.27 -15.98 -7.49
N ILE L 154 10.91 -16.09 -8.65
CA ILE L 154 10.34 -15.72 -9.94
C ILE L 154 10.11 -17.00 -10.72
N LEU L 155 8.86 -17.27 -11.07
CA LEU L 155 8.53 -18.51 -11.77
C LEU L 155 8.88 -18.42 -13.25
C1 NAG M . -28.66 -7.47 -13.89
C2 NAG M . -28.93 -7.68 -12.41
C3 NAG M . -30.01 -8.74 -12.21
C4 NAG M . -31.24 -8.43 -13.05
C5 NAG M . -30.85 -8.14 -14.49
C6 NAG M . -32.00 -7.65 -15.34
C7 NAG M . -27.26 -7.34 -10.65
C8 NAG M . -25.99 -7.84 -10.04
N2 NAG M . -27.72 -8.03 -11.69
O3 NAG M . -30.33 -8.79 -10.83
O4 NAG M . -32.12 -9.55 -13.09
O5 NAG M . -29.85 -7.11 -14.55
O6 NAG M . -32.26 -6.26 -15.11
O7 NAG M . -27.84 -6.34 -10.23
C1 NAG M . -33.04 -9.62 -11.98
C2 NAG M . -34.46 -9.79 -12.50
C3 NAG M . -35.43 -10.03 -11.34
C4 NAG M . -34.94 -11.16 -10.45
C5 NAG M . -33.51 -10.87 -10.00
C6 NAG M . -32.92 -12.00 -9.19
C7 NAG M . -35.16 -8.68 -14.58
C8 NAG M . -35.58 -7.40 -15.22
N2 NAG M . -34.88 -8.64 -13.28
O3 NAG M . -36.71 -10.34 -11.87
O4 NAG M . -35.77 -11.25 -9.29
O5 NAG M . -32.68 -10.71 -11.15
O6 NAG M . -31.51 -12.08 -9.37
O7 NAG M . -35.07 -9.72 -15.23
C1 BMA M . -36.60 -12.43 -9.36
C2 BMA M . -36.92 -12.80 -7.89
C3 BMA M . -38.20 -13.64 -7.75
C4 BMA M . -39.31 -13.16 -8.68
C5 BMA M . -38.77 -13.15 -10.09
C6 BMA M . -39.83 -12.79 -11.11
O2 BMA M . -37.11 -11.63 -7.11
O3 BMA M . -38.67 -13.58 -6.40
O4 BMA M . -40.42 -14.03 -8.59
O5 BMA M . -37.75 -12.15 -10.14
O6 BMA M . -40.67 -11.81 -10.53
C1 MAN M . -38.77 -14.93 -5.86
C2 MAN M . -39.39 -14.82 -4.43
C3 MAN M . -38.35 -14.35 -3.42
C4 MAN M . -37.07 -15.16 -3.52
C5 MAN M . -36.53 -15.03 -4.95
C6 MAN M . -35.23 -15.80 -5.16
O2 MAN M . -39.82 -16.10 -3.96
O3 MAN M . -38.85 -14.39 -2.09
O4 MAN M . -36.10 -14.68 -2.61
O5 MAN M . -37.50 -15.56 -5.86
O6 MAN M . -34.75 -15.46 -6.46
C1 MAN M . -41.80 -11.61 -11.40
C2 MAN M . -41.46 -10.41 -12.32
C3 MAN M . -41.51 -9.10 -11.53
C4 MAN M . -42.80 -8.99 -10.73
C5 MAN M . -42.94 -10.21 -9.82
C6 MAN M . -44.20 -10.21 -8.98
O2 MAN M . -42.43 -10.26 -13.35
O3 MAN M . -41.36 -7.97 -12.38
O4 MAN M . -42.79 -7.81 -9.94
O5 MAN M . -42.98 -11.39 -10.64
O6 MAN M . -44.04 -9.23 -7.95
C1 NAG N . 6.90 31.11 6.90
C2 NAG N . 6.10 30.74 8.14
C3 NAG N . 5.33 31.95 8.65
C4 NAG N . 6.26 33.15 8.84
C5 NAG N . 7.08 33.38 7.57
C6 NAG N . 8.14 34.44 7.75
C7 NAG N . 5.41 28.39 8.28
C8 NAG N . 4.37 27.38 7.90
N2 NAG N . 5.20 29.65 7.85
O3 NAG N . 4.72 31.59 9.88
O4 NAG N . 5.52 34.34 9.07
O5 NAG N . 7.78 32.17 7.21
O6 NAG N . 9.40 33.88 8.11
O7 NAG N . 6.38 28.10 8.96
C1 NAG N . 5.11 34.51 10.44
C2 NAG N . 5.53 35.90 10.94
C3 NAG N . 4.99 36.14 12.34
C4 NAG N . 3.50 35.87 12.41
C5 NAG N . 3.19 34.48 11.87
C6 NAG N . 1.72 34.17 11.82
C7 NAG N . 7.61 36.86 10.07
C8 NAG N . 9.11 36.89 10.19
N2 NAG N . 6.97 36.05 10.91
O3 NAG N . 5.25 37.50 12.72
O4 NAG N . 3.04 35.95 13.75
O5 NAG N . 3.70 34.37 10.53
O6 NAG N . 1.40 33.35 10.71
O7 NAG N . 7.02 37.53 9.24
C1 BMA N . 2.17 37.09 13.93
C2 BMA N . 1.20 36.70 15.08
C3 BMA N . 0.54 37.92 15.72
C4 BMA N . 1.54 39.06 15.92
C5 BMA N . 2.18 39.38 14.58
C6 BMA N . 3.12 40.57 14.65
O2 BMA N . 1.91 36.05 16.13
O3 BMA N . -0.04 37.57 16.98
O4 BMA N . 0.88 40.22 16.41
O5 BMA N . 2.94 38.24 14.20
O6 BMA N . 3.84 40.48 15.87
C1 MAN N . -1.37 38.11 17.10
C2 MAN N . -1.71 38.15 18.61
C3 MAN N . -1.96 36.73 19.11
C4 MAN N . -3.02 36.05 18.26
C5 MAN N . -2.55 36.00 16.81
C6 MAN N . -3.59 35.38 15.89
O2 MAN N . -2.92 38.85 18.84
O3 MAN N . -2.34 36.72 20.48
O4 MAN N . -3.25 34.73 18.73
O5 MAN N . -2.31 37.34 16.35
O6 MAN N . -2.93 34.99 14.69
C1 MAN N . 4.84 41.52 15.89
C2 MAN N . 6.15 40.91 15.32
C3 MAN N . 6.78 39.94 16.31
C4 MAN N . 6.87 40.56 17.70
C5 MAN N . 5.49 41.02 18.16
C6 MAN N . 5.50 41.65 19.52
O2 MAN N . 7.13 41.92 15.09
O3 MAN N . 8.07 39.50 15.89
O4 MAN N . 7.37 39.60 18.64
O5 MAN N . 5.02 42.00 17.21
O6 MAN N . 6.29 40.83 20.37
C1 NAG O . 20.60 -23.78 9.13
C2 NAG O . 19.86 -23.63 10.44
C3 NAG O . 20.76 -24.01 11.61
C4 NAG O . 21.39 -25.38 11.38
C5 NAG O . 22.02 -25.46 9.99
C6 NAG O . 22.50 -26.85 9.64
C7 NAG O . 18.05 -21.98 10.54
C8 NAG O . 17.69 -20.54 10.73
N2 NAG O . 19.34 -22.28 10.60
O3 NAG O . 19.99 -23.97 12.79
O4 NAG O . 22.43 -25.62 12.33
O5 NAG O . 21.06 -25.09 8.98
O6 NAG O . 22.57 -27.02 8.23
O7 NAG O . 17.19 -22.84 10.34
C1 NAG O . 21.94 -26.02 13.62
C2 NAG O . 22.69 -27.26 14.10
C3 NAG O . 22.24 -27.62 15.52
C4 NAG O . 22.37 -26.42 16.44
C5 NAG O . 21.64 -25.22 15.85
C6 NAG O . 21.84 -23.96 16.66
C7 NAG O . 23.41 -28.84 12.36
C8 NAG O . 23.01 -30.00 11.50
N2 NAG O . 22.47 -28.39 13.19
O3 NAG O . 23.04 -28.69 16.00
O4 NAG O . 21.79 -26.73 17.70
O5 NAG O . 22.13 -24.95 14.53
O6 NAG O . 21.70 -22.80 15.85
O7 NAG O . 24.52 -28.33 12.30
C1 BMA O . 22.81 -26.77 18.70
C2 BMA O . 22.11 -26.44 20.06
C3 BMA O . 22.92 -26.90 21.27
C4 BMA O . 23.54 -28.29 21.04
C5 BMA O . 24.37 -28.23 19.76
C6 BMA O . 25.13 -29.51 19.49
O2 BMA O . 20.86 -27.09 20.14
O3 BMA O . 22.12 -26.93 22.43
O4 BMA O . 24.37 -28.66 22.12
O5 BMA O . 23.46 -28.03 18.69
O6 BMA O . 24.20 -30.56 19.28
C1 MAN O . 22.81 -26.23 23.50
C2 MAN O . 22.14 -26.66 24.84
C3 MAN O . 20.76 -26.02 24.99
C4 MAN O . 20.86 -24.51 24.78
C5 MAN O . 21.43 -24.23 23.39
C6 MAN O . 21.60 -22.74 23.12
O2 MAN O . 22.89 -26.20 25.96
O3 MAN O . 20.18 -26.30 26.26
O4 MAN O . 19.57 -23.93 24.88
O5 MAN O . 22.74 -24.82 23.29
O6 MAN O . 22.04 -22.59 21.77
C1 MAN O . 24.86 -31.80 19.59
C2 MAN O . 24.75 -32.71 18.34
C3 MAN O . 23.33 -33.23 18.17
C4 MAN O . 22.80 -33.84 19.48
C5 MAN O . 22.90 -32.78 20.59
C6 MAN O . 22.41 -33.28 21.93
O2 MAN O . 25.57 -33.88 18.47
O3 MAN O . 23.23 -34.18 17.12
O4 MAN O . 21.45 -34.24 19.33
O5 MAN O . 24.28 -32.41 20.73
O6 MAN O . 21.03 -33.60 21.80
#